data_3BNL
# 
_entry.id   3BNL 
# 
_audit_conform.dict_name       mmcif_pdbx.dic 
_audit_conform.dict_version    5.387 
_audit_conform.dict_location   http://mmcif.pdb.org/dictionaries/ascii/mmcif_pdbx.dic 
# 
loop_
_database_2.database_id 
_database_2.database_code 
_database_2.pdbx_database_accession 
_database_2.pdbx_DOI 
PDB   3BNL         pdb_00003bnl 10.2210/pdb3bnl/pdb 
NDB   AR0085       ?            ?                   
RCSB  RCSB045737   ?            ?                   
WWPDB D_1000045737 ?            ?                   
# 
loop_
_pdbx_audit_revision_history.ordinal 
_pdbx_audit_revision_history.data_content_type 
_pdbx_audit_revision_history.major_revision 
_pdbx_audit_revision_history.minor_revision 
_pdbx_audit_revision_history.revision_date 
1 'Structure model' 1 0 2008-06-24 
2 'Structure model' 1 1 2011-07-13 
3 'Structure model' 1 2 2024-02-21 
# 
_pdbx_audit_revision_details.ordinal             1 
_pdbx_audit_revision_details.revision_ordinal    1 
_pdbx_audit_revision_details.data_content_type   'Structure model' 
_pdbx_audit_revision_details.provider            repository 
_pdbx_audit_revision_details.type                'Initial release' 
_pdbx_audit_revision_details.description         ? 
_pdbx_audit_revision_details.details             ? 
# 
loop_
_pdbx_audit_revision_group.ordinal 
_pdbx_audit_revision_group.revision_ordinal 
_pdbx_audit_revision_group.data_content_type 
_pdbx_audit_revision_group.group 
1 2 'Structure model' 'Version format compliance' 
2 3 'Structure model' 'Data collection'           
3 3 'Structure model' 'Database references'       
4 3 'Structure model' 'Derived calculations'      
# 
loop_
_pdbx_audit_revision_category.ordinal 
_pdbx_audit_revision_category.revision_ordinal 
_pdbx_audit_revision_category.data_content_type 
_pdbx_audit_revision_category.category 
1 3 'Structure model' chem_comp_atom 
2 3 'Structure model' chem_comp_bond 
3 3 'Structure model' database_2     
4 3 'Structure model' struct_site    
# 
loop_
_pdbx_audit_revision_item.ordinal 
_pdbx_audit_revision_item.revision_ordinal 
_pdbx_audit_revision_item.data_content_type 
_pdbx_audit_revision_item.item 
1 3 'Structure model' '_database_2.pdbx_DOI'                
2 3 'Structure model' '_database_2.pdbx_database_accession' 
3 3 'Structure model' '_struct_site.pdbx_auth_asym_id'      
4 3 'Structure model' '_struct_site.pdbx_auth_comp_id'      
5 3 'Structure model' '_struct_site.pdbx_auth_seq_id'       
# 
_pdbx_database_status.entry_id                        3BNL 
_pdbx_database_status.status_code                     REL 
_pdbx_database_status.status_code_sf                  REL 
_pdbx_database_status.deposit_site                    RCSB 
_pdbx_database_status.process_site                    RCSB 
_pdbx_database_status.recvd_initial_deposition_date   2007-12-14 
_pdbx_database_status.SG_entry                        N 
_pdbx_database_status.status_code_mr                  ? 
_pdbx_database_status.pdb_format_compatible           Y 
_pdbx_database_status.status_code_cs                  ? 
_pdbx_database_status.status_code_nmr_data            ? 
_pdbx_database_status.methods_development_category    ? 
# 
loop_
_pdbx_database_related.db_name 
_pdbx_database_related.db_id 
_pdbx_database_related.details 
_pdbx_database_related.content_type 
PDB 3BNN . unspecified 
PDB 3BNO . unspecified 
PDB 3BNP . unspecified 
PDB 3BNQ . unspecified 
PDB 3BNR . unspecified 
PDB 3BNS . unspecified 
PDB 3BNT . unspecified 
# 
loop_
_audit_author.name 
_audit_author.pdbx_ordinal 
'Kondo, J.'   1 
'Westhof, E.' 2 
# 
_citation.id                        primary 
_citation.title                     
'The bacterial and mitochondrial ribosomal A-site molecular switches possess different conformational substates' 
_citation.journal_abbrev            'Nucleic Acids Res.' 
_citation.journal_volume            36 
_citation.page_first                2654 
_citation.page_last                 2666 
_citation.year                      2008 
_citation.journal_id_ASTM           NARHAD 
_citation.country                   UK 
_citation.journal_id_ISSN           0305-1048 
_citation.journal_id_CSD            0389 
_citation.book_publisher            ? 
_citation.pdbx_database_id_PubMed   18346970 
_citation.pdbx_database_id_DOI      10.1093/nar/gkn112 
# 
loop_
_citation_author.citation_id 
_citation_author.name 
_citation_author.ordinal 
_citation_author.identifier_ORCID 
primary 'Kondo, J.'   1 ? 
primary 'Westhof, E.' 2 ? 
# 
loop_
_entity.id 
_entity.type 
_entity.src_method 
_entity.pdbx_description 
_entity.formula_weight 
_entity.pdbx_number_of_molecules 
_entity.pdbx_ec 
_entity.pdbx_mutation 
_entity.pdbx_fragment 
_entity.details 
1 polymer     syn 'A site of bacterial ribosome' 7049.243 2  ? ? ? ? 
2 non-polymer syn 'COBALT HEXAMMINE(III)'        161.116  8  ? ? ? ? 
3 water       nat water                          18.015   38 ? ? ? ? 
# 
_entity_poly.entity_id                      1 
_entity_poly.type                           polyribonucleotide 
_entity_poly.nstd_linkage                   no 
_entity_poly.nstd_monomer                   no 
_entity_poly.pdbx_seq_one_letter_code       UGCGUCACACCGGUGAAGUCGC 
_entity_poly.pdbx_seq_one_letter_code_can   UGCGUCACACCGGUGAAGUCGC 
_entity_poly.pdbx_strand_id                 A,B 
_entity_poly.pdbx_target_identifier         ? 
# 
loop_
_pdbx_entity_nonpoly.entity_id 
_pdbx_entity_nonpoly.name 
_pdbx_entity_nonpoly.comp_id 
2 'COBALT HEXAMMINE(III)' NCO 
3 water                   HOH 
# 
loop_
_entity_poly_seq.entity_id 
_entity_poly_seq.num 
_entity_poly_seq.mon_id 
_entity_poly_seq.hetero 
1 1  U n 
1 2  G n 
1 3  C n 
1 4  G n 
1 5  U n 
1 6  C n 
1 7  A n 
1 8  C n 
1 9  A n 
1 10 C n 
1 11 C n 
1 12 G n 
1 13 G n 
1 14 U n 
1 15 G n 
1 16 A n 
1 17 A n 
1 18 G n 
1 19 U n 
1 20 C n 
1 21 G n 
1 22 C n 
# 
loop_
_chem_comp.id 
_chem_comp.type 
_chem_comp.mon_nstd_flag 
_chem_comp.name 
_chem_comp.pdbx_synonyms 
_chem_comp.formula 
_chem_comp.formula_weight 
A   'RNA linking' y "ADENOSINE-5'-MONOPHOSPHATE" ? 'C10 H14 N5 O7 P' 347.221 
C   'RNA linking' y "CYTIDINE-5'-MONOPHOSPHATE"  ? 'C9 H14 N3 O8 P'  323.197 
G   'RNA linking' y "GUANOSINE-5'-MONOPHOSPHATE" ? 'C10 H14 N5 O8 P' 363.221 
HOH non-polymer   . WATER                        ? 'H2 O'            18.015  
NCO non-polymer   . 'COBALT HEXAMMINE(III)'      ? 'Co H18 N6 3'     161.116 
U   'RNA linking' y "URIDINE-5'-MONOPHOSPHATE"   ? 'C9 H13 N2 O9 P'  324.181 
# 
loop_
_pdbx_poly_seq_scheme.asym_id 
_pdbx_poly_seq_scheme.entity_id 
_pdbx_poly_seq_scheme.seq_id 
_pdbx_poly_seq_scheme.mon_id 
_pdbx_poly_seq_scheme.ndb_seq_num 
_pdbx_poly_seq_scheme.pdb_seq_num 
_pdbx_poly_seq_scheme.auth_seq_num 
_pdbx_poly_seq_scheme.pdb_mon_id 
_pdbx_poly_seq_scheme.auth_mon_id 
_pdbx_poly_seq_scheme.pdb_strand_id 
_pdbx_poly_seq_scheme.pdb_ins_code 
_pdbx_poly_seq_scheme.hetero 
A 1 1  U 1  1  1  U U A . n 
A 1 2  G 2  2  2  G G A . n 
A 1 3  C 3  3  3  C C A . n 
A 1 4  G 4  4  4  G G A . n 
A 1 5  U 5  5  5  U U A . n 
A 1 6  C 6  6  6  C C A . n 
A 1 7  A 7  7  7  A A A . n 
A 1 8  C 8  8  8  C C A . n 
A 1 9  A 9  9  9  A A A . n 
A 1 10 C 10 10 10 C C A . n 
A 1 11 C 11 11 11 C C A . n 
A 1 12 G 12 12 12 G G A . n 
A 1 13 G 13 13 13 G G A . n 
A 1 14 U 14 14 14 U U A . n 
A 1 15 G 15 15 15 G G A . n 
A 1 16 A 16 16 16 A A A . n 
A 1 17 A 17 17 17 A A A . n 
A 1 18 G 18 18 18 G G A . n 
A 1 19 U 19 19 19 U U A . n 
A 1 20 C 20 20 20 C C A . n 
A 1 21 G 21 21 21 G G A . n 
A 1 22 C 22 22 22 C C A . n 
B 1 1  U 1  1  1  U U B . n 
B 1 2  G 2  2  2  G G B . n 
B 1 3  C 3  3  3  C C B . n 
B 1 4  G 4  4  4  G G B . n 
B 1 5  U 5  5  5  U U B . n 
B 1 6  C 6  6  6  C C B . n 
B 1 7  A 7  7  7  A A B . n 
B 1 8  C 8  8  8  C C B . n 
B 1 9  A 9  9  9  A A B . n 
B 1 10 C 10 10 10 C C B . n 
B 1 11 C 11 11 11 C C B . n 
B 1 12 G 12 12 12 G G B . n 
B 1 13 G 13 13 13 G G B . n 
B 1 14 U 14 14 14 U U B . n 
B 1 15 G 15 15 15 G G B . n 
B 1 16 A 16 16 16 A A B . n 
B 1 17 A 17 17 17 A A B . n 
B 1 18 G 18 18 18 G G B . n 
B 1 19 U 19 19 19 U U B . n 
B 1 20 C 20 20 20 C C B . n 
B 1 21 G 21 21 21 G G B . n 
B 1 22 C 22 22 22 C C B . n 
# 
loop_
_pdbx_nonpoly_scheme.asym_id 
_pdbx_nonpoly_scheme.entity_id 
_pdbx_nonpoly_scheme.mon_id 
_pdbx_nonpoly_scheme.ndb_seq_num 
_pdbx_nonpoly_scheme.pdb_seq_num 
_pdbx_nonpoly_scheme.auth_seq_num 
_pdbx_nonpoly_scheme.pdb_mon_id 
_pdbx_nonpoly_scheme.auth_mon_id 
_pdbx_nonpoly_scheme.pdb_strand_id 
_pdbx_nonpoly_scheme.pdb_ins_code 
C 2 NCO 1  23 1  NCO NCO A . 
D 2 NCO 1  24 1  NCO NCO A . 
E 2 NCO 1  25 1  NCO NCO A . 
F 2 NCO 1  23 1  NCO NCO B . 
G 2 NCO 1  24 1  NCO NCO B . 
H 2 NCO 1  25 1  NCO NCO B . 
I 2 NCO 1  26 1  NCO NCO B . 
J 2 NCO 1  27 1  NCO NCO B . 
K 3 HOH 1  26 1  HOH HOH A . 
K 3 HOH 2  27 2  HOH HOH A . 
K 3 HOH 3  28 3  HOH HOH A . 
K 3 HOH 4  29 4  HOH HOH A . 
K 3 HOH 5  30 5  HOH HOH A . 
K 3 HOH 6  31 6  HOH HOH A . 
K 3 HOH 7  32 7  HOH HOH A . 
K 3 HOH 8  33 8  HOH HOH A . 
K 3 HOH 9  34 9  HOH HOH A . 
K 3 HOH 10 35 10 HOH HOH A . 
K 3 HOH 11 36 11 HOH HOH A . 
K 3 HOH 12 37 12 HOH HOH A . 
K 3 HOH 13 38 13 HOH HOH A . 
K 3 HOH 14 39 14 HOH HOH A . 
K 3 HOH 15 40 15 HOH HOH A . 
K 3 HOH 16 41 16 HOH HOH A . 
K 3 HOH 17 42 17 HOH HOH A . 
K 3 HOH 18 43 18 HOH HOH A . 
K 3 HOH 19 44 19 HOH HOH A . 
K 3 HOH 20 45 20 HOH HOH A . 
K 3 HOH 21 46 21 HOH HOH A . 
L 3 HOH 1  28 1  HOH HOH B . 
L 3 HOH 2  29 2  HOH HOH B . 
L 3 HOH 3  30 3  HOH HOH B . 
L 3 HOH 4  31 4  HOH HOH B . 
L 3 HOH 5  32 5  HOH HOH B . 
L 3 HOH 6  33 6  HOH HOH B . 
L 3 HOH 7  34 7  HOH HOH B . 
L 3 HOH 8  35 8  HOH HOH B . 
L 3 HOH 9  36 9  HOH HOH B . 
L 3 HOH 10 37 10 HOH HOH B . 
L 3 HOH 11 38 11 HOH HOH B . 
L 3 HOH 12 39 12 HOH HOH B . 
L 3 HOH 13 40 13 HOH HOH B . 
L 3 HOH 14 41 14 HOH HOH B . 
L 3 HOH 15 42 15 HOH HOH B . 
L 3 HOH 16 43 16 HOH HOH B . 
L 3 HOH 17 44 17 HOH HOH B . 
# 
loop_
_software.name 
_software.version 
_software.date 
_software.type 
_software.contact_author 
_software.contact_author_email 
_software.classification 
_software.location 
_software.language 
_software.citation_id 
_software.pdbx_ordinal 
MOSFLM      .     ?                    package 'A.G.W. Leslie'   andrew@mrc-lmb.cam.ac.uk 'data reduction'  
http://www.mrc-lmb.cam.ac.uk/harry/mosflm/ ?          ? 1 
SCALA       .     ?                    other   'Phil Evans'      pre@mrc-lmb.cam.ac.uk    'data scaling'    
http://www.ccp4.ac.uk/dist/html/INDEX.html Fortran_77 ? 2 
AMoRE       .     ?                    program 'Jorge Navaza'    ccp4@dl.ac.uk            phasing           
http://www.ccp4.ac.uk/main.html            Fortran_77 ? 3 
CNS         .     ?                    package 'Axel T. Brunger' axel.brunger@yale.edu    refinement        
http://cns.csb.yale.edu/v1.1/              Fortran_77 ? 4 
PDB_EXTRACT 3.004 'September 10, 2007' package PDB               sw-help@rcsb.rutgers.edu 'data extraction' 
http://pdb.rutgers.edu/software/           C++        ? 5 
# 
_cell.length_a           73.599 
_cell.length_b           73.599 
_cell.length_c           63.496 
_cell.angle_alpha        90.000 
_cell.angle_beta         90.000 
_cell.angle_gamma        90.000 
_cell.entry_id           3BNL 
_cell.Z_PDB              16 
_cell.pdbx_unique_axis   ? 
_cell.length_a_esd       ? 
_cell.length_b_esd       ? 
_cell.length_c_esd       ? 
_cell.angle_alpha_esd    ? 
_cell.angle_beta_esd     ? 
_cell.angle_gamma_esd    ? 
# 
_symmetry.space_group_name_H-M             'I 4' 
_symmetry.entry_id                         3BNL 
_symmetry.pdbx_full_space_group_name_H-M   ? 
_symmetry.Int_Tables_number                79 
_symmetry.cell_setting                     ? 
_symmetry.space_group_name_Hall            ? 
# 
_exptl.crystals_number   1 
_exptl.entry_id          3BNL 
_exptl.method            'X-RAY DIFFRACTION' 
# 
_exptl_crystal.id                    1 
_exptl_crystal.density_meas          ? 
_exptl_crystal.density_Matthews      3.05 
_exptl_crystal.density_percent_sol   59.67 
_exptl_crystal.description           ? 
_exptl_crystal.F_000                 ? 
_exptl_crystal.preparation           ? 
# 
_exptl_crystal_grow.crystal_id      1 
_exptl_crystal_grow.method          'VAPOR DIFFUSION, HANGING DROP' 
_exptl_crystal_grow.pH              7.0 
_exptl_crystal_grow.temp            293 
_exptl_crystal_grow.pdbx_details    
;Sodium cacodylate, KCl, 2-methyl-2,4-pentanediol, spermine tetrachloride, hexammine cobalt chloride, pH 7.0, VAPOR DIFFUSION, HANGING DROP, temperature 293K
;
_exptl_crystal_grow.temp_details    ? 
_exptl_crystal_grow.pdbx_pH_range   . 
# 
loop_
_exptl_crystal_grow_comp.crystal_id 
_exptl_crystal_grow_comp.id 
_exptl_crystal_grow_comp.sol_id 
_exptl_crystal_grow_comp.name 
_exptl_crystal_grow_comp.conc 
_exptl_crystal_grow_comp.volume 
_exptl_crystal_grow_comp.details 
1 1 1 MPD                 ? ? ? 
1 2 1 KCl                 ? ? ? 
1 3 1 'Sodium cacodylate' ? ? ? 
1 4 1 '[Co(NH3)6]Cl3'     ? ? ? 
1 5 2 MPD                 ? ? ? 
1 6 2 KCl                 ? ? ? 
# 
_diffrn.id                     1 
_diffrn.ambient_temp           100 
_diffrn.ambient_temp_details   ? 
_diffrn.crystal_id             1 
# 
_diffrn_detector.diffrn_id              1 
_diffrn_detector.detector               CCD 
_diffrn_detector.type                   'ADSC QUANTUM 315' 
_diffrn_detector.pdbx_collection_date   2007-02-25 
_diffrn_detector.details                ? 
# 
_diffrn_radiation.diffrn_id                        1 
_diffrn_radiation.pdbx_diffrn_protocol             'SINGLE WAVELENGTH' 
_diffrn_radiation.monochromator                    ? 
_diffrn_radiation.wavelength_id                    1 
_diffrn_radiation.pdbx_monochromatic_or_laue_m_l   M 
_diffrn_radiation.pdbx_scattering_type             x-ray 
# 
_diffrn_radiation_wavelength.id           1 
_diffrn_radiation_wavelength.wavelength   0.91636 
_diffrn_radiation_wavelength.wt           1.0 
# 
_diffrn_source.diffrn_id                   1 
_diffrn_source.source                      SYNCHROTRON 
_diffrn_source.type                        'ESRF BEAMLINE BM30A' 
_diffrn_source.pdbx_wavelength_list        0.91636 
_diffrn_source.pdbx_wavelength             ? 
_diffrn_source.pdbx_synchrotron_site       ESRF 
_diffrn_source.pdbx_synchrotron_beamline   BM30A 
# 
_reflns.entry_id                     3BNL 
_reflns.d_resolution_high            2.602 
_reflns.d_resolution_low             36.800 
_reflns.number_obs                   5295 
_reflns.pdbx_Rmerge_I_obs            0.051 
_reflns.pdbx_netI_over_sigmaI        9.400 
_reflns.pdbx_Rsym_value              0.051 
_reflns.pdbx_redundancy              7.100 
_reflns.percent_possible_obs         99.900 
_reflns.observed_criterion_sigma_F   ? 
_reflns.observed_criterion_sigma_I   ? 
_reflns.number_all                   ? 
_reflns.B_iso_Wilson_estimate        ? 
_reflns.R_free_details               ? 
_reflns.pdbx_chi_squared             ? 
_reflns.pdbx_scaling_rejects         ? 
_reflns.pdbx_diffrn_id               1 
_reflns.pdbx_ordinal                 1 
# 
loop_
_reflns_shell.d_res_high 
_reflns_shell.d_res_low 
_reflns_shell.number_measured_obs 
_reflns_shell.number_measured_all 
_reflns_shell.number_unique_obs 
_reflns_shell.Rmerge_I_obs 
_reflns_shell.meanI_over_sigI_obs 
_reflns_shell.pdbx_Rsym_value 
_reflns_shell.pdbx_chi_squared 
_reflns_shell.pdbx_redundancy 
_reflns_shell.percent_possible_obs 
_reflns_shell.number_unique_all 
_reflns_shell.percent_possible_all 
_reflns_shell.pdbx_diffrn_id 
_reflns_shell.pdbx_ordinal 
2.602 2.74  ? 5724 ? 0.286 2.6  0.286 ? 7.30 ? 780 100.00 ? 1  
2.74  2.91  ? 5283 ? 0.144 5.1  0.144 ? 7.30 ? 722 100.00 ? 2  
2.91  3.11  ? 4927 ? 0.073 9.4  0.073 ? 7.30 ? 675 100.00 ? 3  
3.11  3.36  ? 4711 ? 0.049 12.5 0.049 ? 7.30 ? 649 100.00 ? 4  
3.36  3.68  ? 4149 ? 0.043 14.5 0.043 ? 7.20 ? 573 100.00 ? 5  
3.68  4.11  ? 3787 ? 0.044 13.5 0.044 ? 7.10 ? 531 100.00 ? 6  
4.11  4.75  ? 3304 ? 0.054 11.1 0.054 ? 7.00 ? 471 100.00 ? 7  
4.75  5.81  ? 2684 ? 0.044 13.3 0.044 ? 6.70 ? 401 100.00 ? 8  
5.81  8.22  ? 2062 ? 0.033 13.2 0.033 ? 6.60 ? 313 100.00 ? 9  
8.22  36.80 ? 1116 ? 0.048 9.8  0.048 ? 6.20 ? 180 98.40  ? 10 
# 
_refine.entry_id                                 3BNL 
_refine.ls_d_res_high                            2.602 
_refine.ls_d_res_low                             36.000 
_refine.pdbx_ls_sigma_F                          0.00 
_refine.ls_percent_reflns_obs                    99.700 
_refine.ls_number_reflns_obs                     5278 
_refine.ls_R_factor_R_work                       0.220 
_refine.ls_R_factor_R_free                       0.251 
_refine.ls_percent_reflns_R_free                 10.500 
_refine.ls_number_reflns_R_free                  556 
_refine.B_iso_mean                               44.093 
_refine.solvent_model_param_bsol                 181.362 
_refine.aniso_B[1][1]                            -1.711 
_refine.aniso_B[2][2]                            -1.711 
_refine.aniso_B[3][3]                            3.423 
_refine.aniso_B[1][2]                            0.000 
_refine.aniso_B[1][3]                            0.000 
_refine.aniso_B[2][3]                            0.000 
_refine.pdbx_method_to_determine_struct          'MOLECULAR REPLACEMENT' 
_refine.overall_FOM_work_R_set                   0.811 
_refine.pdbx_ls_sigma_I                          ? 
_refine.ls_number_reflns_all                     ? 
_refine.ls_R_factor_all                          ? 
_refine.ls_R_factor_obs                          ? 
_refine.ls_redundancy_reflns_obs                 ? 
_refine.pdbx_data_cutoff_high_absF               ? 
_refine.pdbx_data_cutoff_low_absF                ? 
_refine.ls_number_parameters                     ? 
_refine.ls_number_restraints                     ? 
_refine.ls_R_factor_R_free_error                 ? 
_refine.ls_R_factor_R_free_error_details         ? 
_refine.pdbx_starting_model                      ? 
_refine.pdbx_ls_cross_valid_method               ? 
_refine.pdbx_R_Free_selection_details            ? 
_refine.pdbx_stereochem_target_val_spec_case     ? 
_refine.pdbx_stereochemistry_target_values       ? 
_refine.solvent_model_details                    ? 
_refine.solvent_model_param_ksol                 ? 
_refine.occupancy_max                            ? 
_refine.occupancy_min                            ? 
_refine.pdbx_isotropic_thermal_model             ? 
_refine.details                                  ? 
_refine.overall_SU_ML                            ? 
_refine.overall_SU_B                             ? 
_refine.pdbx_overall_ESU_R                       ? 
_refine.pdbx_overall_ESU_R_Free                  ? 
_refine.pdbx_data_cutoff_high_rms_absF           ? 
_refine.correlation_coeff_Fo_to_Fc               ? 
_refine.correlation_coeff_Fo_to_Fc_free          ? 
_refine.pdbx_solvent_vdw_probe_radii             ? 
_refine.pdbx_solvent_ion_probe_radii             ? 
_refine.pdbx_solvent_shrinkage_radii             ? 
_refine.overall_SU_R_Cruickshank_DPI             ? 
_refine.overall_SU_R_free                        ? 
_refine.ls_wR_factor_R_free                      ? 
_refine.ls_wR_factor_R_work                      ? 
_refine.overall_FOM_free_R_set                   ? 
_refine.pdbx_overall_phase_error                 ? 
_refine.pdbx_refine_id                           'X-RAY DIFFRACTION' 
_refine.pdbx_diffrn_id                           1 
_refine.pdbx_TLS_residual_ADP_flag               ? 
_refine.pdbx_overall_SU_R_free_Cruickshank_DPI   ? 
_refine.pdbx_overall_SU_R_Blow_DPI               ? 
_refine.pdbx_overall_SU_R_free_Blow_DPI          ? 
# 
_refine_hist.pdbx_refine_id                   'X-RAY DIFFRACTION' 
_refine_hist.cycle_id                         LAST 
_refine_hist.pdbx_number_atoms_protein        0 
_refine_hist.pdbx_number_atoms_nucleic_acid   940 
_refine_hist.pdbx_number_atoms_ligand         56 
_refine_hist.number_atoms_solvent             38 
_refine_hist.number_atoms_total               1034 
_refine_hist.d_res_high                       2.602 
_refine_hist.d_res_low                        36.000 
# 
loop_
_refine_ls_restr.type 
_refine_ls_restr.number 
_refine_ls_restr.dev_ideal 
_refine_ls_restr.dev_ideal_target 
_refine_ls_restr.weight 
_refine_ls_restr.pdbx_refine_id 
_refine_ls_restr.pdbx_restraint_function 
c_bond_d    ? 0.004 ? ? 'X-RAY DIFFRACTION' ? 
c_angle_deg ? 0.9   ? ? 'X-RAY DIFFRACTION' ? 
# 
loop_
_pdbx_xplor_file.serial_no 
_pdbx_xplor_file.param_file 
_pdbx_xplor_file.topol_file 
_pdbx_xplor_file.pdbx_refine_id 
1 CNS_TOPPAR:dna-rna_rep.param CNS_TOPPAR:dna-rna.top 'X-RAY DIFFRACTION' 
2 nco_xplor.param              nco_xplor.top          'X-RAY DIFFRACTION' 
3 CNS_TOPPAR:ion.param         CNS_TOPPAR:ion.top     'X-RAY DIFFRACTION' 
4 CNS_TOPPAR:water_rep.param   CNS_TOPPAR:water.top   'X-RAY DIFFRACTION' 
# 
_struct.entry_id                  3BNL 
_struct.title                     'Crystal structure of the bacterial ribosomal decoding A site in the presence of [Co(NH3)6]Cl3' 
_struct.pdbx_model_details        ? 
_struct.pdbx_CASP_flag            N 
_struct.pdbx_model_type_details   ? 
# 
_struct_keywords.entry_id        3BNL 
_struct_keywords.text            'ribosome, decoding site, RNA' 
_struct_keywords.pdbx_keywords   RNA 
# 
loop_
_struct_asym.id 
_struct_asym.pdbx_blank_PDB_chainid_flag 
_struct_asym.pdbx_modified 
_struct_asym.entity_id 
_struct_asym.details 
A N N 1 ? 
B N N 1 ? 
C N N 2 ? 
D N N 2 ? 
E N N 2 ? 
F N N 2 ? 
G N N 2 ? 
H N N 2 ? 
I N N 2 ? 
J N N 2 ? 
K N N 3 ? 
L N N 3 ? 
# 
_struct_ref.id                         1 
_struct_ref.db_name                    PDB 
_struct_ref.db_code                    3BNL 
_struct_ref.pdbx_db_accession          3BNL 
_struct_ref.entity_id                  1 
_struct_ref.pdbx_align_begin           ? 
_struct_ref.pdbx_seq_one_letter_code   ? 
_struct_ref.pdbx_db_isoform            ? 
# 
loop_
_struct_ref_seq.align_id 
_struct_ref_seq.ref_id 
_struct_ref_seq.pdbx_PDB_id_code 
_struct_ref_seq.pdbx_strand_id 
_struct_ref_seq.seq_align_beg 
_struct_ref_seq.pdbx_seq_align_beg_ins_code 
_struct_ref_seq.seq_align_end 
_struct_ref_seq.pdbx_seq_align_end_ins_code 
_struct_ref_seq.pdbx_db_accession 
_struct_ref_seq.db_align_beg 
_struct_ref_seq.pdbx_db_align_beg_ins_code 
_struct_ref_seq.db_align_end 
_struct_ref_seq.pdbx_db_align_end_ins_code 
_struct_ref_seq.pdbx_auth_seq_align_beg 
_struct_ref_seq.pdbx_auth_seq_align_end 
1 1 3BNL A 1 ? 22 ? 3BNL 1 ? 22 ? 1 22 
2 1 3BNL B 1 ? 22 ? 3BNL 1 ? 22 ? 1 22 
# 
_pdbx_struct_assembly.id                   1 
_pdbx_struct_assembly.details              author_and_software_defined_assembly 
_pdbx_struct_assembly.method_details       PISA 
_pdbx_struct_assembly.oligomeric_details   dimeric 
_pdbx_struct_assembly.oligomeric_count     2 
# 
_pdbx_struct_assembly_gen.assembly_id       1 
_pdbx_struct_assembly_gen.oper_expression   1 
_pdbx_struct_assembly_gen.asym_id_list      A,B,C,D,E,F,G,H,I,J,K,L 
# 
_pdbx_struct_oper_list.id                   1 
_pdbx_struct_oper_list.type                 'identity operation' 
_pdbx_struct_oper_list.name                 1_555 
_pdbx_struct_oper_list.symmetry_operation   x,y,z 
_pdbx_struct_oper_list.matrix[1][1]         1.0000000000 
_pdbx_struct_oper_list.matrix[1][2]         0.0000000000 
_pdbx_struct_oper_list.matrix[1][3]         0.0000000000 
_pdbx_struct_oper_list.vector[1]            0.0000000000 
_pdbx_struct_oper_list.matrix[2][1]         0.0000000000 
_pdbx_struct_oper_list.matrix[2][2]         1.0000000000 
_pdbx_struct_oper_list.matrix[2][3]         0.0000000000 
_pdbx_struct_oper_list.vector[2]            0.0000000000 
_pdbx_struct_oper_list.matrix[3][1]         0.0000000000 
_pdbx_struct_oper_list.matrix[3][2]         0.0000000000 
_pdbx_struct_oper_list.matrix[3][3]         1.0000000000 
_pdbx_struct_oper_list.vector[3]            0.0000000000 
# 
_struct_biol.id        1 
_struct_biol.details   ? 
# 
loop_
_struct_conn.id 
_struct_conn.conn_type_id 
_struct_conn.pdbx_leaving_atom_flag 
_struct_conn.pdbx_PDB_id 
_struct_conn.ptnr1_label_asym_id 
_struct_conn.ptnr1_label_comp_id 
_struct_conn.ptnr1_label_seq_id 
_struct_conn.ptnr1_label_atom_id 
_struct_conn.pdbx_ptnr1_label_alt_id 
_struct_conn.pdbx_ptnr1_PDB_ins_code 
_struct_conn.pdbx_ptnr1_standard_comp_id 
_struct_conn.ptnr1_symmetry 
_struct_conn.ptnr2_label_asym_id 
_struct_conn.ptnr2_label_comp_id 
_struct_conn.ptnr2_label_seq_id 
_struct_conn.ptnr2_label_atom_id 
_struct_conn.pdbx_ptnr2_label_alt_id 
_struct_conn.pdbx_ptnr2_PDB_ins_code 
_struct_conn.ptnr1_auth_asym_id 
_struct_conn.ptnr1_auth_comp_id 
_struct_conn.ptnr1_auth_seq_id 
_struct_conn.ptnr2_auth_asym_id 
_struct_conn.ptnr2_auth_comp_id 
_struct_conn.ptnr2_auth_seq_id 
_struct_conn.ptnr2_symmetry 
_struct_conn.pdbx_ptnr3_label_atom_id 
_struct_conn.pdbx_ptnr3_label_seq_id 
_struct_conn.pdbx_ptnr3_label_comp_id 
_struct_conn.pdbx_ptnr3_label_asym_id 
_struct_conn.pdbx_ptnr3_label_alt_id 
_struct_conn.pdbx_ptnr3_PDB_ins_code 
_struct_conn.details 
_struct_conn.pdbx_dist_value 
_struct_conn.pdbx_value_order 
_struct_conn.pdbx_role 
hydrog1  hydrog ? ? A G 2  N1 ? ? ? 1_555 B C 22 N3 ? ? A G 2  B C 22 1_555 ? ? ? ? ? ? WATSON-CRICK  ? ? ? 
hydrog2  hydrog ? ? A G 2  N2 ? ? ? 1_555 B C 22 O2 ? ? A G 2  B C 22 1_555 ? ? ? ? ? ? WATSON-CRICK  ? ? ? 
hydrog3  hydrog ? ? A G 2  O6 ? ? ? 1_555 B C 22 N4 ? ? A G 2  B C 22 1_555 ? ? ? ? ? ? WATSON-CRICK  ? ? ? 
hydrog4  hydrog ? ? A C 3  N3 ? ? ? 1_555 B G 21 N1 ? ? A C 3  B G 21 1_555 ? ? ? ? ? ? WATSON-CRICK  ? ? ? 
hydrog5  hydrog ? ? A C 3  N4 ? ? ? 1_555 B G 21 O6 ? ? A C 3  B G 21 1_555 ? ? ? ? ? ? WATSON-CRICK  ? ? ? 
hydrog6  hydrog ? ? A C 3  O2 ? ? ? 1_555 B G 21 N2 ? ? A C 3  B G 21 1_555 ? ? ? ? ? ? WATSON-CRICK  ? ? ? 
hydrog7  hydrog ? ? A G 4  N1 ? ? ? 1_555 B C 20 N3 ? ? A G 4  B C 20 1_555 ? ? ? ? ? ? WATSON-CRICK  ? ? ? 
hydrog8  hydrog ? ? A G 4  N2 ? ? ? 1_555 B C 20 O2 ? ? A G 4  B C 20 1_555 ? ? ? ? ? ? WATSON-CRICK  ? ? ? 
hydrog9  hydrog ? ? A G 4  O6 ? ? ? 1_555 B C 20 N4 ? ? A G 4  B C 20 1_555 ? ? ? ? ? ? WATSON-CRICK  ? ? ? 
hydrog10 hydrog ? ? A U 5  N3 ? ? ? 1_555 B U 19 O4 ? ? A U 5  B U 19 1_555 ? ? ? ? ? ? TYPE_16_PAIR  ? ? ? 
hydrog11 hydrog ? ? A U 5  O2 ? ? ? 1_555 B U 19 N3 ? ? A U 5  B U 19 1_555 ? ? ? ? ? ? TYPE_16_PAIR  ? ? ? 
hydrog12 hydrog ? ? A C 6  N3 ? ? ? 1_555 B G 18 N1 ? ? A C 6  B G 18 1_555 ? ? ? ? ? ? WATSON-CRICK  ? ? ? 
hydrog13 hydrog ? ? A C 6  N4 ? ? ? 1_555 B G 18 O6 ? ? A C 6  B G 18 1_555 ? ? ? ? ? ? WATSON-CRICK  ? ? ? 
hydrog14 hydrog ? ? A C 6  O2 ? ? ? 1_555 B G 18 N2 ? ? A C 6  B G 18 1_555 ? ? ? ? ? ? WATSON-CRICK  ? ? ? 
hydrog15 hydrog ? ? A A 7  N1 ? ? ? 1_555 B A 17 N6 ? ? A A 7  B A 17 1_555 ? ? ? ? ? ? 'A-A MISPAIR' ? ? ? 
hydrog16 hydrog ? ? A C 8  N3 ? ? ? 1_555 B G 15 N1 ? ? A C 8  B G 15 1_555 ? ? ? ? ? ? WATSON-CRICK  ? ? ? 
hydrog17 hydrog ? ? A C 8  N4 ? ? ? 1_555 B G 15 O6 ? ? A C 8  B G 15 1_555 ? ? ? ? ? ? WATSON-CRICK  ? ? ? 
hydrog18 hydrog ? ? A C 8  O2 ? ? ? 1_555 B G 15 N2 ? ? A C 8  B G 15 1_555 ? ? ? ? ? ? WATSON-CRICK  ? ? ? 
hydrog19 hydrog ? ? A A 9  N1 ? ? ? 1_555 B U 14 N3 ? ? A A 9  B U 14 1_555 ? ? ? ? ? ? WATSON-CRICK  ? ? ? 
hydrog20 hydrog ? ? A A 9  N6 ? ? ? 1_555 B U 14 O4 ? ? A A 9  B U 14 1_555 ? ? ? ? ? ? WATSON-CRICK  ? ? ? 
hydrog21 hydrog ? ? A C 10 N3 ? ? ? 1_555 B G 13 N1 ? ? A C 10 B G 13 1_555 ? ? ? ? ? ? WATSON-CRICK  ? ? ? 
hydrog22 hydrog ? ? A C 10 N4 ? ? ? 1_555 B G 13 O6 ? ? A C 10 B G 13 1_555 ? ? ? ? ? ? WATSON-CRICK  ? ? ? 
hydrog23 hydrog ? ? A C 10 O2 ? ? ? 1_555 B G 13 N2 ? ? A C 10 B G 13 1_555 ? ? ? ? ? ? WATSON-CRICK  ? ? ? 
hydrog24 hydrog ? ? A C 11 N3 ? ? ? 1_555 B G 12 N1 ? ? A C 11 B G 12 1_555 ? ? ? ? ? ? WATSON-CRICK  ? ? ? 
hydrog25 hydrog ? ? A C 11 N4 ? ? ? 1_555 B G 12 O6 ? ? A C 11 B G 12 1_555 ? ? ? ? ? ? WATSON-CRICK  ? ? ? 
hydrog26 hydrog ? ? A C 11 O2 ? ? ? 1_555 B G 12 N2 ? ? A C 11 B G 12 1_555 ? ? ? ? ? ? WATSON-CRICK  ? ? ? 
hydrog27 hydrog ? ? A G 12 N1 ? ? ? 1_555 B C 11 N3 ? ? A G 12 B C 11 1_555 ? ? ? ? ? ? WATSON-CRICK  ? ? ? 
hydrog28 hydrog ? ? A G 12 N2 ? ? ? 1_555 B C 11 O2 ? ? A G 12 B C 11 1_555 ? ? ? ? ? ? WATSON-CRICK  ? ? ? 
hydrog29 hydrog ? ? A G 12 O6 ? ? ? 1_555 B C 11 N4 ? ? A G 12 B C 11 1_555 ? ? ? ? ? ? WATSON-CRICK  ? ? ? 
hydrog30 hydrog ? ? A G 13 N1 ? ? ? 1_555 B C 10 N3 ? ? A G 13 B C 10 1_555 ? ? ? ? ? ? WATSON-CRICK  ? ? ? 
hydrog31 hydrog ? ? A G 13 N2 ? ? ? 1_555 B C 10 O2 ? ? A G 13 B C 10 1_555 ? ? ? ? ? ? WATSON-CRICK  ? ? ? 
hydrog32 hydrog ? ? A G 13 O6 ? ? ? 1_555 B C 10 N4 ? ? A G 13 B C 10 1_555 ? ? ? ? ? ? WATSON-CRICK  ? ? ? 
hydrog33 hydrog ? ? A U 14 N3 ? ? ? 1_555 B A 9  N1 ? ? A U 14 B A 9  1_555 ? ? ? ? ? ? WATSON-CRICK  ? ? ? 
hydrog34 hydrog ? ? A U 14 O4 ? ? ? 1_555 B A 9  N6 ? ? A U 14 B A 9  1_555 ? ? ? ? ? ? WATSON-CRICK  ? ? ? 
hydrog35 hydrog ? ? A G 15 N1 ? ? ? 1_555 B C 8  N3 ? ? A G 15 B C 8  1_555 ? ? ? ? ? ? WATSON-CRICK  ? ? ? 
hydrog36 hydrog ? ? A G 15 N2 ? ? ? 1_555 B C 8  O2 ? ? A G 15 B C 8  1_555 ? ? ? ? ? ? WATSON-CRICK  ? ? ? 
hydrog37 hydrog ? ? A G 15 O6 ? ? ? 1_555 B C 8  N4 ? ? A G 15 B C 8  1_555 ? ? ? ? ? ? WATSON-CRICK  ? ? ? 
hydrog38 hydrog ? ? A A 17 N6 ? ? ? 1_555 B A 7  N1 ? ? A A 17 B A 7  1_555 ? ? ? ? ? ? 'A-A MISPAIR' ? ? ? 
hydrog39 hydrog ? ? A G 18 N1 ? ? ? 1_555 B C 6  N3 ? ? A G 18 B C 6  1_555 ? ? ? ? ? ? WATSON-CRICK  ? ? ? 
hydrog40 hydrog ? ? A G 18 N2 ? ? ? 1_555 B C 6  O2 ? ? A G 18 B C 6  1_555 ? ? ? ? ? ? WATSON-CRICK  ? ? ? 
hydrog41 hydrog ? ? A G 18 O6 ? ? ? 1_555 B C 6  N4 ? ? A G 18 B C 6  1_555 ? ? ? ? ? ? WATSON-CRICK  ? ? ? 
hydrog42 hydrog ? ? A U 19 N3 ? ? ? 1_555 B U 5  O2 ? ? A U 19 B U 5  1_555 ? ? ? ? ? ? TYPE_16_PAIR  ? ? ? 
hydrog43 hydrog ? ? A U 19 O4 ? ? ? 1_555 B U 5  N3 ? ? A U 19 B U 5  1_555 ? ? ? ? ? ? TYPE_16_PAIR  ? ? ? 
hydrog44 hydrog ? ? A C 20 N3 ? ? ? 1_555 B G 4  N1 ? ? A C 20 B G 4  1_555 ? ? ? ? ? ? WATSON-CRICK  ? ? ? 
hydrog45 hydrog ? ? A C 20 N4 ? ? ? 1_555 B G 4  O6 ? ? A C 20 B G 4  1_555 ? ? ? ? ? ? WATSON-CRICK  ? ? ? 
hydrog46 hydrog ? ? A C 20 O2 ? ? ? 1_555 B G 4  N2 ? ? A C 20 B G 4  1_555 ? ? ? ? ? ? WATSON-CRICK  ? ? ? 
hydrog47 hydrog ? ? A G 21 N1 ? ? ? 1_555 B C 3  N3 ? ? A G 21 B C 3  1_555 ? ? ? ? ? ? WATSON-CRICK  ? ? ? 
hydrog48 hydrog ? ? A G 21 N2 ? ? ? 1_555 B C 3  O2 ? ? A G 21 B C 3  1_555 ? ? ? ? ? ? WATSON-CRICK  ? ? ? 
hydrog49 hydrog ? ? A G 21 O6 ? ? ? 1_555 B C 3  N4 ? ? A G 21 B C 3  1_555 ? ? ? ? ? ? WATSON-CRICK  ? ? ? 
hydrog50 hydrog ? ? A C 22 N3 ? ? ? 1_555 B G 2  N1 ? ? A C 22 B G 2  1_555 ? ? ? ? ? ? WATSON-CRICK  ? ? ? 
hydrog51 hydrog ? ? A C 22 N4 ? ? ? 1_555 B G 2  O6 ? ? A C 22 B G 2  1_555 ? ? ? ? ? ? WATSON-CRICK  ? ? ? 
hydrog52 hydrog ? ? A C 22 O2 ? ? ? 1_555 B G 2  N2 ? ? A C 22 B G 2  1_555 ? ? ? ? ? ? WATSON-CRICK  ? ? ? 
# 
_struct_conn_type.id          hydrog 
_struct_conn_type.criteria    ? 
_struct_conn_type.reference   ? 
# 
loop_
_struct_site.id 
_struct_site.pdbx_evidence_code 
_struct_site.pdbx_auth_asym_id 
_struct_site.pdbx_auth_comp_id 
_struct_site.pdbx_auth_seq_id 
_struct_site.pdbx_auth_ins_code 
_struct_site.pdbx_num_residues 
_struct_site.details 
AC1 Software A NCO 23 ? 1 'BINDING SITE FOR RESIDUE NCO A 23' 
AC2 Software A NCO 24 ? 1 'BINDING SITE FOR RESIDUE NCO A 24' 
AC5 Software B NCO 24 ? 2 'BINDING SITE FOR RESIDUE NCO B 24' 
AC6 Software B NCO 25 ? 1 'BINDING SITE FOR RESIDUE NCO B 25' 
AC7 Software B NCO 26 ? 1 'BINDING SITE FOR RESIDUE NCO B 26' 
# 
loop_
_struct_site_gen.id 
_struct_site_gen.site_id 
_struct_site_gen.pdbx_num_res 
_struct_site_gen.label_comp_id 
_struct_site_gen.label_asym_id 
_struct_site_gen.label_seq_id 
_struct_site_gen.pdbx_auth_ins_code 
_struct_site_gen.auth_comp_id 
_struct_site_gen.auth_asym_id 
_struct_site_gen.auth_seq_id 
_struct_site_gen.label_atom_id 
_struct_site_gen.label_alt_id 
_struct_site_gen.symmetry 
_struct_site_gen.details 
1 AC1 1 HOH K . ? HOH A 29 . ? 1_555 ? 
2 AC2 1 HOH K . ? HOH A 30 . ? 1_555 ? 
3 AC5 2 HOH K . ? HOH A 43 . ? 1_555 ? 
4 AC5 2 HOH L . ? HOH B 44 . ? 1_555 ? 
5 AC6 1 HOH L . ? HOH B 43 . ? 1_555 ? 
6 AC7 1 HOH L . ? HOH B 42 . ? 1_555 ? 
# 
loop_
_pdbx_validate_rmsd_bond.id 
_pdbx_validate_rmsd_bond.PDB_model_num 
_pdbx_validate_rmsd_bond.auth_atom_id_1 
_pdbx_validate_rmsd_bond.auth_asym_id_1 
_pdbx_validate_rmsd_bond.auth_comp_id_1 
_pdbx_validate_rmsd_bond.auth_seq_id_1 
_pdbx_validate_rmsd_bond.PDB_ins_code_1 
_pdbx_validate_rmsd_bond.label_alt_id_1 
_pdbx_validate_rmsd_bond.auth_atom_id_2 
_pdbx_validate_rmsd_bond.auth_asym_id_2 
_pdbx_validate_rmsd_bond.auth_comp_id_2 
_pdbx_validate_rmsd_bond.auth_seq_id_2 
_pdbx_validate_rmsd_bond.PDB_ins_code_2 
_pdbx_validate_rmsd_bond.label_alt_id_2 
_pdbx_validate_rmsd_bond.bond_value 
_pdbx_validate_rmsd_bond.bond_target_value 
_pdbx_validate_rmsd_bond.bond_deviation 
_pdbx_validate_rmsd_bond.bond_standard_deviation 
_pdbx_validate_rmsd_bond.linker_flag 
1 1 P A U 1 ? ? OP3 A U 1 ? ? 1.521 1.607 -0.086 0.012 N 
2 1 P B U 1 ? ? OP3 B U 1 ? ? 1.524 1.607 -0.083 0.012 N 
# 
_pdbx_validate_planes.id              1 
_pdbx_validate_planes.PDB_model_num   1 
_pdbx_validate_planes.auth_comp_id    U 
_pdbx_validate_planes.auth_asym_id    B 
_pdbx_validate_planes.auth_seq_id     5 
_pdbx_validate_planes.PDB_ins_code    ? 
_pdbx_validate_planes.label_alt_id    ? 
_pdbx_validate_planes.rmsd            0.087 
_pdbx_validate_planes.type            'SIDE CHAIN' 
# 
_phasing.method   MR 
# 
loop_
_chem_comp_atom.comp_id 
_chem_comp_atom.atom_id 
_chem_comp_atom.type_symbol 
_chem_comp_atom.pdbx_aromatic_flag 
_chem_comp_atom.pdbx_stereo_config 
_chem_comp_atom.pdbx_ordinal 
A   OP3    O  N N 1   
A   P      P  N N 2   
A   OP1    O  N N 3   
A   OP2    O  N N 4   
A   "O5'"  O  N N 5   
A   "C5'"  C  N N 6   
A   "C4'"  C  N R 7   
A   "O4'"  O  N N 8   
A   "C3'"  C  N S 9   
A   "O3'"  O  N N 10  
A   "C2'"  C  N R 11  
A   "O2'"  O  N N 12  
A   "C1'"  C  N R 13  
A   N9     N  Y N 14  
A   C8     C  Y N 15  
A   N7     N  Y N 16  
A   C5     C  Y N 17  
A   C6     C  Y N 18  
A   N6     N  N N 19  
A   N1     N  Y N 20  
A   C2     C  Y N 21  
A   N3     N  Y N 22  
A   C4     C  Y N 23  
A   HOP3   H  N N 24  
A   HOP2   H  N N 25  
A   "H5'"  H  N N 26  
A   "H5''" H  N N 27  
A   "H4'"  H  N N 28  
A   "H3'"  H  N N 29  
A   "HO3'" H  N N 30  
A   "H2'"  H  N N 31  
A   "HO2'" H  N N 32  
A   "H1'"  H  N N 33  
A   H8     H  N N 34  
A   H61    H  N N 35  
A   H62    H  N N 36  
A   H2     H  N N 37  
C   OP3    O  N N 38  
C   P      P  N N 39  
C   OP1    O  N N 40  
C   OP2    O  N N 41  
C   "O5'"  O  N N 42  
C   "C5'"  C  N N 43  
C   "C4'"  C  N R 44  
C   "O4'"  O  N N 45  
C   "C3'"  C  N S 46  
C   "O3'"  O  N N 47  
C   "C2'"  C  N R 48  
C   "O2'"  O  N N 49  
C   "C1'"  C  N R 50  
C   N1     N  N N 51  
C   C2     C  N N 52  
C   O2     O  N N 53  
C   N3     N  N N 54  
C   C4     C  N N 55  
C   N4     N  N N 56  
C   C5     C  N N 57  
C   C6     C  N N 58  
C   HOP3   H  N N 59  
C   HOP2   H  N N 60  
C   "H5'"  H  N N 61  
C   "H5''" H  N N 62  
C   "H4'"  H  N N 63  
C   "H3'"  H  N N 64  
C   "HO3'" H  N N 65  
C   "H2'"  H  N N 66  
C   "HO2'" H  N N 67  
C   "H1'"  H  N N 68  
C   H41    H  N N 69  
C   H42    H  N N 70  
C   H5     H  N N 71  
C   H6     H  N N 72  
G   OP3    O  N N 73  
G   P      P  N N 74  
G   OP1    O  N N 75  
G   OP2    O  N N 76  
G   "O5'"  O  N N 77  
G   "C5'"  C  N N 78  
G   "C4'"  C  N R 79  
G   "O4'"  O  N N 80  
G   "C3'"  C  N S 81  
G   "O3'"  O  N N 82  
G   "C2'"  C  N R 83  
G   "O2'"  O  N N 84  
G   "C1'"  C  N R 85  
G   N9     N  Y N 86  
G   C8     C  Y N 87  
G   N7     N  Y N 88  
G   C5     C  Y N 89  
G   C6     C  N N 90  
G   O6     O  N N 91  
G   N1     N  N N 92  
G   C2     C  N N 93  
G   N2     N  N N 94  
G   N3     N  N N 95  
G   C4     C  Y N 96  
G   HOP3   H  N N 97  
G   HOP2   H  N N 98  
G   "H5'"  H  N N 99  
G   "H5''" H  N N 100 
G   "H4'"  H  N N 101 
G   "H3'"  H  N N 102 
G   "HO3'" H  N N 103 
G   "H2'"  H  N N 104 
G   "HO2'" H  N N 105 
G   "H1'"  H  N N 106 
G   H8     H  N N 107 
G   H1     H  N N 108 
G   H21    H  N N 109 
G   H22    H  N N 110 
HOH O      O  N N 111 
HOH H1     H  N N 112 
HOH H2     H  N N 113 
NCO CO     CO N N 114 
NCO N1     N  N N 115 
NCO N2     N  N N 116 
NCO N3     N  N N 117 
NCO N4     N  N N 118 
NCO N5     N  N N 119 
NCO N6     N  N N 120 
NCO HN11   H  N N 121 
NCO HN12   H  N N 122 
NCO HN13   H  N N 123 
NCO HN21   H  N N 124 
NCO HN22   H  N N 125 
NCO HN23   H  N N 126 
NCO HN31   H  N N 127 
NCO HN32   H  N N 128 
NCO HN33   H  N N 129 
NCO HN41   H  N N 130 
NCO HN42   H  N N 131 
NCO HN43   H  N N 132 
NCO HN51   H  N N 133 
NCO HN52   H  N N 134 
NCO HN53   H  N N 135 
NCO HN61   H  N N 136 
NCO HN62   H  N N 137 
NCO HN63   H  N N 138 
U   OP3    O  N N 139 
U   P      P  N N 140 
U   OP1    O  N N 141 
U   OP2    O  N N 142 
U   "O5'"  O  N N 143 
U   "C5'"  C  N N 144 
U   "C4'"  C  N R 145 
U   "O4'"  O  N N 146 
U   "C3'"  C  N S 147 
U   "O3'"  O  N N 148 
U   "C2'"  C  N R 149 
U   "O2'"  O  N N 150 
U   "C1'"  C  N R 151 
U   N1     N  N N 152 
U   C2     C  N N 153 
U   O2     O  N N 154 
U   N3     N  N N 155 
U   C4     C  N N 156 
U   O4     O  N N 157 
U   C5     C  N N 158 
U   C6     C  N N 159 
U   HOP3   H  N N 160 
U   HOP2   H  N N 161 
U   "H5'"  H  N N 162 
U   "H5''" H  N N 163 
U   "H4'"  H  N N 164 
U   "H3'"  H  N N 165 
U   "HO3'" H  N N 166 
U   "H2'"  H  N N 167 
U   "HO2'" H  N N 168 
U   "H1'"  H  N N 169 
U   H3     H  N N 170 
U   H5     H  N N 171 
U   H6     H  N N 172 
# 
loop_
_chem_comp_bond.comp_id 
_chem_comp_bond.atom_id_1 
_chem_comp_bond.atom_id_2 
_chem_comp_bond.value_order 
_chem_comp_bond.pdbx_aromatic_flag 
_chem_comp_bond.pdbx_stereo_config 
_chem_comp_bond.pdbx_ordinal 
A   OP3   P      sing N N 1   
A   OP3   HOP3   sing N N 2   
A   P     OP1    doub N N 3   
A   P     OP2    sing N N 4   
A   P     "O5'"  sing N N 5   
A   OP2   HOP2   sing N N 6   
A   "O5'" "C5'"  sing N N 7   
A   "C5'" "C4'"  sing N N 8   
A   "C5'" "H5'"  sing N N 9   
A   "C5'" "H5''" sing N N 10  
A   "C4'" "O4'"  sing N N 11  
A   "C4'" "C3'"  sing N N 12  
A   "C4'" "H4'"  sing N N 13  
A   "O4'" "C1'"  sing N N 14  
A   "C3'" "O3'"  sing N N 15  
A   "C3'" "C2'"  sing N N 16  
A   "C3'" "H3'"  sing N N 17  
A   "O3'" "HO3'" sing N N 18  
A   "C2'" "O2'"  sing N N 19  
A   "C2'" "C1'"  sing N N 20  
A   "C2'" "H2'"  sing N N 21  
A   "O2'" "HO2'" sing N N 22  
A   "C1'" N9     sing N N 23  
A   "C1'" "H1'"  sing N N 24  
A   N9    C8     sing Y N 25  
A   N9    C4     sing Y N 26  
A   C8    N7     doub Y N 27  
A   C8    H8     sing N N 28  
A   N7    C5     sing Y N 29  
A   C5    C6     sing Y N 30  
A   C5    C4     doub Y N 31  
A   C6    N6     sing N N 32  
A   C6    N1     doub Y N 33  
A   N6    H61    sing N N 34  
A   N6    H62    sing N N 35  
A   N1    C2     sing Y N 36  
A   C2    N3     doub Y N 37  
A   C2    H2     sing N N 38  
A   N3    C4     sing Y N 39  
C   OP3   P      sing N N 40  
C   OP3   HOP3   sing N N 41  
C   P     OP1    doub N N 42  
C   P     OP2    sing N N 43  
C   P     "O5'"  sing N N 44  
C   OP2   HOP2   sing N N 45  
C   "O5'" "C5'"  sing N N 46  
C   "C5'" "C4'"  sing N N 47  
C   "C5'" "H5'"  sing N N 48  
C   "C5'" "H5''" sing N N 49  
C   "C4'" "O4'"  sing N N 50  
C   "C4'" "C3'"  sing N N 51  
C   "C4'" "H4'"  sing N N 52  
C   "O4'" "C1'"  sing N N 53  
C   "C3'" "O3'"  sing N N 54  
C   "C3'" "C2'"  sing N N 55  
C   "C3'" "H3'"  sing N N 56  
C   "O3'" "HO3'" sing N N 57  
C   "C2'" "O2'"  sing N N 58  
C   "C2'" "C1'"  sing N N 59  
C   "C2'" "H2'"  sing N N 60  
C   "O2'" "HO2'" sing N N 61  
C   "C1'" N1     sing N N 62  
C   "C1'" "H1'"  sing N N 63  
C   N1    C2     sing N N 64  
C   N1    C6     sing N N 65  
C   C2    O2     doub N N 66  
C   C2    N3     sing N N 67  
C   N3    C4     doub N N 68  
C   C4    N4     sing N N 69  
C   C4    C5     sing N N 70  
C   N4    H41    sing N N 71  
C   N4    H42    sing N N 72  
C   C5    C6     doub N N 73  
C   C5    H5     sing N N 74  
C   C6    H6     sing N N 75  
G   OP3   P      sing N N 76  
G   OP3   HOP3   sing N N 77  
G   P     OP1    doub N N 78  
G   P     OP2    sing N N 79  
G   P     "O5'"  sing N N 80  
G   OP2   HOP2   sing N N 81  
G   "O5'" "C5'"  sing N N 82  
G   "C5'" "C4'"  sing N N 83  
G   "C5'" "H5'"  sing N N 84  
G   "C5'" "H5''" sing N N 85  
G   "C4'" "O4'"  sing N N 86  
G   "C4'" "C3'"  sing N N 87  
G   "C4'" "H4'"  sing N N 88  
G   "O4'" "C1'"  sing N N 89  
G   "C3'" "O3'"  sing N N 90  
G   "C3'" "C2'"  sing N N 91  
G   "C3'" "H3'"  sing N N 92  
G   "O3'" "HO3'" sing N N 93  
G   "C2'" "O2'"  sing N N 94  
G   "C2'" "C1'"  sing N N 95  
G   "C2'" "H2'"  sing N N 96  
G   "O2'" "HO2'" sing N N 97  
G   "C1'" N9     sing N N 98  
G   "C1'" "H1'"  sing N N 99  
G   N9    C8     sing Y N 100 
G   N9    C4     sing Y N 101 
G   C8    N7     doub Y N 102 
G   C8    H8     sing N N 103 
G   N7    C5     sing Y N 104 
G   C5    C6     sing N N 105 
G   C5    C4     doub Y N 106 
G   C6    O6     doub N N 107 
G   C6    N1     sing N N 108 
G   N1    C2     sing N N 109 
G   N1    H1     sing N N 110 
G   C2    N2     sing N N 111 
G   C2    N3     doub N N 112 
G   N2    H21    sing N N 113 
G   N2    H22    sing N N 114 
G   N3    C4     sing N N 115 
HOH O     H1     sing N N 116 
HOH O     H2     sing N N 117 
NCO CO    N1     sing N N 118 
NCO CO    N2     sing N N 119 
NCO CO    N3     sing N N 120 
NCO CO    N4     sing N N 121 
NCO CO    N5     sing N N 122 
NCO CO    N6     sing N N 123 
NCO N1    HN11   sing N N 124 
NCO N1    HN12   sing N N 125 
NCO N1    HN13   sing N N 126 
NCO N2    HN21   sing N N 127 
NCO N2    HN22   sing N N 128 
NCO N2    HN23   sing N N 129 
NCO N3    HN31   sing N N 130 
NCO N3    HN32   sing N N 131 
NCO N3    HN33   sing N N 132 
NCO N4    HN41   sing N N 133 
NCO N4    HN42   sing N N 134 
NCO N4    HN43   sing N N 135 
NCO N5    HN51   sing N N 136 
NCO N5    HN52   sing N N 137 
NCO N5    HN53   sing N N 138 
NCO N6    HN61   sing N N 139 
NCO N6    HN62   sing N N 140 
NCO N6    HN63   sing N N 141 
U   OP3   P      sing N N 142 
U   OP3   HOP3   sing N N 143 
U   P     OP1    doub N N 144 
U   P     OP2    sing N N 145 
U   P     "O5'"  sing N N 146 
U   OP2   HOP2   sing N N 147 
U   "O5'" "C5'"  sing N N 148 
U   "C5'" "C4'"  sing N N 149 
U   "C5'" "H5'"  sing N N 150 
U   "C5'" "H5''" sing N N 151 
U   "C4'" "O4'"  sing N N 152 
U   "C4'" "C3'"  sing N N 153 
U   "C4'" "H4'"  sing N N 154 
U   "O4'" "C1'"  sing N N 155 
U   "C3'" "O3'"  sing N N 156 
U   "C3'" "C2'"  sing N N 157 
U   "C3'" "H3'"  sing N N 158 
U   "O3'" "HO3'" sing N N 159 
U   "C2'" "O2'"  sing N N 160 
U   "C2'" "C1'"  sing N N 161 
U   "C2'" "H2'"  sing N N 162 
U   "O2'" "HO2'" sing N N 163 
U   "C1'" N1     sing N N 164 
U   "C1'" "H1'"  sing N N 165 
U   N1    C2     sing N N 166 
U   N1    C6     sing N N 167 
U   C2    O2     doub N N 168 
U   C2    N3     sing N N 169 
U   N3    C4     sing N N 170 
U   N3    H3     sing N N 171 
U   C4    O4     doub N N 172 
U   C4    C5     sing N N 173 
U   C5    C6     doub N N 174 
U   C5    H5     sing N N 175 
U   C6    H6     sing N N 176 
# 
loop_
_ndb_struct_conf_na.entry_id 
_ndb_struct_conf_na.feature 
3BNL 'double helix'         
3BNL 'a-form double helix'  
3BNL 'bulge loop'           
3BNL 'mismatched base pair' 
# 
loop_
_ndb_struct_na_base_pair.model_number 
_ndb_struct_na_base_pair.i_label_asym_id 
_ndb_struct_na_base_pair.i_label_comp_id 
_ndb_struct_na_base_pair.i_label_seq_id 
_ndb_struct_na_base_pair.i_symmetry 
_ndb_struct_na_base_pair.j_label_asym_id 
_ndb_struct_na_base_pair.j_label_comp_id 
_ndb_struct_na_base_pair.j_label_seq_id 
_ndb_struct_na_base_pair.j_symmetry 
_ndb_struct_na_base_pair.shear 
_ndb_struct_na_base_pair.stretch 
_ndb_struct_na_base_pair.stagger 
_ndb_struct_na_base_pair.buckle 
_ndb_struct_na_base_pair.propeller 
_ndb_struct_na_base_pair.opening 
_ndb_struct_na_base_pair.pair_number 
_ndb_struct_na_base_pair.pair_name 
_ndb_struct_na_base_pair.i_auth_asym_id 
_ndb_struct_na_base_pair.i_auth_seq_id 
_ndb_struct_na_base_pair.i_PDB_ins_code 
_ndb_struct_na_base_pair.j_auth_asym_id 
_ndb_struct_na_base_pair.j_auth_seq_id 
_ndb_struct_na_base_pair.j_PDB_ins_code 
_ndb_struct_na_base_pair.hbond_type_28 
_ndb_struct_na_base_pair.hbond_type_12 
1 A G 2  1_555 B C 22 1_555 -0.069 -0.218 0.208  2.471   -1.379  -2.599  1  A_G2:C22_B  A 2  ? B 22 ? 19 1 
1 A C 3  1_555 B G 21 1_555 0.497  -0.052 -0.122 11.536  -9.114  2.315   2  A_C3:G21_B  A 3  ? B 21 ? 19 1 
1 A G 4  1_555 B C 20 1_555 0.595  -0.215 0.371  6.234   -12.621 4.937   3  A_G4:C20_B  A 4  ? B 20 ? 19 1 
1 A U 5  1_555 B U 19 1_555 2.471  -1.952 0.088  1.603   -14.481 3.855   4  A_U5:U19_B  A 5  ? B 19 ? 16 1 
1 A C 6  1_555 B G 18 1_555 -0.032 -0.320 0.286  -10.674 -19.492 2.758   5  A_C6:G18_B  A 6  ? B 18 ? 19 1 
1 A A 7  1_555 B A 17 1_555 2.577  1.373  0.275  -24.756 -0.275  -14.269 6  A_A7:A17_B  A 7  ? B 17 ? ?  1 
1 A C 8  1_555 B G 15 1_555 0.176  -0.389 -0.017 -9.638  -5.227  0.012   7  A_C8:G15_B  A 8  ? B 15 ? 19 1 
1 A A 9  1_555 B U 14 1_555 0.197  -0.106 0.375  1.737   -12.010 6.411   8  A_A9:U14_B  A 9  ? B 14 ? 20 1 
1 A C 10 1_555 B G 13 1_555 0.251  -0.062 0.133  7.457   -11.232 1.495   9  A_C10:G13_B A 10 ? B 13 ? 19 1 
1 A C 11 1_555 B G 12 1_555 0.022  -0.429 -0.007 3.225   -10.090 -1.106  10 A_C11:G12_B A 11 ? B 12 ? 19 1 
1 A G 12 1_555 B C 11 1_555 0.780  -0.459 -0.164 -5.650  -7.474  -1.416  11 A_G12:C11_B A 12 ? B 11 ? 19 1 
1 A G 13 1_555 B C 10 1_555 -0.081 -0.103 -0.020 -8.951  -14.882 2.275   12 A_G13:C10_B A 13 ? B 10 ? 19 1 
1 A U 14 1_555 B A 9  1_555 -0.154 -0.083 0.461  -2.050  -11.249 6.664   13 A_U14:A9_B  A 14 ? B 9  ? 20 1 
1 A G 15 1_555 B C 8  1_555 -0.214 -0.424 -0.123 6.998   -6.320  1.001   14 A_G15:C8_B  A 15 ? B 8  ? 19 1 
1 A A 17 1_555 B A 7  1_555 -2.608 1.331  0.233  27.866  -0.550  -17.566 15 A_A17:A7_B  A 17 ? B 7  ? ?  ? 
1 A G 18 1_555 B C 6  1_555 -0.164 -0.319 0.321  15.690  -18.356 2.275   16 A_G18:C6_B  A 18 ? B 6  ? 19 1 
1 A U 19 1_555 B U 5  1_555 -2.840 -2.063 0.162  2.442   -15.731 3.775   17 A_U19:U5_B  A 19 ? B 5  ? 16 1 
1 A C 20 1_555 B G 4  1_555 -0.291 -0.260 0.511  -5.336  -14.214 4.889   18 A_C20:G4_B  A 20 ? B 4  ? 19 1 
1 A G 21 1_555 B C 3  1_555 -0.190 -0.248 -0.179 -12.266 -9.834  0.056   19 A_G21:C3_B  A 21 ? B 3  ? 19 1 
1 A C 22 1_555 B G 2  1_555 0.352  -0.376 0.173  -1.147  -4.170  -5.202  20 A_C22:G2_B  A 22 ? B 2  ? 19 1 
# 
loop_
_ndb_struct_na_base_pair_step.model_number 
_ndb_struct_na_base_pair_step.i_label_asym_id_1 
_ndb_struct_na_base_pair_step.i_label_comp_id_1 
_ndb_struct_na_base_pair_step.i_label_seq_id_1 
_ndb_struct_na_base_pair_step.i_symmetry_1 
_ndb_struct_na_base_pair_step.j_label_asym_id_1 
_ndb_struct_na_base_pair_step.j_label_comp_id_1 
_ndb_struct_na_base_pair_step.j_label_seq_id_1 
_ndb_struct_na_base_pair_step.j_symmetry_1 
_ndb_struct_na_base_pair_step.i_label_asym_id_2 
_ndb_struct_na_base_pair_step.i_label_comp_id_2 
_ndb_struct_na_base_pair_step.i_label_seq_id_2 
_ndb_struct_na_base_pair_step.i_symmetry_2 
_ndb_struct_na_base_pair_step.j_label_asym_id_2 
_ndb_struct_na_base_pair_step.j_label_comp_id_2 
_ndb_struct_na_base_pair_step.j_label_seq_id_2 
_ndb_struct_na_base_pair_step.j_symmetry_2 
_ndb_struct_na_base_pair_step.shift 
_ndb_struct_na_base_pair_step.slide 
_ndb_struct_na_base_pair_step.rise 
_ndb_struct_na_base_pair_step.tilt 
_ndb_struct_na_base_pair_step.roll 
_ndb_struct_na_base_pair_step.twist 
_ndb_struct_na_base_pair_step.x_displacement 
_ndb_struct_na_base_pair_step.y_displacement 
_ndb_struct_na_base_pair_step.helical_rise 
_ndb_struct_na_base_pair_step.inclination 
_ndb_struct_na_base_pair_step.tip 
_ndb_struct_na_base_pair_step.helical_twist 
_ndb_struct_na_base_pair_step.step_number 
_ndb_struct_na_base_pair_step.step_name 
_ndb_struct_na_base_pair_step.i_auth_asym_id_1 
_ndb_struct_na_base_pair_step.i_auth_seq_id_1 
_ndb_struct_na_base_pair_step.i_PDB_ins_code_1 
_ndb_struct_na_base_pair_step.j_auth_asym_id_1 
_ndb_struct_na_base_pair_step.j_auth_seq_id_1 
_ndb_struct_na_base_pair_step.j_PDB_ins_code_1 
_ndb_struct_na_base_pair_step.i_auth_asym_id_2 
_ndb_struct_na_base_pair_step.i_auth_seq_id_2 
_ndb_struct_na_base_pair_step.i_PDB_ins_code_2 
_ndb_struct_na_base_pair_step.j_auth_asym_id_2 
_ndb_struct_na_base_pair_step.j_auth_seq_id_2 
_ndb_struct_na_base_pair_step.j_PDB_ins_code_2 
1 A G 2  1_555 B C 22 1_555 A C 3  1_555 B G 21 1_555 -0.050 -1.126 3.156 2.122  -0.453 34.889 -1.809 0.393  3.161 -0.754 -3.535  
34.954 1  AA_G2C3:G21C22_BB   A 2  ? B 22 ? A 3  ? B 21 ? 
1 A C 3  1_555 B G 21 1_555 A G 4  1_555 B C 20 1_555 -0.037 -1.823 3.284 -4.354 9.170  31.292 -4.681 -0.626 2.640 16.466 7.819   
32.858 2  AA_C3G4:C20G21_BB   A 3  ? B 21 ? A 4  ? B 20 ? 
1 A G 4  1_555 B C 20 1_555 A U 5  1_555 B U 19 1_555 -0.160 -1.120 3.282 2.060  4.901  44.989 -1.884 0.388  3.139 6.378  -2.681  
45.286 3  AA_G4U5:U19C20_BB   A 4  ? B 20 ? A 5  ? B 19 ? 
1 A U 5  1_555 B U 19 1_555 A C 6  1_555 B G 18 1_555 0.254  -1.805 3.261 6.557  7.629  28.665 -4.888 0.752  2.693 14.844 -12.757 
30.344 4  AA_U5C6:G18U19_BB   A 5  ? B 19 ? A 6  ? B 18 ? 
1 A C 6  1_555 B G 18 1_555 A A 7  1_555 B A 17 1_555 -0.664 -1.551 3.425 5.642  8.289  41.131 -2.992 1.492  2.960 11.592 -7.889  
42.284 5  AA_C6A7:A17G18_BB   A 6  ? B 18 ? A 7  ? B 17 ? 
1 A A 7  1_555 B A 17 1_555 A C 8  1_555 B G 15 1_555 3.668  -0.276 3.707 -5.789 14.858 39.822 -1.938 -5.636 2.894 20.830 8.116   
42.775 6  AA_A7C8:G15A17_BB   A 7  ? B 17 ? A 8  ? B 15 ? 
1 A C 8  1_555 B G 15 1_555 A A 9  1_555 B U 14 1_555 0.647  -1.406 2.657 -2.805 15.382 31.031 -4.039 -1.391 1.726 26.730 4.874   
34.661 7  AA_C8A9:U14G15_BB   A 8  ? B 15 ? A 9  ? B 14 ? 
1 A A 9  1_555 B U 14 1_555 A C 10 1_555 B G 13 1_555 -0.586 -1.021 3.121 0.004  5.652  30.030 -2.978 1.114  2.885 10.788 -0.008  
30.545 8  AA_A9C10:G13U14_BB  A 9  ? B 14 ? A 10 ? B 13 ? 
1 A C 10 1_555 B G 13 1_555 A C 11 1_555 B G 12 1_555 -0.385 -1.776 3.261 -0.585 6.929  31.978 -4.281 0.588  2.830 12.394 1.047   
32.706 9  AA_C10C11:G12G13_BB A 10 ? B 13 ? A 11 ? B 12 ? 
1 A C 11 1_555 B G 12 1_555 A G 12 1_555 B C 11 1_555 -0.153 -1.449 3.414 1.404  12.714 37.377 -3.614 0.389  2.786 19.165 -2.116  
39.431 10 AA_C11G12:C11G12_BB A 11 ? B 12 ? A 12 ? B 11 ? 
1 A G 12 1_555 B C 11 1_555 A G 13 1_555 B C 10 1_555 0.484  -1.726 3.245 0.887  8.881  29.558 -4.835 -0.751 2.640 16.927 -1.690  
30.848 11 AA_G12G13:C10C11_BB A 12 ? B 11 ? A 13 ? B 10 ? 
1 A G 13 1_555 B C 10 1_555 A U 14 1_555 B A 9  1_555 0.367  -1.011 3.043 -2.744 5.330  29.425 -2.937 -1.216 2.776 10.359 5.332   
30.016 12 AA_G13U14:A9C10_BB  A 13 ? B 10 ? A 14 ? B 9  ? 
1 A U 14 1_555 B A 9  1_555 A G 15 1_555 B C 8  1_555 -0.588 -1.464 2.718 4.331  15.125 30.368 -4.226 1.498  1.720 26.736 -7.657  
34.116 13 AA_U14G15:C8A9_BB   A 14 ? B 9  ? A 15 ? B 8  ? 
1 A G 15 1_555 B C 8  1_555 A A 17 1_555 B A 7  1_555 -3.890 -0.294 3.612 5.582  13.533 39.894 -1.810 5.958  2.827 19.073 -7.867  
42.392 14 AA_G15A17:A7C8_BB   A 15 ? B 8  ? A 17 ? B 7  ? 
1 A A 17 1_555 B A 7  1_555 A G 18 1_555 B C 6  1_555 0.957  -1.686 3.408 -5.341 7.821  40.934 -3.149 -1.880 2.910 11.006 7.516   
41.969 15 AA_A17G18:C6A7_BB   A 17 ? B 7  ? A 18 ? B 6  ? 
1 A G 18 1_555 B C 6  1_555 A U 19 1_555 B U 5  1_555 -0.198 -1.805 3.129 -6.863 8.838  28.136 -5.043 -0.850 2.443 17.336 13.463  
30.238 16 AA_G18U19:U5C6_BB   A 18 ? B 6  ? A 19 ? B 5  ? 
1 A U 19 1_555 B U 5  1_555 A C 20 1_555 B G 4  1_555 0.284  -1.149 3.429 -1.317 3.420  46.860 -1.732 -0.468 3.333 4.293  1.653   
46.995 17 AA_U19C20:G4U5_BB   A 19 ? B 5  ? A 20 ? B 4  ? 
1 A C 20 1_555 B G 4  1_555 A G 21 1_555 B C 3  1_555 -0.284 -1.799 3.354 6.298  9.986  32.105 -4.548 1.420  2.595 17.341 -10.937 
34.153 18 AA_C20G21:C3G4_BB   A 20 ? B 4  ? A 21 ? B 3  ? 
1 A G 21 1_555 B C 3  1_555 A C 22 1_555 B G 2  1_555 0.144  -1.278 3.132 -2.219 0.406  34.563 -2.207 -0.567 3.103 0.682  3.729   
34.634 19 AA_G21C22:G2C3_BB   A 21 ? B 3  ? A 22 ? B 2  ? 
# 
_atom_sites.entry_id                    3BNL 
_atom_sites.fract_transf_matrix[1][1]   0.01216794 
_atom_sites.fract_transf_matrix[1][2]   0.00377293 
_atom_sites.fract_transf_matrix[1][3]   0.00472365 
_atom_sites.fract_transf_matrix[2][1]   -0.00444891 
_atom_sites.fract_transf_matrix[2][2]   0.01277647 
_atom_sites.fract_transf_matrix[2][3]   0.00125526 
_atom_sites.fract_transf_matrix[3][1]   -0.00474462 
_atom_sites.fract_transf_matrix[3][2]   -0.00309586 
_atom_sites.fract_transf_matrix[3][3]   0.01469473 
_atom_sites.fract_transf_vector[1]      0.812944 
_atom_sites.fract_transf_vector[2]      0.187082 
_atom_sites.fract_transf_vector[3]      0.001438 
# 
loop_
_atom_type.symbol 
C  
CO 
N  
O  
P  
# 
loop_
_atom_site.group_PDB 
_atom_site.id 
_atom_site.type_symbol 
_atom_site.label_atom_id 
_atom_site.label_alt_id 
_atom_site.label_comp_id 
_atom_site.label_asym_id 
_atom_site.label_entity_id 
_atom_site.label_seq_id 
_atom_site.pdbx_PDB_ins_code 
_atom_site.Cartn_x 
_atom_site.Cartn_y 
_atom_site.Cartn_z 
_atom_site.occupancy 
_atom_site.B_iso_or_equiv 
_atom_site.pdbx_formal_charge 
_atom_site.auth_seq_id 
_atom_site.auth_comp_id 
_atom_site.auth_asym_id 
_atom_site.auth_atom_id 
_atom_site.pdbx_PDB_model_num 
ATOM   1    O  OP3   . U   A 1 1  ? 15.324  25.000  2.645   1.00 70.78  ? 1  U   A OP3   1 
ATOM   2    P  P     . U   A 1 1  ? 14.473  26.232  2.910   1.00 76.34  ? 1  U   A P     1 
ATOM   3    O  OP1   . U   A 1 1  ? 13.112  25.905  3.508   1.00 93.36  ? 1  U   A OP1   1 
ATOM   4    O  OP2   . U   A 1 1  ? 15.198  27.307  3.701   1.00 86.12  ? 1  U   A OP2   1 
ATOM   5    O  "O5'" . U   A 1 1  ? 14.165  26.875  1.445   1.00 87.58  ? 1  U   A "O5'" 1 
ATOM   6    C  "C5'" . U   A 1 1  ? 13.235  27.961  1.313   1.00 87.73  ? 1  U   A "C5'" 1 
ATOM   7    C  "C4'" . U   A 1 1  ? 12.743  28.071  -0.109  1.00 81.40  ? 1  U   A "C4'" 1 
ATOM   8    O  "O4'" . U   A 1 1  ? 13.851  28.380  -0.995  1.00 76.99  ? 1  U   A "O4'" 1 
ATOM   9    C  "C3'" . U   A 1 1  ? 12.167  26.811  -0.724  1.00 77.70  ? 1  U   A "C3'" 1 
ATOM   10   O  "O3'" . U   A 1 1  ? 10.846  26.546  -0.274  1.00 73.28  ? 1  U   A "O3'" 1 
ATOM   11   C  "C2'" . U   A 1 1  ? 12.230  27.145  -2.210  1.00 73.91  ? 1  U   A "C2'" 1 
ATOM   12   O  "O2'" . U   A 1 1  ? 11.223  28.038  -2.638  1.00 75.03  ? 1  U   A "O2'" 1 
ATOM   13   C  "C1'" . U   A 1 1  ? 13.580  27.852  -2.286  1.00 58.67  ? 1  U   A "C1'" 1 
ATOM   14   N  N1    . U   A 1 1  ? 14.652  26.917  -2.639  1.00 43.50  ? 1  U   A N1    1 
ATOM   15   C  C2    . U   A 1 1  ? 14.715  26.504  -3.954  1.00 28.27  ? 1  U   A C2    1 
ATOM   16   O  O2    . U   A 1 1  ? 13.917  26.886  -4.815  1.00 42.96  ? 1  U   A O2    1 
ATOM   17   N  N3    . U   A 1 1  ? 15.733  25.629  -4.233  1.00 44.96  ? 1  U   A N3    1 
ATOM   18   C  C4    . U   A 1 1  ? 16.673  25.133  -3.343  1.00 76.76  ? 1  U   A C4    1 
ATOM   19   O  O4    . U   A 1 1  ? 17.527  24.334  -3.743  1.00 82.48  ? 1  U   A O4    1 
ATOM   20   C  C5    . U   A 1 1  ? 16.533  25.612  -1.996  1.00 70.61  ? 1  U   A C5    1 
ATOM   21   C  C6    . U   A 1 1  ? 15.552  26.467  -1.699  1.00 54.06  ? 1  U   A C6    1 
ATOM   22   P  P     . G   A 1 2  ? 10.295  25.037  -0.308  1.00 57.27  ? 2  G   A P     1 
ATOM   23   O  OP1   . G   A 1 2  ? 9.263   24.876  0.751   1.00 37.86  ? 2  G   A OP1   1 
ATOM   24   O  OP2   . G   A 1 2  ? 11.473  24.131  -0.346  1.00 54.92  ? 2  G   A OP2   1 
ATOM   25   O  "O5'" . G   A 1 2  ? 9.541   24.934  -1.702  1.00 47.17  ? 2  G   A "O5'" 1 
ATOM   26   C  "C5'" . G   A 1 2  ? 8.417   25.756  -1.954  1.00 18.56  ? 2  G   A "C5'" 1 
ATOM   27   C  "C4'" . G   A 1 2  ? 8.109   25.768  -3.422  1.00 37.73  ? 2  G   A "C4'" 1 
ATOM   28   O  "O4'" . G   A 1 2  ? 9.310   26.134  -4.140  1.00 30.55  ? 2  G   A "O4'" 1 
ATOM   29   C  "C3'" . G   A 1 2  ? 7.710   24.437  -4.039  1.00 35.52  ? 2  G   A "C3'" 1 
ATOM   30   O  "O3'" . G   A 1 2  ? 6.315   24.253  -3.849  1.00 35.13  ? 2  G   A "O3'" 1 
ATOM   31   C  "C2'" . G   A 1 2  ? 8.020   24.685  -5.510  1.00 34.21  ? 2  G   A "C2'" 1 
ATOM   32   O  "O2'" . G   A 1 2  ? 7.031   25.483  -6.130  1.00 29.98  ? 2  G   A "O2'" 1 
ATOM   33   C  "C1'" . G   A 1 2  ? 9.299   25.514  -5.411  1.00 18.37  ? 2  G   A "C1'" 1 
ATOM   34   N  N9    . G   A 1 2  ? 10.512  24.725  -5.542  1.00 27.49  ? 2  G   A N9    1 
ATOM   35   C  C8    . G   A 1 2  ? 11.464  24.480  -4.582  1.00 23.63  ? 2  G   A C8    1 
ATOM   36   N  N7    . G   A 1 2  ? 12.467  23.773  -5.031  1.00 39.26  ? 2  G   A N7    1 
ATOM   37   C  C5    . G   A 1 2  ? 12.148  23.531  -6.362  1.00 10.04  ? 2  G   A C5    1 
ATOM   38   C  C6    . G   A 1 2  ? 12.860  22.834  -7.369  1.00 14.73  ? 2  G   A C6    1 
ATOM   39   O  O6    . G   A 1 2  ? 13.973  22.286  -7.292  1.00 21.41  ? 2  G   A O6    1 
ATOM   40   N  N1    . G   A 1 2  ? 12.159  22.823  -8.577  1.00 10.16  ? 2  G   A N1    1 
ATOM   41   C  C2    . G   A 1 2  ? 10.940  23.420  -8.792  1.00 23.61  ? 2  G   A C2    1 
ATOM   42   N  N2    . G   A 1 2  ? 10.420  23.307  -10.028 1.00 12.13  ? 2  G   A N2    1 
ATOM   43   N  N3    . G   A 1 2  ? 10.276  24.086  -7.861  1.00 16.06  ? 2  G   A N3    1 
ATOM   44   C  C4    . G   A 1 2  ? 10.935  24.101  -6.684  1.00 23.32  ? 2  G   A C4    1 
ATOM   45   P  P     . C   A 1 3  ? 5.736   22.804  -3.473  1.00 36.99  ? 3  C   A P     1 
ATOM   46   O  OP1   . C   A 1 3  ? 4.399   23.070  -2.896  1.00 33.61  ? 3  C   A OP1   1 
ATOM   47   O  OP2   . C   A 1 3  ? 6.731   22.015  -2.706  1.00 31.64  ? 3  C   A OP2   1 
ATOM   48   O  "O5'" . C   A 1 3  ? 5.513   22.094  -4.873  1.00 30.47  ? 3  C   A "O5'" 1 
ATOM   49   C  "C5'" . C   A 1 3  ? 4.577   22.614  -5.799  1.00 44.70  ? 3  C   A "C5'" 1 
ATOM   50   C  "C4'" . C   A 1 3  ? 4.917   22.138  -7.179  1.00 30.95  ? 3  C   A "C4'" 1 
ATOM   51   O  "O4'" . C   A 1 3  ? 6.220   22.664  -7.550  1.00 47.62  ? 3  C   A "O4'" 1 
ATOM   52   C  "C3'" . C   A 1 3  ? 5.127   20.640  -7.281  1.00 37.11  ? 3  C   A "C3'" 1 
ATOM   53   O  "O3'" . C   A 1 3  ? 3.907   19.928  -7.351  1.00 44.42  ? 3  C   A "O3'" 1 
ATOM   54   C  "C2'" . C   A 1 3  ? 5.950   20.538  -8.552  1.00 40.97  ? 3  C   A "C2'" 1 
ATOM   55   O  "O2'" . C   A 1 3  ? 5.182   20.739  -9.720  1.00 46.79  ? 3  C   A "O2'" 1 
ATOM   56   C  "C1'" . C   A 1 3  ? 6.904   21.713  -8.357  1.00 39.18  ? 3  C   A "C1'" 1 
ATOM   57   N  N1    . C   A 1 3  ? 8.116   21.282  -7.655  1.00 33.56  ? 3  C   A N1    1 
ATOM   58   C  C2    . C   A 1 3  ? 9.124   20.694  -8.402  1.00 40.18  ? 3  C   A C2    1 
ATOM   59   O  O2    . C   A 1 3  ? 8.955   20.560  -9.625  1.00 39.07  ? 3  C   A O2    1 
ATOM   60   N  N3    . C   A 1 3  ? 10.254  20.285  -7.785  1.00 37.55  ? 3  C   A N3    1 
ATOM   61   C  C4    . C   A 1 3  ? 10.389  20.445  -6.470  1.00 24.18  ? 3  C   A C4    1 
ATOM   62   N  N4    . C   A 1 3  ? 11.527  20.028  -5.905  1.00 26.30  ? 3  C   A N4    1 
ATOM   63   C  C5    . C   A 1 3  ? 9.366   21.039  -5.677  1.00 29.57  ? 3  C   A C5    1 
ATOM   64   C  C6    . C   A 1 3  ? 8.256   21.441  -6.306  1.00 31.68  ? 3  C   A C6    1 
ATOM   65   P  P     . G   A 1 4  ? 3.849   18.422  -6.803  1.00 49.97  ? 4  G   A P     1 
ATOM   66   O  OP1   . G   A 1 4  ? 2.412   18.089  -6.636  1.00 47.53  ? 4  G   A OP1   1 
ATOM   67   O  OP2   . G   A 1 4  ? 4.778   18.301  -5.641  1.00 28.61  ? 4  G   A OP2   1 
ATOM   68   O  "O5'" . G   A 1 4  ? 4.449   17.554  -7.998  1.00 37.94  ? 4  G   A "O5'" 1 
ATOM   69   C  "C5'" . G   A 1 4  ? 3.914   17.647  -9.317  1.00 38.62  ? 4  G   A "C5'" 1 
ATOM   70   C  "C4'" . G   A 1 4  ? 4.860   17.016  -10.311 1.00 29.93  ? 4  G   A "C4'" 1 
ATOM   71   O  "O4'" . G   A 1 4  ? 6.120   17.740  -10.292 1.00 31.96  ? 4  G   A "O4'" 1 
ATOM   72   C  "C3'" . G   A 1 4  ? 5.250   15.578  -10.012 1.00 33.80  ? 4  G   A "C3'" 1 
ATOM   73   O  "O3'" . G   A 1 4  ? 4.284   14.662  -10.520 1.00 49.27  ? 4  G   A "O3'" 1 
ATOM   74   C  "C2'" . G   A 1 4  ? 6.585   15.461  -10.730 1.00 36.86  ? 4  G   A "C2'" 1 
ATOM   75   O  "O2'" . G   A 1 4  ? 6.413   15.327  -12.125 1.00 61.87  ? 4  G   A "O2'" 1 
ATOM   76   C  "C1'" . G   A 1 4  ? 7.200   16.830  -10.438 1.00 43.27  ? 4  G   A "C1'" 1 
ATOM   77   N  N9    . G   A 1 4  ? 8.008   16.876  -9.220  1.00 34.15  ? 4  G   A N9    1 
ATOM   78   C  C8    . G   A 1 4  ? 7.675   17.488  -8.034  1.00 29.05  ? 4  G   A C8    1 
ATOM   79   N  N7    . G   A 1 4  ? 8.605   17.384  -7.122  1.00 42.61  ? 4  G   A N7    1 
ATOM   80   C  C5    . G   A 1 4  ? 9.615   16.652  -7.737  1.00 15.78  ? 4  G   A C5    1 
ATOM   81   C  C6    . G   A 1 4  ? 10.876  16.208  -7.234  1.00 30.49  ? 4  G   A C6    1 
ATOM   82   O  O6    . G   A 1 4  ? 11.366  16.388  -6.112  1.00 39.94  ? 4  G   A O6    1 
ATOM   83   N  N1    . G   A 1 4  ? 11.580  15.479  -8.186  1.00 22.25  ? 4  G   A N1    1 
ATOM   84   C  C2    . G   A 1 4  ? 11.131  15.208  -9.458  1.00 38.58  ? 4  G   A C2    1 
ATOM   85   N  N2    . G   A 1 4  ? 11.952  14.475  -10.224 1.00 23.25  ? 4  G   A N2    1 
ATOM   86   N  N3    . G   A 1 4  ? 9.964   15.617  -9.941  1.00 26.00  ? 4  G   A N3    1 
ATOM   87   C  C4    . G   A 1 4  ? 9.261   16.327  -9.032  1.00 36.28  ? 4  G   A C4    1 
ATOM   88   P  P     . U   A 1 5  ? 4.137   13.200  -9.851  1.00 41.90  ? 5  U   A P     1 
ATOM   89   O  OP1   . U   A 1 5  ? 3.220   12.435  -10.725 1.00 45.43  ? 5  U   A OP1   1 
ATOM   90   O  OP2   . U   A 1 5  ? 3.819   13.340  -8.399  1.00 30.77  ? 5  U   A OP2   1 
ATOM   91   O  "O5'" . U   A 1 5  ? 5.599   12.579  -9.989  1.00 32.94  ? 5  U   A "O5'" 1 
ATOM   92   C  "C5'" . U   A 1 5  ? 6.105   12.179  -11.262 1.00 30.79  ? 5  U   A "C5'" 1 
ATOM   93   C  "C4'" . U   A 1 5  ? 7.462   11.528  -11.108 1.00 33.71  ? 5  U   A "C4'" 1 
ATOM   94   O  "O4'" . U   A 1 5  ? 8.415   12.506  -10.623 1.00 42.09  ? 5  U   A "O4'" 1 
ATOM   95   C  "C3'" . U   A 1 5  ? 7.535   10.404  -10.090 1.00 41.35  ? 5  U   A "C3'" 1 
ATOM   96   O  "O3'" . U   A 1 5  ? 7.112   9.190   -10.682 1.00 34.51  ? 5  U   A "O3'" 1 
ATOM   97   C  "C2'" . U   A 1 5  ? 9.014   10.387  -9.736  1.00 43.76  ? 5  U   A "C2'" 1 
ATOM   98   O  "O2'" . U   A 1 5  ? 9.798   9.737   -10.715 1.00 52.06  ? 5  U   A "O2'" 1 
ATOM   99   C  "C1'" . U   A 1 5  ? 9.336   11.882  -9.743  1.00 38.58  ? 5  U   A "C1'" 1 
ATOM   100  N  N1    . U   A 1 5  ? 9.219   12.542  -8.435  1.00 18.91  ? 5  U   A N1    1 
ATOM   101  C  C2    . U   A 1 5  ? 10.298  12.484  -7.582  1.00 29.41  ? 5  U   A C2    1 
ATOM   102  O  O2    . U   A 1 5  ? 11.312  11.853  -7.838  1.00 41.81  ? 5  U   A O2    1 
ATOM   103  N  N3    . U   A 1 5  ? 10.150  13.192  -6.413  1.00 27.40  ? 5  U   A N3    1 
ATOM   104  C  C4    . U   A 1 5  ? 9.052   13.927  -6.015  1.00 24.29  ? 5  U   A C4    1 
ATOM   105  O  O4    . U   A 1 5  ? 9.121   14.627  -4.996  1.00 29.77  ? 5  U   A O4    1 
ATOM   106  C  C5    . U   A 1 5  ? 7.962   13.899  -6.935  1.00 26.64  ? 5  U   A C5    1 
ATOM   107  C  C6    . U   A 1 5  ? 8.078   13.221  -8.084  1.00 35.67  ? 5  U   A C6    1 
ATOM   108  P  P     . C   A 1 6  ? 6.354   8.088   -9.796  1.00 53.44  ? 6  C   A P     1 
ATOM   109  O  OP1   . C   A 1 6  ? 5.736   7.160   -10.778 1.00 49.39  ? 6  C   A OP1   1 
ATOM   110  O  OP2   . C   A 1 6  ? 5.499   8.745   -8.772  1.00 57.46  ? 6  C   A OP2   1 
ATOM   111  O  "O5'" . C   A 1 6  ? 7.553   7.343   -9.062  1.00 44.29  ? 6  C   A "O5'" 1 
ATOM   112  C  "C5'" . C   A 1 6  ? 8.584   6.741   -9.831  1.00 35.10  ? 6  C   A "C5'" 1 
ATOM   113  C  "C4'" . C   A 1 6  ? 9.801   6.501   -8.984  1.00 41.88  ? 6  C   A "C4'" 1 
ATOM   114  O  "O4'" . C   A 1 6  ? 10.390  7.768   -8.594  1.00 40.88  ? 6  C   A "O4'" 1 
ATOM   115  C  "C3'" . C   A 1 6  ? 9.553   5.790   -7.666  1.00 42.67  ? 6  C   A "C3'" 1 
ATOM   116  O  "O3'" . C   A 1 6  ? 9.465   4.387   -7.871  1.00 50.82  ? 6  C   A "O3'" 1 
ATOM   117  C  "C2'" . C   A 1 6  ? 10.799  6.176   -6.880  1.00 52.17  ? 6  C   A "C2'" 1 
ATOM   118  O  "O2'" . C   A 1 6  ? 11.934  5.435   -7.274  1.00 49.71  ? 6  C   A "O2'" 1 
ATOM   119  C  "C1'" . C   A 1 6  ? 10.984  7.634   -7.311  1.00 47.83  ? 6  C   A "C1'" 1 
ATOM   120  N  N1    . C   A 1 6  ? 10.333  8.576   -6.384  1.00 32.12  ? 6  C   A N1    1 
ATOM   121  C  C2    . C   A 1 6  ? 11.047  9.003   -5.265  1.00 30.72  ? 6  C   A C2    1 
ATOM   122  O  O2    . C   A 1 6  ? 12.196  8.566   -5.092  1.00 39.13  ? 6  C   A O2    1 
ATOM   123  N  N3    . C   A 1 6  ? 10.475  9.882   -4.406  1.00 27.46  ? 6  C   A N3    1 
ATOM   124  C  C4    . C   A 1 6  ? 9.245   10.341  -4.645  1.00 26.38  ? 6  C   A C4    1 
ATOM   125  N  N4    . C   A 1 6  ? 8.748   11.250  -3.809  1.00 27.53  ? 6  C   A N4    1 
ATOM   126  C  C5    . C   A 1 6  ? 8.481   9.902   -5.766  1.00 24.31  ? 6  C   A C5    1 
ATOM   127  C  C6    . C   A 1 6  ? 9.058   9.027   -6.603  1.00 15.63  ? 6  C   A C6    1 
ATOM   128  P  P     . A   A 1 7  ? 8.593   3.483   -6.869  1.00 59.95  ? 7  A   A P     1 
ATOM   129  O  OP1   . A   A 1 7  ? 8.590   2.111   -7.435  1.00 70.33  ? 7  A   A OP1   1 
ATOM   130  O  OP2   . A   A 1 7  ? 7.300   4.164   -6.594  1.00 38.19  ? 7  A   A OP2   1 
ATOM   131  O  "O5'" . A   A 1 7  ? 9.468   3.441   -5.538  1.00 35.80  ? 7  A   A "O5'" 1 
ATOM   132  C  "C5'" . A   A 1 7  ? 10.759  2.845   -5.548  1.00 36.63  ? 7  A   A "C5'" 1 
ATOM   133  C  "C4'" . A   A 1 7  ? 11.520  3.222   -4.302  1.00 43.01  ? 7  A   A "C4'" 1 
ATOM   134  O  "O4'" . A   A 1 7  ? 11.714  4.661   -4.272  1.00 49.91  ? 7  A   A "O4'" 1 
ATOM   135  C  "C3'" . A   A 1 7  ? 10.822  2.921   -2.988  1.00 41.07  ? 7  A   A "C3'" 1 
ATOM   136  O  "O3'" . A   A 1 7  ? 11.056  1.582   -2.584  1.00 57.81  ? 7  A   A "O3'" 1 
ATOM   137  C  "C2'" . A   A 1 7  ? 11.515  3.884   -2.038  1.00 48.78  ? 7  A   A "C2'" 1 
ATOM   138  O  "O2'" . A   A 1 7  ? 12.786  3.413   -1.635  1.00 44.15  ? 7  A   A "O2'" 1 
ATOM   139  C  "C1'" . A   A 1 7  ? 11.677  5.115   -2.929  1.00 45.41  ? 7  A   A "C1'" 1 
ATOM   140  N  N9    . A   A 1 7  ? 10.567  6.055   -2.796  1.00 37.51  ? 7  A   A N9    1 
ATOM   141  C  C8    . A   A 1 7  ? 9.486   6.225   -3.629  1.00 39.46  ? 7  A   A C8    1 
ATOM   142  N  N7    . A   A 1 7  ? 8.678   7.188   -3.254  1.00 41.06  ? 7  A   A N7    1 
ATOM   143  C  C5    . A   A 1 7  ? 9.262   7.677   -2.093  1.00 38.31  ? 7  A   A C5    1 
ATOM   144  C  C6    . A   A 1 7  ? 8.900   8.713   -1.222  1.00 49.73  ? 7  A   A C6    1 
ATOM   145  N  N6    . A   A 1 7  ? 7.819   9.478   -1.395  1.00 36.45  ? 7  A   A N6    1 
ATOM   146  N  N1    . A   A 1 7  ? 9.701   8.944   -0.154  1.00 50.47  ? 7  A   A N1    1 
ATOM   147  C  C2    . A   A 1 7  ? 10.787  8.174   0.013   1.00 30.25  ? 7  A   A C2    1 
ATOM   148  N  N3    . A   A 1 7  ? 11.230  7.174   -0.737  1.00 31.95  ? 7  A   A N3    1 
ATOM   149  C  C4    . A   A 1 7  ? 10.415  6.977   -1.790  1.00 36.74  ? 7  A   A C4    1 
ATOM   150  P  P     . C   A 1 8  ? 9.929   0.796   -1.762  1.00 51.24  ? 8  C   A P     1 
ATOM   151  O  OP1   . C   A 1 8  ? 10.496  -0.529  -1.416  1.00 65.44  ? 8  C   A OP1   1 
ATOM   152  O  OP2   . C   A 1 8  ? 8.674   0.884   -2.548  1.00 54.04  ? 8  C   A OP2   1 
ATOM   153  O  "O5'" . C   A 1 8  ? 9.769   1.625   -0.410  1.00 59.61  ? 8  C   A "O5'" 1 
ATOM   154  C  "C5'" . C   A 1 8  ? 10.796  1.600   0.578   1.00 50.08  ? 8  C   A "C5'" 1 
ATOM   155  C  "C4'" . C   A 1 8  ? 10.538  2.643   1.640   1.00 40.99  ? 8  C   A "C4'" 1 
ATOM   156  O  "O4'" . C   A 1 8  ? 10.542  3.966   1.034   1.00 53.01  ? 8  C   A "O4'" 1 
ATOM   157  C  "C3'" . C   A 1 8  ? 9.182   2.586   2.309   1.00 46.88  ? 8  C   A "C3'" 1 
ATOM   158  O  "O3'" . C   A 1 8  ? 9.121   1.590   3.307   1.00 42.40  ? 8  C   A "O3'" 1 
ATOM   159  C  "C2'" . C   A 1 8  ? 9.076   3.987   2.887   1.00 44.83  ? 8  C   A "C2'" 1 
ATOM   160  O  "O2'" . C   A 1 8  ? 9.892   4.164   4.026   1.00 35.91  ? 8  C   A "O2'" 1 
ATOM   161  C  "C1'" . C   A 1 8  ? 9.636   4.807   1.731   1.00 36.89  ? 8  C   A "C1'" 1 
ATOM   162  N  N1    . C   A 1 8  ? 8.571   5.203   0.805   1.00 42.22  ? 8  C   A N1    1 
ATOM   163  C  C2    . C   A 1 8  ? 7.772   6.285   1.152   1.00 37.68  ? 8  C   A C2    1 
ATOM   164  O  O2    . C   A 1 8  ? 7.999   6.863   2.223   1.00 35.76  ? 8  C   A O2    1 
ATOM   165  N  N3    . C   A 1 8  ? 6.775   6.670   0.322   1.00 22.76  ? 8  C   A N3    1 
ATOM   166  C  C4    . C   A 1 8  ? 6.566   6.006   -0.819  1.00 41.14  ? 8  C   A C4    1 
ATOM   167  N  N4    . C   A 1 8  ? 5.560   6.413   -1.614  1.00 26.72  ? 8  C   A N4    1 
ATOM   168  C  C5    . C   A 1 8  ? 7.375   4.892   -1.200  1.00 23.98  ? 8  C   A C5    1 
ATOM   169  C  C6    . C   A 1 8  ? 8.357   4.529   -0.366  1.00 24.53  ? 8  C   A C6    1 
ATOM   170  P  P     . A   A 1 9  ? 7.747   0.789   3.521   1.00 48.37  ? 9  A   A P     1 
ATOM   171  O  OP1   . A   A 1 9  ? 8.024   -0.386  4.391   1.00 43.16  ? 9  A   A OP1   1 
ATOM   172  O  OP2   . A   A 1 9  ? 7.141   0.584   2.182   1.00 41.77  ? 9  A   A OP2   1 
ATOM   173  O  "O5'" . A   A 1 9  ? 6.853   1.826   4.332   1.00 41.54  ? 9  A   A "O5'" 1 
ATOM   174  C  "C5'" . A   A 1 9  ? 7.318   2.354   5.562   1.00 35.47  ? 9  A   A "C5'" 1 
ATOM   175  C  "C4'" . A   A 1 9  ? 6.501   3.544   5.950   1.00 36.78  ? 9  A   A "C4'" 1 
ATOM   176  O  "O4'" . A   A 1 9  ? 6.687   4.597   4.973   1.00 41.67  ? 9  A   A "O4'" 1 
ATOM   177  C  "C3'" . A   A 1 9  ? 5.007   3.295   5.953   1.00 47.08  ? 9  A   A "C3'" 1 
ATOM   178  O  "O3'" . A   A 1 9  ? 4.628   2.725   7.194   1.00 38.52  ? 9  A   A "O3'" 1 
ATOM   179  C  "C2'" . A   A 1 9  ? 4.459   4.705   5.793   1.00 42.54  ? 9  A   A "C2'" 1 
ATOM   180  O  "O2'" . A   A 1 9  ? 4.465   5.410   7.016   1.00 46.50  ? 9  A   A "O2'" 1 
ATOM   181  C  "C1'" . A   A 1 9  ? 5.472   5.313   4.817   1.00 43.70  ? 9  A   A "C1'" 1 
ATOM   182  N  N9    . A   A 1 9  ? 5.052   5.206   3.418   1.00 33.84  ? 9  A   A N9    1 
ATOM   183  C  C8    . A   A 1 9  ? 5.472   4.305   2.470   1.00 25.75  ? 9  A   A C8    1 
ATOM   184  N  N7    . A   A 1 9  ? 4.887   4.456   1.304   1.00 25.01  ? 9  A   A N7    1 
ATOM   185  C  C5    . A   A 1 9  ? 4.027   5.532   1.499   1.00 13.30  ? 9  A   A C5    1 
ATOM   186  C  C6    . A   A 1 9  ? 3.120   6.193   0.643   1.00 16.05  ? 9  A   A C6    1 
ATOM   187  N  N6    . A   A 1 9  ? 2.907   5.852   -0.628  1.00 31.03  ? 9  A   A N6    1 
ATOM   188  N  N1    . A   A 1 9  ? 2.430   7.234   1.147   1.00 25.03  ? 9  A   A N1    1 
ATOM   189  C  C2    . A   A 1 9  ? 2.637   7.581   2.422   1.00 32.73  ? 9  A   A C2    1 
ATOM   190  N  N3    . A   A 1 9  ? 3.453   7.040   3.325   1.00 18.78  ? 9  A   A N3    1 
ATOM   191  C  C4    . A   A 1 9  ? 4.127   6.008   2.792   1.00 24.51  ? 9  A   A C4    1 
ATOM   192  P  P     . C   A 1 10 ? 3.609   1.490   7.225   1.00 42.81  ? 10 C   A P     1 
ATOM   193  O  OP1   . C   A 1 10 ? 4.014   0.700   8.418   1.00 37.29  ? 10 C   A OP1   1 
ATOM   194  O  OP2   . C   A 1 10 ? 3.564   0.845   5.885   1.00 38.37  ? 10 C   A OP2   1 
ATOM   195  O  "O5'" . C   A 1 10 ? 2.184   2.152   7.494   1.00 36.07  ? 10 C   A "O5'" 1 
ATOM   196  C  "C5'" . C   A 1 10 ? 1.969   2.949   8.646   1.00 32.73  ? 10 C   A "C5'" 1 
ATOM   197  C  "C4'" . C   A 1 10 ? 1.088   4.121   8.310   1.00 44.83  ? 10 C   A "C4'" 1 
ATOM   198  O  "O4'" . C   A 1 10 ? 1.678   4.870   7.215   1.00 46.20  ? 10 C   A "O4'" 1 
ATOM   199  C  "C3'" . C   A 1 10 ? -0.301  3.779   7.806   1.00 45.83  ? 10 C   A "C3'" 1 
ATOM   200  O  "O3'" . C   A 1 10 ? -1.171  3.562   8.909   1.00 55.95  ? 10 C   A "O3'" 1 
ATOM   201  C  "C2'" . C   A 1 10 ? -0.684  5.053   7.067   1.00 45.44  ? 10 C   A "C2'" 1 
ATOM   202  O  "O2'" . C   A 1 10 ? -1.103  6.070   7.950   1.00 50.67  ? 10 C   A "O2'" 1 
ATOM   203  C  "C1'" . C   A 1 10 ? 0.650   5.451   6.435   1.00 25.41  ? 10 C   A "C1'" 1 
ATOM   204  N  N1    . C   A 1 10 ? 0.786   4.967   5.057   1.00 39.10  ? 10 C   A N1    1 
ATOM   205  C  C2    . C   A 1 10 ? 0.053   5.600   4.056   1.00 35.70  ? 10 C   A C2    1 
ATOM   206  O  O2    . C   A 1 10 ? -0.717  6.515   4.370   1.00 35.50  ? 10 C   A O2    1 
ATOM   207  N  N3    . C   A 1 10 ? 0.191   5.194   2.775   1.00 35.95  ? 10 C   A N3    1 
ATOM   208  C  C4    . C   A 1 10 ? 1.017   4.189   2.482   1.00 39.70  ? 10 C   A C4    1 
ATOM   209  N  N4    . C   A 1 10 ? 1.133   3.838   1.199   1.00 24.75  ? 10 C   A N4    1 
ATOM   210  C  C5    . C   A 1 10 ? 1.760   3.507   3.490   1.00 45.35  ? 10 C   A C5    1 
ATOM   211  C  C6    . C   A 1 10 ? 1.616   3.926   4.753   1.00 41.83  ? 10 C   A C6    1 
ATOM   212  P  P     . C   A 1 11 ? -2.366  2.498   8.786   1.00 57.64  ? 11 C   A P     1 
ATOM   213  O  OP1   . C   A 1 11 ? -2.937  2.343   10.151  1.00 58.87  ? 11 C   A OP1   1 
ATOM   214  O  OP2   . C   A 1 11 ? -1.873  1.301   8.051   1.00 54.35  ? 11 C   A OP2   1 
ATOM   215  O  "O5'" . C   A 1 11 ? -3.444  3.236   7.879   1.00 48.06  ? 11 C   A "O5'" 1 
ATOM   216  C  "C5'" . C   A 1 11 ? -4.170  4.346   8.386   1.00 40.90  ? 11 C   A "C5'" 1 
ATOM   217  C  "C4'" . C   A 1 11 ? -4.992  4.980   7.291   1.00 52.97  ? 11 C   A "C4'" 1 
ATOM   218  O  "O4'" . C   A 1 11 ? -4.120  5.462   6.234   1.00 46.81  ? 11 C   A "O4'" 1 
ATOM   219  C  "C3'" . C   A 1 11 ? -5.937  4.049   6.552   1.00 59.11  ? 11 C   A "C3'" 1 
ATOM   220  O  "O3'" . C   A 1 11 ? -7.135  3.840   7.286   1.00 61.40  ? 11 C   A "O3'" 1 
ATOM   221  C  "C2'" . C   A 1 11 ? -6.198  4.825   5.267   1.00 58.40  ? 11 C   A "C2'" 1 
ATOM   222  O  "O2'" . C   A 1 11 ? -7.163  5.845   5.427   1.00 68.06  ? 11 C   A "O2'" 1 
ATOM   223  C  "C1'" . C   A 1 11 ? -4.824  5.443   5.002   1.00 38.38  ? 11 C   A "C1'" 1 
ATOM   224  N  N1    . C   A 1 11 ? -4.047  4.677   4.021   1.00 30.85  ? 11 C   A N1    1 
ATOM   225  C  C2    . C   A 1 11 ? -4.359  4.827   2.669   1.00 35.86  ? 11 C   A C2    1 
ATOM   226  O  O2    . C   A 1 11 ? -5.281  5.589   2.353   1.00 39.39  ? 11 C   A O2    1 
ATOM   227  N  N3    . C   A 1 11 ? -3.657  4.138   1.744   1.00 31.57  ? 11 C   A N3    1 
ATOM   228  C  C4    . C   A 1 11 ? -2.677  3.320   2.129   1.00 42.77  ? 11 C   A C4    1 
ATOM   229  N  N4    . C   A 1 11 ? -2.008  2.658   1.180   1.00 44.56  ? 11 C   A N4    1 
ATOM   230  C  C5    . C   A 1 11 ? -2.338  3.142   3.503   1.00 31.24  ? 11 C   A C5    1 
ATOM   231  C  C6    . C   A 1 11 ? -3.040  3.838   4.408   1.00 23.28  ? 11 C   A C6    1 
ATOM   232  P  P     . G   A 1 12 ? -7.955  2.470   7.089   1.00 60.15  ? 12 G   A P     1 
ATOM   233  O  OP1   . G   A 1 12 ? -9.074  2.507   8.063   1.00 75.73  ? 12 G   A OP1   1 
ATOM   234  O  OP2   . G   A 1 12 ? -7.020  1.315   7.093   1.00 48.53  ? 12 G   A OP2   1 
ATOM   235  O  "O5'" . G   A 1 12 ? -8.562  2.599   5.625   1.00 53.86  ? 12 G   A "O5'" 1 
ATOM   236  C  "C5'" . G   A 1 12 ? -9.662  3.460   5.376   1.00 55.41  ? 12 G   A "C5'" 1 
ATOM   237  C  "C4'" . G   A 1 12 ? -10.044 3.400   3.924   1.00 48.37  ? 12 G   A "C4'" 1 
ATOM   238  O  "O4'" . G   A 1 12 ? -8.949  3.929   3.130   1.00 55.16  ? 12 G   A "O4'" 1 
ATOM   239  C  "C3'" . G   A 1 12 ? -10.235 2.005   3.362   1.00 50.42  ? 12 G   A "C3'" 1 
ATOM   240  O  "O3'" . G   A 1 12 ? -11.519 1.477   3.654   1.00 63.88  ? 12 G   A "O3'" 1 
ATOM   241  C  "C2'" . G   A 1 12 ? -10.067 2.257   1.876   1.00 56.62  ? 12 G   A "C2'" 1 
ATOM   242  O  "O2'" . G   A 1 12 ? -11.225 2.839   1.318   1.00 38.70  ? 12 G   A "O2'" 1 
ATOM   243  C  "C1'" . G   A 1 12 ? -8.911  3.260   1.879   1.00 48.87  ? 12 G   A "C1'" 1 
ATOM   244  N  N9    . G   A 1 12 ? -7.619  2.591   1.750   1.00 37.24  ? 12 G   A N9    1 
ATOM   245  C  C8    . G   A 1 12 ? -6.736  2.267   2.754   1.00 36.47  ? 12 G   A C8    1 
ATOM   246  N  N7    . G   A 1 12 ? -5.671  1.645   2.319   1.00 41.78  ? 12 G   A N7    1 
ATOM   247  C  C5    . G   A 1 12 ? -5.858  1.563   0.944   1.00 10.00  ? 12 G   A C5    1 
ATOM   248  C  C6    . G   A 1 12 ? -5.030  0.996   -0.071  1.00 33.08  ? 12 G   A C6    1 
ATOM   249  O  O6    . G   A 1 12 ? -3.922  0.444   0.049   1.00 38.57  ? 12 G   A O6    1 
ATOM   250  N  N1    . G   A 1 12 ? -5.608  1.124   -1.329  1.00 26.70  ? 12 G   A N1    1 
ATOM   251  C  C2    . G   A 1 12 ? -6.818  1.730   -1.587  1.00 33.61  ? 12 G   A C2    1 
ATOM   252  N  N2    . G   A 1 12 ? -7.205  1.772   -2.870  1.00 30.71  ? 12 G   A N2    1 
ATOM   253  N  N3    . G   A 1 12 ? -7.593  2.262   -0.655  1.00 16.61  ? 12 G   A N3    1 
ATOM   254  C  C4    . G   A 1 12 ? -7.054  2.143   0.577   1.00 28.42  ? 12 G   A C4    1 
ATOM   255  P  P     . G   A 1 13 ? -11.755 -0.111  3.581   1.00 57.70  ? 13 G   A P     1 
ATOM   256  O  OP1   . G   A 1 13 ? -13.132 -0.386  4.060   1.00 73.20  ? 13 G   A OP1   1 
ATOM   257  O  OP2   . G   A 1 13 ? -10.603 -0.785  4.234   1.00 67.58  ? 13 G   A OP2   1 
ATOM   258  O  "O5'" . G   A 1 13 ? -11.712 -0.429  2.023   1.00 55.15  ? 13 G   A "O5'" 1 
ATOM   259  C  "C5'" . G   A 1 13 ? -12.624 0.199   1.130   1.00 51.16  ? 13 G   A "C5'" 1 
ATOM   260  C  "C4'" . G   A 1 13 ? -12.277 -0.152  -0.289  1.00 44.64  ? 13 G   A "C4'" 1 
ATOM   261  O  "O4'" . G   A 1 13 ? -10.968 0.389   -0.610  1.00 49.39  ? 13 G   A "O4'" 1 
ATOM   262  C  "C3'" . G   A 1 13 ? -12.117 -1.637  -0.544  1.00 53.90  ? 13 G   A "C3'" 1 
ATOM   263  O  "O3'" . G   A 1 13 ? -13.378 -2.258  -0.737  1.00 56.23  ? 13 G   A "O3'" 1 
ATOM   264  C  "C2'" . G   A 1 13 ? -11.249 -1.650  -1.794  1.00 57.91  ? 13 G   A "C2'" 1 
ATOM   265  O  "O2'" . G   A 1 13 ? -11.977 -1.380  -2.971  1.00 62.12  ? 13 G   A "O2'" 1 
ATOM   266  C  "C1'" . G   A 1 13 ? -10.296 -0.488  -1.505  1.00 51.53  ? 13 G   A "C1'" 1 
ATOM   267  N  N9    . G   A 1 13 ? -9.046  -0.921  -0.885  1.00 39.71  ? 13 G   A N9    1 
ATOM   268  C  C8    . G   A 1 13 ? -8.714  -0.861  0.448   1.00 39.04  ? 13 G   A C8    1 
ATOM   269  N  N7    . G   A 1 13 ? -7.525  -1.340  0.703   1.00 35.87  ? 13 G   A N7    1 
ATOM   270  C  C5    . G   A 1 13 ? -7.041  -1.743  -0.536  1.00 28.39  ? 13 G   A C5    1 
ATOM   271  C  C6    . G   A 1 13 ? -5.800  -2.348  -0.894  1.00 26.44  ? 13 G   A C6    1 
ATOM   272  O  O6    . G   A 1 13 ? -4.854  -2.670  -0.161  1.00 40.15  ? 13 G   A O6    1 
ATOM   273  N  N1    . G   A 1 13 ? -5.722  -2.578  -2.260  1.00 31.44  ? 13 G   A N1    1 
ATOM   274  C  C2    . G   A 1 13 ? -6.701  -2.273  -3.171  1.00 28.31  ? 13 G   A C2    1 
ATOM   275  N  N2    . G   A 1 13 ? -6.423  -2.567  -4.448  1.00 35.26  ? 13 G   A N2    1 
ATOM   276  N  N3    . G   A 1 13 ? -7.861  -1.721  -2.856  1.00 30.64  ? 13 G   A N3    1 
ATOM   277  C  C4    . G   A 1 13 ? -7.962  -1.484  -1.529  1.00 38.55  ? 13 G   A C4    1 
ATOM   278  P  P     . U   A 1 14 ? -13.604 -3.768  -0.229  1.00 58.87  ? 14 U   A P     1 
ATOM   279  O  OP1   . U   A 1 14 ? -15.066 -4.038  -0.247  1.00 69.22  ? 14 U   A OP1   1 
ATOM   280  O  OP2   . U   A 1 14 ? -12.837 -3.973  1.030   1.00 43.96  ? 14 U   A OP2   1 
ATOM   281  O  "O5'" . U   A 1 14 ? -12.925 -4.639  -1.372  1.00 47.21  ? 14 U   A "O5'" 1 
ATOM   282  C  "C5'" . U   A 1 14 ? -13.296 -4.458  -2.730  1.00 37.64  ? 14 U   A "C5'" 1 
ATOM   283  C  "C4'" . U   A 1 14 ? -12.251 -5.050  -3.630  1.00 35.72  ? 14 U   A "C4'" 1 
ATOM   284  O  "O4'" . U   A 1 14 ? -11.019 -4.292  -3.489  1.00 50.56  ? 14 U   A "O4'" 1 
ATOM   285  C  "C3'" . U   A 1 14 ? -11.819 -6.458  -3.271  1.00 49.10  ? 14 U   A "C3'" 1 
ATOM   286  O  "O3'" . U   A 1 14 ? -12.745 -7.443  -3.709  1.00 50.55  ? 14 U   A "O3'" 1 
ATOM   287  C  "C2'" . U   A 1 14 ? -10.469 -6.546  -3.970  1.00 43.91  ? 14 U   A "C2'" 1 
ATOM   288  O  "O2'" . U   A 1 14 ? -10.591 -6.691  -5.364  1.00 38.39  ? 14 U   A "O2'" 1 
ATOM   289  C  "C1'" . U   A 1 14 ? -9.905  -5.156  -3.682  1.00 35.88  ? 14 U   A "C1'" 1 
ATOM   290  N  N1    . U   A 1 14 ? -9.067  -5.135  -2.473  1.00 30.28  ? 14 U   A N1    1 
ATOM   291  C  C2    . U   A 1 14 ? -7.772  -5.586  -2.601  1.00 38.32  ? 14 U   A C2    1 
ATOM   292  O  O2    . U   A 1 14 ? -7.319  -5.974  -3.663  1.00 38.30  ? 14 U   A O2    1 
ATOM   293  N  N3    . U   A 1 14 ? -7.028  -5.571  -1.441  1.00 40.55  ? 14 U   A N3    1 
ATOM   294  C  C4    . U   A 1 14 ? -7.446  -5.159  -0.194  1.00 40.99  ? 14 U   A C4    1 
ATOM   295  O  O4    . U   A 1 14 ? -6.678  -5.258  0.769   1.00 40.36  ? 14 U   A O4    1 
ATOM   296  C  C5    . U   A 1 14 ? -8.799  -4.694  -0.146  1.00 41.15  ? 14 U   A C5    1 
ATOM   297  C  C6    . U   A 1 14 ? -9.545  -4.695  -1.260  1.00 31.92  ? 14 U   A C6    1 
ATOM   298  P  P     . G   A 1 15 ? -12.853 -8.833  -2.909  1.00 54.08  ? 15 G   A P     1 
ATOM   299  O  OP1   . G   A 1 15 ? -14.005 -9.590  -3.457  1.00 75.35  ? 15 G   A OP1   1 
ATOM   300  O  OP2   . G   A 1 15 ? -12.779 -8.564  -1.450  1.00 57.63  ? 15 G   A OP2   1 
ATOM   301  O  "O5'" . G   A 1 15 ? -11.526 -9.599  -3.323  1.00 50.39  ? 15 G   A "O5'" 1 
ATOM   302  C  "C5'" . G   A 1 15 ? -11.358 -10.072 -4.648  1.00 39.09  ? 15 G   A "C5'" 1 
ATOM   303  C  "C4'" . G   A 1 15 ? -10.067 -10.835 -4.765  1.00 28.42  ? 15 G   A "C4'" 1 
ATOM   304  O  "O4'" . G   A 1 15 ? -8.946  -9.925  -4.628  1.00 41.84  ? 15 G   A "O4'" 1 
ATOM   305  C  "C3'" . G   A 1 15 ? -9.825  -11.851 -3.670  1.00 38.30  ? 15 G   A "C3'" 1 
ATOM   306  O  "O3'" . G   A 1 15 ? -10.523 -13.055 -3.930  1.00 56.43  ? 15 G   A "O3'" 1 
ATOM   307  C  "C2'" . G   A 1 15 ? -8.318  -12.035 -3.747  1.00 38.80  ? 15 G   A "C2'" 1 
ATOM   308  O  "O2'" . G   A 1 15 ? -7.942  -12.854 -4.828  1.00 53.68  ? 15 G   A "O2'" 1 
ATOM   309  C  "C1'" . G   A 1 15 ? -7.858  -10.603 -4.020  1.00 34.90  ? 15 G   A "C1'" 1 
ATOM   310  N  N9    . G   A 1 15 ? -7.490  -9.889  -2.802  1.00 31.30  ? 15 G   A N9    1 
ATOM   311  C  C8    . G   A 1 15 ? -8.318  -9.185  -1.957  1.00 24.96  ? 15 G   A C8    1 
ATOM   312  N  N7    . G   A 1 15 ? -7.685  -8.661  -0.940  1.00 26.07  ? 15 G   A N7    1 
ATOM   313  C  C5    . G   A 1 15 ? -6.359  -9.040  -1.128  1.00 25.49  ? 15 G   A C5    1 
ATOM   314  C  C6    . G   A 1 15 ? -5.194  -8.766  -0.344  1.00 31.14  ? 15 G   A C6    1 
ATOM   315  O  O6    . G   A 1 15 ? -5.103  -8.129  0.719   1.00 35.04  ? 15 G   A O6    1 
ATOM   316  N  N1    . G   A 1 15 ? -4.055  -9.332  -0.913  1.00 12.93  ? 15 G   A N1    1 
ATOM   317  C  C2    . G   A 1 15 ? -4.038  -10.082 -2.068  1.00 35.47  ? 15 G   A C2    1 
ATOM   318  N  N2    . G   A 1 15 ? -2.846  -10.559 -2.448  1.00 40.66  ? 15 G   A N2    1 
ATOM   319  N  N3    . G   A 1 15 ? -5.110  -10.347 -2.797  1.00 34.33  ? 15 G   A N3    1 
ATOM   320  C  C4    . G   A 1 15 ? -6.226  -9.797  -2.274  1.00 26.66  ? 15 G   A C4    1 
ATOM   321  P  P     . A   A 1 16 ? -10.701 -14.131 -2.754  1.00 63.51  ? 16 A   A P     1 
ATOM   322  O  OP1   . A   A 1 16 ? -12.149 -14.409 -2.614  1.00 71.82  ? 16 A   A OP1   1 
ATOM   323  O  OP2   . A   A 1 16 ? -9.925  -13.691 -1.566  1.00 72.80  ? 16 A   A OP2   1 
ATOM   324  O  "O5'" . A   A 1 16 ? -9.989  -15.414 -3.361  1.00 69.98  ? 16 A   A "O5'" 1 
ATOM   325  C  "C5'" . A   A 1 16 ? -10.402 -15.939 -4.609  1.00 55.97  ? 16 A   A "C5'" 1 
ATOM   326  C  "C4'" . A   A 1 16 ? -9.305  -16.775 -5.216  1.00 57.18  ? 16 A   A "C4'" 1 
ATOM   327  O  "O4'" . A   A 1 16 ? -8.290  -15.933 -5.836  1.00 41.55  ? 16 A   A "O4'" 1 
ATOM   328  C  "C3'" . A   A 1 16 ? -8.502  -17.644 -4.263  1.00 53.23  ? 16 A   A "C3'" 1 
ATOM   329  O  "O3'" . A   A 1 16 ? -9.240  -18.791 -3.804  1.00 53.80  ? 16 A   A "O3'" 1 
ATOM   330  C  "C2'" . A   A 1 16 ? -7.292  -17.971 -5.144  1.00 32.65  ? 16 A   A "C2'" 1 
ATOM   331  O  "O2'" . A   A 1 16 ? -7.563  -18.924 -6.152  1.00 54.76  ? 16 A   A "O2'" 1 
ATOM   332  C  "C1'" . A   A 1 16 ? -7.049  -16.626 -5.835  1.00 30.71  ? 16 A   A "C1'" 1 
ATOM   333  N  N9    . A   A 1 16 ? -6.065  -15.819 -5.120  1.00 35.40  ? 16 A   A N9    1 
ATOM   334  C  C8    . A   A 1 16 ? -6.285  -14.709 -4.347  1.00 36.62  ? 16 A   A C8    1 
ATOM   335  N  N7    . A   A 1 16 ? -5.197  -14.207 -3.816  1.00 35.14  ? 16 A   A N7    1 
ATOM   336  C  C5    . A   A 1 16 ? -4.191  -15.042 -4.271  1.00 24.28  ? 16 A   A C5    1 
ATOM   337  C  C6    . A   A 1 16 ? -2.802  -15.049 -4.056  1.00 30.42  ? 16 A   A C6    1 
ATOM   338  N  N6    . A   A 1 16 ? -2.171  -14.155 -3.289  1.00 43.57  ? 16 A   A N6    1 
ATOM   339  N  N1    . A   A 1 16 ? -2.078  -16.022 -4.658  1.00 39.99  ? 16 A   A N1    1 
ATOM   340  C  C2    . A   A 1 16 ? -2.726  -16.925 -5.417  1.00 43.90  ? 16 A   A C2    1 
ATOM   341  N  N3    . A   A 1 16 ? -4.031  -17.022 -5.691  1.00 23.20  ? 16 A   A N3    1 
ATOM   342  C  C4    . A   A 1 16 ? -4.713  -16.040 -5.081  1.00 25.01  ? 16 A   A C4    1 
ATOM   343  P  P     . A   A 1 17 ? -9.086  -19.294 -2.268  1.00 42.22  ? 17 A   A P     1 
ATOM   344  O  OP1   . A   A 1 17 ? -10.004 -20.423 -2.077  1.00 27.84  ? 17 A   A OP1   1 
ATOM   345  O  OP2   . A   A 1 17 ? -9.154  -18.135 -1.332  1.00 26.72  ? 17 A   A OP2   1 
ATOM   346  O  "O5'" . A   A 1 17 ? -7.612  -19.902 -2.199  1.00 36.79  ? 17 A   A "O5'" 1 
ATOM   347  C  "C5'" . A   A 1 17 ? -7.259  -21.042 -2.980  1.00 33.43  ? 17 A   A "C5'" 1 
ATOM   348  C  "C4'" . A   A 1 17 ? -5.759  -21.239 -2.994  1.00 29.86  ? 17 A   A "C4'" 1 
ATOM   349  O  "O4'" . A   A 1 17 ? -5.124  -20.143 -3.712  1.00 44.67  ? 17 A   A "O4'" 1 
ATOM   350  C  "C3'" . A   A 1 17 ? -5.076  -21.250 -1.633  1.00 44.49  ? 17 A   A "C3'" 1 
ATOM   351  O  "O3'" . A   A 1 17 ? -5.156  -22.528 -0.997  1.00 32.04  ? 17 A   A "O3'" 1 
ATOM   352  C  "C2'" . A   A 1 17 ? -3.649  -20.854 -2.006  1.00 35.35  ? 17 A   A "C2'" 1 
ATOM   353  O  "O2'" . A   A 1 17 ? -2.896  -21.906 -2.574  1.00 27.04  ? 17 A   A "O2'" 1 
ATOM   354  C  "C1'" . A   A 1 17 ? -3.915  -19.779 -3.061  1.00 27.10  ? 17 A   A "C1'" 1 
ATOM   355  N  N9    . A   A 1 17 ? -4.127  -18.485 -2.418  1.00 35.15  ? 17 A   A N9    1 
ATOM   356  C  C8    . A   A 1 17 ? -5.311  -17.804 -2.254  1.00 34.74  ? 17 A   A C8    1 
ATOM   357  N  N7    . A   A 1 17 ? -5.185  -16.679 -1.594  1.00 34.91  ? 17 A   A N7    1 
ATOM   358  C  C5    . A   A 1 17 ? -3.826  -16.610 -1.312  1.00 36.51  ? 17 A   A C5    1 
ATOM   359  C  C6    . A   A 1 17 ? -3.048  -15.656 -0.635  1.00 33.22  ? 17 A   A C6    1 
ATOM   360  N  N6    . A   A 1 17 ? -3.549  -14.538 -0.102  1.00 34.00  ? 17 A   A N6    1 
ATOM   361  N  N1    . A   A 1 17 ? -1.721  -15.889 -0.526  1.00 49.72  ? 17 A   A N1    1 
ATOM   362  C  C2    . A   A 1 17 ? -1.221  -17.006 -1.073  1.00 42.62  ? 17 A   A C2    1 
ATOM   363  N  N3    . A   A 1 17 ? -1.848  -17.972 -1.737  1.00 28.97  ? 17 A   A N3    1 
ATOM   364  C  C4    . A   A 1 17 ? -3.164  -17.711 -1.821  1.00 28.70  ? 17 A   A C4    1 
ATOM   365  P  P     . G   A 1 18 ? -5.239  -22.621 0.614   1.00 49.31  ? 18 G   A P     1 
ATOM   366  O  OP1   . G   A 1 18 ? -5.163  -24.061 0.965   1.00 61.34  ? 18 G   A OP1   1 
ATOM   367  O  OP2   . G   A 1 18 ? -6.363  -21.799 1.130   1.00 16.52  ? 18 G   A OP2   1 
ATOM   368  O  "O5'" . G   A 1 18 ? -3.911  -21.907 1.123   1.00 49.23  ? 18 G   A "O5'" 1 
ATOM   369  C  "C5'" . G   A 1 18 ? -2.635  -22.510 0.954   1.00 41.56  ? 18 G   A "C5'" 1 
ATOM   370  C  "C4'" . G   A 1 18 ? -1.587  -21.656 1.615   1.00 50.83  ? 18 G   A "C4'" 1 
ATOM   371  O  "O4'" . G   A 1 18 ? -1.589  -20.344 0.984   1.00 44.90  ? 18 G   A "O4'" 1 
ATOM   372  C  "C3'" . G   A 1 18 ? -1.873  -21.347 3.075   1.00 45.40  ? 18 G   A "C3'" 1 
ATOM   373  O  "O3'" . G   A 1 18 ? -1.439  -22.386 3.935   1.00 56.82  ? 18 G   A "O3'" 1 
ATOM   374  C  "C2'" . G   A 1 18 ? -1.086  -20.067 3.280   1.00 39.16  ? 18 G   A "C2'" 1 
ATOM   375  O  "O2'" . G   A 1 18 ? 0.300   -20.317 3.396   1.00 51.28  ? 18 G   A "O2'" 1 
ATOM   376  C  "C1'" . G   A 1 18 ? -1.381  -19.341 1.968   1.00 46.31  ? 18 G   A "C1'" 1 
ATOM   377  N  N9    . G   A 1 18 ? -2.584  -18.514 2.056   1.00 43.16  ? 18 G   A N9    1 
ATOM   378  C  C8    . G   A 1 18 ? -3.798  -18.720 1.435   1.00 29.39  ? 18 G   A C8    1 
ATOM   379  N  N7    . G   A 1 18 ? -4.687  -17.807 1.730   1.00 36.28  ? 18 G   A N7    1 
ATOM   380  C  C5    . G   A 1 18 ? -4.021  -16.942 2.591   1.00 26.07  ? 18 G   A C5    1 
ATOM   381  C  C6    . G   A 1 18 ? -4.471  -15.753 3.244   1.00 36.32  ? 18 G   A C6    1 
ATOM   382  O  O6    . G   A 1 18 ? -5.588  -15.196 3.172   1.00 22.31  ? 18 G   A O6    1 
ATOM   383  N  N1    . G   A 1 18 ? -3.469  -15.200 4.040   1.00 28.24  ? 18 G   A N1    1 
ATOM   384  C  C2    . G   A 1 18 ? -2.197  -15.709 4.182   1.00 39.35  ? 18 G   A C2    1 
ATOM   385  N  N2    . G   A 1 18 ? -1.372  -15.034 5.002   1.00 27.63  ? 18 G   A N2    1 
ATOM   386  N  N3    . G   A 1 18 ? -1.762  -16.801 3.568   1.00 32.48  ? 18 G   A N3    1 
ATOM   387  C  C4    . G   A 1 18 ? -2.720  -17.364 2.800   1.00 34.32  ? 18 G   A C4    1 
ATOM   388  P  P     . U   A 1 19 ? -2.160  -22.579 5.357   1.00 55.78  ? 19 U   A P     1 
ATOM   389  O  OP1   . U   A 1 19 ? -1.663  -23.841 5.970   1.00 77.87  ? 19 U   A OP1   1 
ATOM   390  O  OP2   . U   A 1 19 ? -3.619  -22.386 5.158   1.00 64.17  ? 19 U   A OP2   1 
ATOM   391  O  "O5'" . U   A 1 19 ? -1.636  -21.355 6.225   1.00 51.43  ? 19 U   A "O5'" 1 
ATOM   392  C  "C5'" . U   A 1 19 ? -0.283  -21.282 6.658   1.00 47.12  ? 19 U   A "C5'" 1 
ATOM   393  C  "C4'" . U   A 1 19 ? -0.132  -20.189 7.687   1.00 56.82  ? 19 U   A "C4'" 1 
ATOM   394  O  "O4'" . U   A 1 19 ? -0.454  -18.909 7.077   1.00 53.80  ? 19 U   A "O4'" 1 
ATOM   395  C  "C3'" . U   A 1 19 ? -1.101  -20.277 8.852   1.00 51.30  ? 19 U   A "C3'" 1 
ATOM   396  O  "O3'" . U   A 1 19 ? -0.637  -21.183 9.841   1.00 66.96  ? 19 U   A "O3'" 1 
ATOM   397  C  "C2'" . U   A 1 19 ? -1.115  -18.844 9.357   1.00 54.39  ? 19 U   A "C2'" 1 
ATOM   398  O  "O2'" . U   A 1 19 ? 0.031   -18.546 10.124  1.00 57.75  ? 19 U   A "O2'" 1 
ATOM   399  C  "C1'" . U   A 1 19 ? -1.069  -18.066 8.038   1.00 51.69  ? 19 U   A "C1'" 1 
ATOM   400  N  N1    . U   A 1 19 ? -2.393  -17.665 7.534   1.00 41.04  ? 19 U   A N1    1 
ATOM   401  C  C2    . U   A 1 19 ? -3.063  -16.646 8.207   1.00 39.98  ? 19 U   A C2    1 
ATOM   402  O  O2    . U   A 1 19 ? -2.600  -16.077 9.190   1.00 49.88  ? 19 U   A O2    1 
ATOM   403  N  N3    . U   A 1 19 ? -4.292  -16.315 7.683   1.00 25.94  ? 19 U   A N3    1 
ATOM   404  C  C4    . U   A 1 19 ? -4.905  -16.865 6.574   1.00 26.13  ? 19 U   A C4    1 
ATOM   405  O  O4    . U   A 1 19 ? -5.963  -16.377 6.166   1.00 34.64  ? 19 U   A O4    1 
ATOM   406  C  C5    . U   A 1 19 ? -4.161  -17.913 5.939   1.00 20.07  ? 19 U   A C5    1 
ATOM   407  C  C6    . U   A 1 19 ? -2.958  -18.268 6.429   1.00 41.82  ? 19 U   A C6    1 
ATOM   408  P  P     . C   A 1 20 ? -1.677  -22.194 10.539  1.00 78.49  ? 20 C   A P     1 
ATOM   409  O  OP1   . C   A 1 20 ? -0.878  -23.057 11.446  1.00 78.81  ? 20 C   A OP1   1 
ATOM   410  O  OP2   . C   A 1 20 ? -2.520  -22.823 9.492   1.00 80.62  ? 20 C   A OP2   1 
ATOM   411  O  "O5'" . C   A 1 20 ? -2.601  -21.240 11.420  1.00 54.95  ? 20 C   A "O5'" 1 
ATOM   412  C  "C5'" . C   A 1 20 ? -2.071  -20.580 12.564  1.00 54.24  ? 20 C   A "C5'" 1 
ATOM   413  C  "C4'" . C   A 1 20 ? -2.972  -19.446 12.992  1.00 55.78  ? 20 C   A "C4'" 1 
ATOM   414  O  "O4'" . C   A 1 20 ? -3.136  -18.533 11.875  1.00 55.81  ? 20 C   A "O4'" 1 
ATOM   415  C  "C3'" . C   A 1 20 ? -4.403  -19.798 13.373  1.00 60.66  ? 20 C   A "C3'" 1 
ATOM   416  O  "O3'" . C   A 1 20 ? -4.515  -20.281 14.709  1.00 74.89  ? 20 C   A "O3'" 1 
ATOM   417  C  "C2'" . C   A 1 20 ? -5.097  -18.454 13.210  1.00 60.01  ? 20 C   A "C2'" 1 
ATOM   418  O  "O2'" . C   A 1 20 ? -4.861  -17.574 14.291  1.00 54.54  ? 20 C   A "O2'" 1 
ATOM   419  C  "C1'" . C   A 1 20 ? -4.419  -17.929 11.942  1.00 51.19  ? 20 C   A "C1'" 1 
ATOM   420  N  N1    . C   A 1 20 ? -5.183  -18.294 10.739  1.00 35.41  ? 20 C   A N1    1 
ATOM   421  C  C2    . C   A 1 20 ? -6.384  -17.631 10.500  1.00 35.28  ? 20 C   A C2    1 
ATOM   422  O  O2    . C   A 1 20 ? -6.734  -16.744 11.286  1.00 52.04  ? 20 C   A O2    1 
ATOM   423  N  N3    . C   A 1 20 ? -7.130  -17.966 9.424   1.00 26.29  ? 20 C   A N3    1 
ATOM   424  C  C4    . C   A 1 20 ? -6.703  -18.916 8.590   1.00 39.71  ? 20 C   A C4    1 
ATOM   425  N  N4    . C   A 1 20 ? -7.473  -19.206 7.531   1.00 49.66  ? 20 C   A N4    1 
ATOM   426  C  C5    . C   A 1 20 ? -5.470  -19.606 8.800   1.00 20.38  ? 20 C   A C5    1 
ATOM   427  C  C6    . C   A 1 20 ? -4.747  -19.264 9.878   1.00 40.99  ? 20 C   A C6    1 
ATOM   428  P  P     . G   A 1 21 ? -5.632  -21.392 15.067  1.00 75.60  ? 21 G   A P     1 
ATOM   429  O  OP1   . G   A 1 21 ? -5.351  -21.864 16.449  1.00 79.80  ? 21 G   A OP1   1 
ATOM   430  O  OP2   . G   A 1 21 ? -5.678  -22.376 13.956  1.00 83.86  ? 21 G   A OP2   1 
ATOM   431  O  "O5'" . G   A 1 21 ? -7.015  -20.596 15.064  1.00 54.88  ? 21 G   A "O5'" 1 
ATOM   432  C  "C5'" . G   A 1 21 ? -7.304  -19.638 16.076  1.00 54.93  ? 21 G   A "C5'" 1 
ATOM   433  C  "C4'" . G   A 1 21 ? -8.600  -18.915 15.782  1.00 54.03  ? 21 G   A "C4'" 1 
ATOM   434  O  "O4'" . G   A 1 21 ? -8.511  -18.246 14.495  1.00 62.10  ? 21 G   A "O4'" 1 
ATOM   435  C  "C3'" . G   A 1 21 ? -9.855  -19.757 15.643  1.00 49.89  ? 21 G   A "C3'" 1 
ATOM   436  O  "O3'" . G   A 1 21 ? -10.401 -20.097 16.906  1.00 52.34  ? 21 G   A "O3'" 1 
ATOM   437  C  "C2'" . G   A 1 21 ? -10.781 -18.802 14.903  1.00 52.73  ? 21 G   A "C2'" 1 
ATOM   438  O  "O2'" . G   A 1 21 ? -11.330 -17.818 15.752  1.00 45.77  ? 21 G   A "O2'" 1 
ATOM   439  C  "C1'" . G   A 1 21 ? -9.809  -18.136 13.930  1.00 45.64  ? 21 G   A "C1'" 1 
ATOM   440  N  N9    . G   A 1 21 ? -9.813  -18.769 12.612  1.00 42.95  ? 21 G   A N9    1 
ATOM   441  C  C8    . G   A 1 21 ? -8.895  -19.656 12.098  1.00 41.15  ? 21 G   A C8    1 
ATOM   442  N  N7    . G   A 1 21 ? -9.176  -20.037 10.878  1.00 40.52  ? 21 G   A N7    1 
ATOM   443  C  C5    . G   A 1 21 ? -10.353 -19.363 10.571  1.00 34.28  ? 21 G   A C5    1 
ATOM   444  C  C6    . G   A 1 21 ? -11.140 -19.374 9.390   1.00 30.62  ? 21 G   A C6    1 
ATOM   445  O  O6    . G   A 1 21 ? -10.953 -20.007 8.340   1.00 27.91  ? 21 G   A O6    1 
ATOM   446  N  N1    . G   A 1 21 ? -12.246 -18.542 9.509   1.00 27.36  ? 21 G   A N1    1 
ATOM   447  C  C2    . G   A 1 21 ? -12.559 -17.794 10.619  1.00 33.41  ? 21 G   A C2    1 
ATOM   448  N  N2    . G   A 1 21 ? -13.668 -17.040 10.544  1.00 29.03  ? 21 G   A N2    1 
ATOM   449  N  N3    . G   A 1 21 ? -11.840 -17.780 11.724  1.00 25.77  ? 21 G   A N3    1 
ATOM   450  C  C4    . G   A 1 21 ? -10.760 -18.580 11.631  1.00 33.36  ? 21 G   A C4    1 
ATOM   451  P  P     . C   A 1 22 ? -11.333 -21.395 17.040  1.00 48.97  ? 22 C   A P     1 
ATOM   452  O  OP1   . C   A 1 22 ? -11.587 -21.636 18.484  1.00 68.52  ? 22 C   A OP1   1 
ATOM   453  O  OP2   . C   A 1 22 ? -10.738 -22.475 16.202  1.00 32.26  ? 22 C   A OP2   1 
ATOM   454  O  "O5'" . C   A 1 22 ? -12.712 -20.943 16.396  1.00 44.46  ? 22 C   A "O5'" 1 
ATOM   455  C  "C5'" . C   A 1 22 ? -13.365 -19.767 16.842  1.00 42.01  ? 22 C   A "C5'" 1 
ATOM   456  C  "C4'" . C   A 1 22 ? -14.462 -19.403 15.881  1.00 48.39  ? 22 C   A "C4'" 1 
ATOM   457  O  "O4'" . C   A 1 22 ? -13.883 -19.137 14.576  1.00 47.44  ? 22 C   A "O4'" 1 
ATOM   458  C  "C3'" . C   A 1 22 ? -15.444 -20.523 15.606  1.00 39.23  ? 22 C   A "C3'" 1 
ATOM   459  O  "O3'" . C   A 1 22 ? -16.376 -20.675 16.674  1.00 52.79  ? 22 C   A "O3'" 1 
ATOM   460  C  "C2'" . C   A 1 22 ? -16.029 -20.121 14.257  1.00 46.76  ? 22 C   A "C2'" 1 
ATOM   461  O  "O2'" . C   A 1 22 ? -17.050 -19.154 14.359  1.00 30.06  ? 22 C   A "O2'" 1 
ATOM   462  C  "C1'" . C   A 1 22 ? -14.810 -19.500 13.570  1.00 40.29  ? 22 C   A "C1'" 1 
ATOM   463  N  N1    . C   A 1 22 ? -14.142 -20.376 12.589  1.00 41.92  ? 22 C   A N1    1 
ATOM   464  C  C2    . C   A 1 22 ? -14.682 -20.449 11.306  1.00 28.56  ? 22 C   A C2    1 
ATOM   465  O  O2    . C   A 1 22 ? -15.708 -19.804 11.062  1.00 18.28  ? 22 C   A O2    1 
ATOM   466  N  N3    . C   A 1 22 ? -14.079 -21.217 10.369  1.00 19.44  ? 22 C   A N3    1 
ATOM   467  C  C4    . C   A 1 22 ? -12.978 -21.906 10.678  1.00 35.13  ? 22 C   A C4    1 
ATOM   468  N  N4    . C   A 1 22 ? -12.415 -22.659 9.713   1.00 14.61  ? 22 C   A N4    1 
ATOM   469  C  C5    . C   A 1 22 ? -12.406 -21.860 11.990  1.00 33.34  ? 22 C   A C5    1 
ATOM   470  C  C6    . C   A 1 22 ? -13.019 -21.088 12.908  1.00 21.58  ? 22 C   A C6    1 
ATOM   471  O  OP3   . U   B 1 1  ? -11.798 -26.323 -2.070  1.00 77.60  ? 1  U   B OP3   1 
ATOM   472  P  P     . U   B 1 1  ? -13.088 -26.990 -2.530  1.00 89.33  ? 1  U   B P     1 
ATOM   473  O  OP1   . U   B 1 1  ? -13.593 -26.491 -3.877  1.00 81.64  ? 1  U   B OP1   1 
ATOM   474  O  OP2   . U   B 1 1  ? -13.026 -28.506 -2.457  1.00 94.13  ? 1  U   B OP2   1 
ATOM   475  O  "O5'" . U   B 1 1  ? -14.230 -26.555 -1.453  1.00 97.89  ? 1  U   B "O5'" 1 
ATOM   476  C  "C5'" . U   B 1 1  ? -15.622 -26.614 -1.806  1.00 96.34  ? 1  U   B "C5'" 1 
ATOM   477  C  "C4'" . U   B 1 1  ? -16.473 -26.026 -0.708  1.00 87.09  ? 1  U   B "C4'" 1 
ATOM   478  O  "O4'" . U   B 1 1  ? -16.507 -26.931 0.432   1.00 85.32  ? 1  U   B "O4'" 1 
ATOM   479  C  "C3'" . U   B 1 1  ? -15.970 -24.731 -0.100  1.00 83.09  ? 1  U   B "C3'" 1 
ATOM   480  O  "O3'" . U   B 1 1  ? -16.238 -23.604 -0.928  1.00 76.90  ? 1  U   B "O3'" 1 
ATOM   481  C  "C2'" . U   B 1 1  ? -16.728 -24.711 1.221   1.00 77.41  ? 1  U   B "C2'" 1 
ATOM   482  O  "O2'" . U   B 1 1  ? -18.094 -24.379 1.067   1.00 68.74  ? 1  U   B "O2'" 1 
ATOM   483  C  "C1'" . U   B 1 1  ? -16.623 -26.179 1.633   1.00 64.34  ? 1  U   B "C1'" 1 
ATOM   484  N  N1    . U   B 1 1  ? -15.436 -26.446 2.456   1.00 45.37  ? 1  U   B N1    1 
ATOM   485  C  C2    . U   B 1 1  ? -15.461 -26.031 3.779   1.00 34.01  ? 1  U   B C2    1 
ATOM   486  O  O2    . U   B 1 1  ? -16.430 -25.448 4.289   1.00 32.23  ? 1  U   B O2    1 
ATOM   487  N  N3    . U   B 1 1  ? -14.319 -26.312 4.487   1.00 38.38  ? 1  U   B N3    1 
ATOM   488  C  C4    . U   B 1 1  ? -13.177 -26.947 4.022   1.00 72.42  ? 1  U   B C4    1 
ATOM   489  O  O4    . U   B 1 1  ? -12.227 -27.130 4.792   1.00 73.59  ? 1  U   B O4    1 
ATOM   490  C  C5    . U   B 1 1  ? -13.233 -27.342 2.642   1.00 65.37  ? 1  U   B C5    1 
ATOM   491  C  C6    . U   B 1 1  ? -14.332 -27.086 1.927   1.00 57.63  ? 1  U   B C6    1 
ATOM   492  P  P     . G   B 1 2  ? -15.241 -22.341 -0.890  1.00 57.36  ? 2  G   B P     1 
ATOM   493  O  OP1   . G   B 1 2  ? -15.254 -21.684 -2.224  1.00 51.18  ? 2  G   B OP1   1 
ATOM   494  O  OP2   . G   B 1 2  ? -13.951 -22.771 -0.288  1.00 59.26  ? 2  G   B OP2   1 
ATOM   495  O  "O5'" . G   B 1 2  ? -15.934 -21.351 0.138   1.00 49.15  ? 2  G   B "O5'" 1 
ATOM   496  C  "C5'" . G   B 1 2  ? -17.257 -20.906 -0.091  1.00 25.68  ? 2  G   B "C5'" 1 
ATOM   497  C  "C4'" . G   B 1 2  ? -17.869 -20.428 1.196   1.00 41.06  ? 2  G   B "C4'" 1 
ATOM   498  O  "O4'" . G   B 1 2  ? -17.773 -21.488 2.178   1.00 29.87  ? 2  G   B "O4'" 1 
ATOM   499  C  "C3'" . G   B 1 2  ? -17.194 -19.253 1.883   1.00 44.20  ? 2  G   B "C3'" 1 
ATOM   500  O  "O3'" . G   B 1 2  ? -17.641 -18.035 1.304   1.00 39.93  ? 2  G   B "O3'" 1 
ATOM   501  C  "C2'" . G   B 1 2  ? -17.720 -19.398 3.305   1.00 34.69  ? 2  G   B "C2'" 1 
ATOM   502  O  "O2'" . G   B 1 2  ? -19.053 -18.948 3.408   1.00 27.73  ? 2  G   B "O2'" 1 
ATOM   503  C  "C1'" . G   B 1 2  ? -17.717 -20.916 3.473   1.00 25.21  ? 2  G   B "C1'" 1 
ATOM   504  N  N9    . G   B 1 2  ? -16.537 -21.421 4.160   1.00 32.86  ? 2  G   B N9    1 
ATOM   505  C  C8    . G   B 1 2  ? -15.524 -22.199 3.649   1.00 14.36  ? 2  G   B C8    1 
ATOM   506  N  N7    . G   B 1 2  ? -14.616 -22.500 4.539   1.00 33.82  ? 2  G   B N7    1 
ATOM   507  C  C5    . G   B 1 2  ? -15.054 -21.876 5.702   1.00 10.00  ? 2  G   B C5    1 
ATOM   508  C  C6    . G   B 1 2  ? -14.483 -21.843 6.994   1.00 15.02  ? 2  G   B C6    1 
ATOM   509  O  O6    . G   B 1 2  ? -13.445 -22.386 7.388   1.00 26.00  ? 2  G   B O6    1 
ATOM   510  N  N1    . G   B 1 2  ? -15.257 -21.087 7.880   1.00 11.20  ? 2  G   B N1    1 
ATOM   511  C  C2    . G   B 1 2  ? -16.437 -20.449 7.555   1.00 22.57  ? 2  G   B C2    1 
ATOM   512  N  N2    . G   B 1 2  ? -17.049 -19.764 8.532   1.00 14.07  ? 2  G   B N2    1 
ATOM   513  N  N3    . G   B 1 2  ? -16.980 -20.482 6.348   1.00 20.62  ? 2  G   B N3    1 
ATOM   514  C  C4    . G   B 1 2  ? -16.236 -21.207 5.479   1.00 22.14  ? 2  G   B C4    1 
ATOM   515  P  P     . C   B 1 3  ? -16.613 -16.819 1.107   1.00 38.76  ? 3  C   B P     1 
ATOM   516  O  OP1   . C   B 1 3  ? -17.238 -15.911 0.117   1.00 33.71  ? 3  C   B OP1   1 
ATOM   517  O  OP2   . C   B 1 3  ? -15.249 -17.358 0.861   1.00 37.14  ? 3  C   B OP2   1 
ATOM   518  O  "O5'" . C   B 1 3  ? -16.625 -16.079 2.514   1.00 42.07  ? 3  C   B "O5'" 1 
ATOM   519  C  "C5'" . C   B 1 3  ? -17.807 -15.443 2.978   1.00 45.66  ? 3  C   B "C5'" 1 
ATOM   520  C  "C4'" . C   B 1 3  ? -17.693 -15.161 4.448   1.00 23.23  ? 3  C   B "C4'" 1 
ATOM   521  O  "O4'" . C   B 1 3  ? -17.560 -16.423 5.160   1.00 48.47  ? 3  C   B "O4'" 1 
ATOM   522  C  "C3'" . C   B 1 3  ? -16.426 -14.436 4.848   1.00 43.71  ? 3  C   B "C3'" 1 
ATOM   523  O  "O3'" . C   B 1 3  ? -16.493 -13.047 4.613   1.00 41.08  ? 3  C   B "O3'" 1 
ATOM   524  C  "C2'" . C   B 1 3  ? -16.325 -14.772 6.326   1.00 34.84  ? 3  C   B "C2'" 1 
ATOM   525  O  "O2'" . C   B 1 3  ? -17.231 -14.037 7.121   1.00 47.96  ? 3  C   B "O2'" 1 
ATOM   526  C  "C1'" . C   B 1 3  ? -16.732 -16.241 6.302   1.00 26.74  ? 3  C   B "C1'" 1 
ATOM   527  N  N1    . C   B 1 3  ? -15.556 -17.095 6.164   1.00 28.60  ? 3  C   B N1    1 
ATOM   528  C  C2    . C   B 1 3  ? -14.868 -17.444 7.316   1.00 37.01  ? 3  C   B C2    1 
ATOM   529  O  O2    . C   B 1 3  ? -15.280 -17.009 8.404   1.00 40.10  ? 3  C   B O2    1 
ATOM   530  N  N3    . C   B 1 3  ? -13.776 -18.238 7.224   1.00 24.71  ? 3  C   B N3    1 
ATOM   531  C  C4    . C   B 1 3  ? -13.372 -18.677 6.032   1.00 25.57  ? 3  C   B C4    1 
ATOM   532  N  N4    . C   B 1 3  ? -12.298 -19.478 5.995   1.00 19.77  ? 3  C   B N4    1 
ATOM   533  C  C5    . C   B 1 3  ? -14.052 -18.323 4.830   1.00 17.54  ? 3  C   B C5    1 
ATOM   534  C  C6    . C   B 1 3  ? -15.134 -17.539 4.941   1.00 26.08  ? 3  C   B C6    1 
ATOM   535  P  P     . G   B 1 4  ? -15.132 -12.235 4.398   1.00 48.70  ? 4  G   B P     1 
ATOM   536  O  OP1   . G   B 1 4  ? -15.521 -10.893 3.898   1.00 42.56  ? 4  G   B OP1   1 
ATOM   537  O  OP2   . G   B 1 4  ? -14.185 -13.087 3.616   1.00 24.60  ? 4  G   B OP2   1 
ATOM   538  O  "O5'" . G   B 1 4  ? -14.524 -12.097 5.861   1.00 43.73  ? 4  G   B "O5'" 1 
ATOM   539  C  "C5'" . G   B 1 4  ? -15.266 -11.493 6.912   1.00 42.89  ? 4  G   B "C5'" 1 
ATOM   540  C  "C4'" . G   B 1 4  ? -14.579 -11.740 8.230   1.00 38.59  ? 4  G   B "C4'" 1 
ATOM   541  O  "O4'" . G   B 1 4  ? -14.514 -13.174 8.457   1.00 43.78  ? 4  G   B "O4'" 1 
ATOM   542  C  "C3'" . G   B 1 4  ? -13.125 -11.306 8.281   1.00 43.09  ? 4  G   B "C3'" 1 
ATOM   543  O  "O3'" . G   B 1 4  ? -12.987 -9.930  8.594   1.00 50.38  ? 4  G   B "O3'" 1 
ATOM   544  C  "C2'" . G   B 1 4  ? -12.576 -12.189 9.388   1.00 44.81  ? 4  G   B "C2'" 1 
ATOM   545  O  "O2'" . G   B 1 4  ? -12.972 -11.728 10.664  1.00 58.02  ? 4  G   B "O2'" 1 
ATOM   546  C  "C1'" . G   B 1 4  ? -13.281 -13.507 9.077   1.00 48.26  ? 4  G   B "C1'" 1 
ATOM   547  N  N9    . G   B 1 4  ? -12.525 -14.366 8.167   1.00 33.71  ? 4  G   B N9    1 
ATOM   548  C  C8    . G   B 1 4  ? -12.814 -14.651 6.852   1.00 30.34  ? 4  G   B C8    1 
ATOM   549  N  N7    . G   B 1 4  ? -11.960 -15.482 6.306   1.00 49.30  ? 4  G   B N7    1 
ATOM   550  C  C5    . G   B 1 4  ? -11.049 -15.756 7.321   1.00 21.18  ? 4  G   B C5    1 
ATOM   551  C  C6    . G   B 1 4  ? -9.893  -16.599 7.330   1.00 32.17  ? 4  G   B C6    1 
ATOM   552  O  O6    . G   B 1 4  ? -9.432  -17.301 6.419   1.00 44.40  ? 4  G   B O6    1 
ATOM   553  N  N1    . G   B 1 4  ? -9.252  -16.571 8.561   1.00 26.79  ? 4  G   B N1    1 
ATOM   554  C  C2    . G   B 1 4  ? -9.664  -15.838 9.646   1.00 32.74  ? 4  G   B C2    1 
ATOM   555  N  N2    . G   B 1 4  ? -8.906  -15.937 10.741  1.00 29.27  ? 4  G   B N2    1 
ATOM   556  N  N3    . G   B 1 4  ? -10.738 -15.060 9.658   1.00 18.43  ? 4  G   B N3    1 
ATOM   557  C  C4    . G   B 1 4  ? -11.377 -15.067 8.471   1.00 33.57  ? 4  G   B C4    1 
ATOM   558  P  P     . U   B 1 5  ? -11.659 -9.147  8.135   1.00 47.01  ? 5  U   B P     1 
ATOM   559  O  OP1   . U   B 1 5  ? -11.736 -7.795  8.732   1.00 49.63  ? 5  U   B OP1   1 
ATOM   560  O  OP2   . U   B 1 5  ? -11.529 -9.287  6.662   1.00 35.19  ? 5  U   B OP2   1 
ATOM   561  O  "O5'" . U   B 1 5  ? -10.476 -9.963  8.831   1.00 39.15  ? 5  U   B "O5'" 1 
ATOM   562  C  "C5'" . U   B 1 5  ? -10.324 -9.974  10.253  1.00 30.24  ? 5  U   B "C5'" 1 
ATOM   563  C  "C4'" . U   B 1 5  ? -9.095  -10.772 10.647  1.00 34.92  ? 5  U   B "C4'" 1 
ATOM   564  O  "O4'" . U   B 1 5  ? -9.274  -12.163 10.273  1.00 39.39  ? 5  U   B "O4'" 1 
ATOM   565  C  "C3'" . U   B 1 5  ? -7.801  -10.374 9.958   1.00 37.88  ? 5  U   B "C3'" 1 
ATOM   566  O  "O3'" . U   B 1 5  ? -7.199  -9.275  10.615  1.00 29.52  ? 5  U   B "O3'" 1 
ATOM   567  C  "C2'" . U   B 1 5  ? -6.972  -11.645 10.078  1.00 43.62  ? 5  U   B "C2'" 1 
ATOM   568  O  "O2'" . U   B 1 5  ? -6.434  -11.823 11.372  1.00 51.29  ? 5  U   B "O2'" 1 
ATOM   569  C  "C1'" . U   B 1 5  ? -8.040  -12.710 9.838   1.00 29.53  ? 5  U   B "C1'" 1 
ATOM   570  N  N1    . U   B 1 5  ? -8.202  -13.120 8.435   1.00 12.06  ? 5  U   B N1    1 
ATOM   571  C  C2    . U   B 1 5  ? -7.324  -14.050 7.926   1.00 30.64  ? 5  U   B C2    1 
ATOM   572  O  O2    . U   B 1 5  ? -6.366  -14.465 8.557   1.00 36.43  ? 5  U   B O2    1 
ATOM   573  N  N3    . U   B 1 5  ? -7.604  -14.471 6.646   1.00 22.92  ? 5  U   B N3    1 
ATOM   574  C  C4    . U   B 1 5  ? -8.647  -14.058 5.839   1.00 27.16  ? 5  U   B C4    1 
ATOM   575  O  O4    . U   B 1 5  ? -8.907  -14.695 4.812   1.00 22.92  ? 5  U   B O4    1 
ATOM   576  C  C5    . U   B 1 5  ? -9.469  -13.045 6.419   1.00 30.16  ? 5  U   B C5    1 
ATOM   577  C  C6    . U   B 1 5  ? -9.225  -12.621 7.664   1.00 36.38  ? 5  U   B C6    1 
ATOM   578  P  P     . C   B 1 6  ? -6.502  -8.118  9.748   1.00 46.15  ? 6  C   B P     1 
ATOM   579  O  OP1   . C   B 1 6  ? -6.450  -6.927  10.627  1.00 50.33  ? 6  C   B OP1   1 
ATOM   580  O  OP2   . C   B 1 6  ? -7.167  -8.023  8.422   1.00 54.33  ? 6  C   B OP2   1 
ATOM   581  O  "O5'" . C   B 1 6  ? -5.024  -8.670  9.542   1.00 45.10  ? 6  C   B "O5'" 1 
ATOM   582  C  "C5'" . C   B 1 6  ? -4.244  -9.038  10.672  1.00 32.35  ? 6  C   B "C5'" 1 
ATOM   583  C  "C4'" . C   B 1 6  ? -3.211  -10.065 10.293  1.00 38.63  ? 6  C   B "C4'" 1 
ATOM   584  O  "O4'" . C   B 1 6  ? -3.854  -11.305 9.896   1.00 39.26  ? 6  C   B "O4'" 1 
ATOM   585  C  "C3'" . C   B 1 6  ? -2.355  -9.707  9.096   1.00 35.00  ? 6  C   B "C3'" 1 
ATOM   586  O  "O3'" . C   B 1 6  ? -1.316  -8.832  9.484   1.00 45.21  ? 6  C   B "O3'" 1 
ATOM   587  C  "C2'" . C   B 1 6  ? -1.830  -11.072 8.673   1.00 42.16  ? 6  C   B "C2'" 1 
ATOM   588  O  "O2'" . C   B 1 6  ? -0.780  -11.542 9.490   1.00 36.10  ? 6  C   B "O2'" 1 
ATOM   589  C  "C1'" . C   B 1 6  ? -3.067  -11.942 8.900   1.00 43.52  ? 6  C   B "C1'" 1 
ATOM   590  N  N1    . C   B 1 6  ? -3.871  -12.079 7.676   1.00 34.55  ? 6  C   B N1    1 
ATOM   591  C  C2    . C   B 1 6  ? -3.481  -13.028 6.736   1.00 28.96  ? 6  C   B C2    1 
ATOM   592  O  O2    . C   B 1 6  ? -2.459  -13.696 6.956   1.00 29.59  ? 6  C   B O2    1 
ATOM   593  N  N3    . C   B 1 6  ? -4.223  -13.197 5.617   1.00 23.57  ? 6  C   B N3    1 
ATOM   594  C  C4    . C   B 1 6  ? -5.318  -12.461 5.427   1.00 25.89  ? 6  C   B C4    1 
ATOM   595  N  N4    . C   B 1 6  ? -6.048  -12.701 4.336   1.00 27.77  ? 6  C   B N4    1 
ATOM   596  C  C5    . C   B 1 6  ? -5.723  -11.459 6.357   1.00 23.97  ? 6  C   B C5    1 
ATOM   597  C  C6    . C   B 1 6  ? -4.977  -11.303 7.460   1.00 18.41  ? 6  C   B C6    1 
ATOM   598  P  P     . A   B 1 7  ? -0.716  -7.795  8.419   1.00 69.20  ? 7  A   B P     1 
ATOM   599  O  OP1   . A   B 1 7  ? 0.196   -6.886  9.159   1.00 70.10  ? 7  A   B OP1   1 
ATOM   600  O  OP2   . A   B 1 7  ? -1.852  -7.228  7.643   1.00 42.70  ? 7  A   B OP2   1 
ATOM   601  O  "O5'" . A   B 1 7  ? 0.180   -8.708  7.471   1.00 46.46  ? 7  A   B "O5'" 1 
ATOM   602  C  "C5'" . A   B 1 7  ? 1.296   -9.410  8.001   1.00 49.85  ? 7  A   B "C5'" 1 
ATOM   603  C  "C4'" . A   B 1 7  ? 1.789   -10.432 7.009   1.00 52.41  ? 7  A   B "C4'" 1 
ATOM   604  O  "O4'" . A   B 1 7  ? 0.749   -11.419 6.784   1.00 54.06  ? 7  A   B "O4'" 1 
ATOM   605  C  "C3'" . A   B 1 7  ? 2.093   -9.904  5.618   1.00 48.81  ? 7  A   B "C3'" 1 
ATOM   606  O  "O3'" . A   B 1 7  ? 3.396   -9.347  5.544   1.00 62.36  ? 7  A   B "O3'" 1 
ATOM   607  C  "C2'" . A   B 1 7  ? 2.000   -11.169 4.783   1.00 45.94  ? 7  A   B "C2'" 1 
ATOM   608  O  "O2'" . A   B 1 7  ? 3.151   -11.975 4.919   1.00 46.15  ? 7  A   B "O2'" 1 
ATOM   609  C  "C1'" . A   B 1 7  ? 0.808   -11.867 5.439   1.00 51.09  ? 7  A   B "C1'" 1 
ATOM   610  N  N9    . A   B 1 7  ? -0.461  -11.542 4.793   1.00 42.69  ? 7  A   B N9    1 
ATOM   611  C  C8    . A   B 1 7  ? -1.424  -10.653 5.198   1.00 39.05  ? 7  A   B C8    1 
ATOM   612  N  N7    . A   B 1 7  ? -2.475  -10.617 4.416   1.00 41.07  ? 7  A   B N7    1 
ATOM   613  C  C5    . A   B 1 7  ? -2.178  -11.540 3.421   1.00 42.61  ? 7  A   B C5    1 
ATOM   614  C  C6    . A   B 1 7  ? -2.891  -11.979 2.292   1.00 53.75  ? 7  A   B C6    1 
ATOM   615  N  N6    . A   B 1 7  ? -4.108  -11.535 1.962   1.00 39.28  ? 7  A   B N6    1 
ATOM   616  N  N1    . A   B 1 7  ? -2.303  -12.907 1.502   1.00 53.89  ? 7  A   B N1    1 
ATOM   617  C  C2    . A   B 1 7  ? -1.085  -13.358 1.835   1.00 33.67  ? 7  A   B C2    1 
ATOM   618  N  N3    . A   B 1 7  ? -0.321  -13.026 2.871   1.00 38.49  ? 7  A   B N3    1 
ATOM   619  C  C4    . A   B 1 7  ? -0.934  -12.105 3.635   1.00 39.97  ? 7  A   B C4    1 
ATOM   620  P  P     . C   B 1 8  ? 3.693   -8.155  4.510   1.00 56.34  ? 8  C   B P     1 
ATOM   621  O  OP1   . C   B 1 8  ? 5.157   -7.912  4.545   1.00 69.59  ? 8  C   B OP1   1 
ATOM   622  O  OP2   . C   B 1 8  ? 2.751   -7.042  4.802   1.00 56.00  ? 8  C   B OP2   1 
ATOM   623  O  "O5'" . C   B 1 8  ? 3.346   -8.772  3.080   1.00 64.23  ? 8  C   B "O5'" 1 
ATOM   624  C  "C5'" . C   B 1 8  ? 4.207   -9.738  2.484   1.00 54.21  ? 8  C   B "C5'" 1 
ATOM   625  C  "C4'" . C   B 1 8  ? 3.599   -10.272 1.214   1.00 45.83  ? 8  C   B "C4'" 1 
ATOM   626  O  "O4'" . C   B 1 8  ? 2.338   -10.924 1.521   1.00 45.06  ? 8  C   B "O4'" 1 
ATOM   627  C  "C3'" . C   B 1 8  ? 3.196   -9.223  0.199   1.00 52.43  ? 8  C   B "C3'" 1 
ATOM   628  O  "O3'" . C   B 1 8  ? 4.285   -8.777  -0.578  1.00 47.03  ? 8  C   B "O3'" 1 
ATOM   629  C  "C2'" . C   B 1 8  ? 2.193   -9.983  -0.644  1.00 49.80  ? 8  C   B "C2'" 1 
ATOM   630  O  "O2'" . C   B 1 8  ? 2.828   -10.892 -1.515  1.00 49.50  ? 8  C   B "O2'" 1 
ATOM   631  C  "C1'" . C   B 1 8  ? 1.432   -10.736 0.444   1.00 44.45  ? 8  C   B "C1'" 1 
ATOM   632  N  N1    . C   B 1 8  ? 0.298   -9.939  0.929   1.00 40.42  ? 8  C   B N1    1 
ATOM   633  C  C2    . C   B 1 8  ? -0.896  -9.987  0.212   1.00 33.49  ? 8  C   B C2    1 
ATOM   634  O  O2    . C   B 1 8  ? -0.950  -10.698 -0.800  1.00 33.45  ? 8  C   B O2    1 
ATOM   635  N  N3    . C   B 1 8  ? -1.955  -9.257  0.633   1.00 21.64  ? 8  C   B N3    1 
ATOM   636  C  C4    . C   B 1 8  ? -1.844  -8.497  1.722   1.00 28.62  ? 8  C   B C4    1 
ATOM   637  N  N4    . C   B 1 8  ? -2.914  -7.788  2.100   1.00 30.41  ? 8  C   B N4    1 
ATOM   638  C  C5    . C   B 1 8  ? -0.632  -8.427  2.474   1.00 28.31  ? 8  C   B C5    1 
ATOM   639  C  C6    . C   B 1 8  ? 0.404   -9.160  2.047   1.00 22.44  ? 8  C   B C6    1 
ATOM   640  P  P     . A   B 1 9  ? 4.293   -7.263  -1.098  1.00 43.33  ? 9  A   B P     1 
ATOM   641  O  OP1   . A   B 1 9  ? 5.650   -6.984  -1.637  1.00 45.06  ? 9  A   B OP1   1 
ATOM   642  O  OP2   . A   B 1 9  ? 3.753   -6.428  0.002   1.00 31.11  ? 9  A   B OP2   1 
ATOM   643  O  "O5'" . A   B 1 9  ? 3.238   -7.281  -2.294  1.00 39.65  ? 9  A   B "O5'" 1 
ATOM   644  C  "C5'" . A   B 1 9  ? 3.440   -8.135  -3.412  1.00 38.77  ? 9  A   B "C5'" 1 
ATOM   645  C  "C4'" . A   B 1 9  ? 2.181   -8.237  -4.229  1.00 36.80  ? 9  A   B "C4'" 1 
ATOM   646  O  "O4'" . A   B 1 9  ? 1.129   -8.837  -3.436  1.00 36.07  ? 9  A   B "O4'" 1 
ATOM   647  C  "C3'" . A   B 1 9  ? 1.590   -6.917  -4.688  1.00 48.19  ? 9  A   B "C3'" 1 
ATOM   648  O  "O3'" . A   B 1 9  ? 2.209   -6.506  -5.891  1.00 45.04  ? 9  A   B "O3'" 1 
ATOM   649  C  "C2'" . A   B 1 9  ? 0.147   -7.301  -4.956  1.00 45.10  ? 9  A   B "C2'" 1 
ATOM   650  O  "O2'" . A   B 1 9  ? 0.020   -7.952  -6.202  1.00 45.08  ? 9  A   B "O2'" 1 
ATOM   651  C  "C1'" . A   B 1 9  ? -0.118  -8.278  -3.809  1.00 34.38  ? 9  A   B "C1'" 1 
ATOM   652  N  N9    . A   B 1 9  ? -0.671  -7.601  -2.643  1.00 27.75  ? 9  A   B N9    1 
ATOM   653  C  C8    . A   B 1 9  ? -0.029  -7.262  -1.479  1.00 23.88  ? 9  A   B C8    1 
ATOM   654  N  N7    . A   B 1 9  ? -0.798  -6.653  -0.610  1.00 17.32  ? 9  A   B N7    1 
ATOM   655  C  C5    . A   B 1 9  ? -2.031  -6.588  -1.245  1.00 13.93  ? 9  A   B C5    1 
ATOM   656  C  C6    . A   B 1 9  ? -3.276  -6.059  -0.851  1.00 19.88  ? 9  A   B C6    1 
ATOM   657  N  N6    . A   B 1 9  ? -3.492  -5.459  0.318   1.00 26.72  ? 9  A   B N6    1 
ATOM   658  N  N1    . A   B 1 9  ? -4.304  -6.162  -1.717  1.00 24.04  ? 9  A   B N1    1 
ATOM   659  C  C2    . A   B 1 9  ? -4.084  -6.748  -2.903  1.00 38.85  ? 9  A   B C2    1 
ATOM   660  N  N3    . A   B 1 9  ? -2.963  -7.277  -3.389  1.00 17.42  ? 9  A   B N3    1 
ATOM   661  C  C4    . A   B 1 9  ? -1.966  -7.166  -2.497  1.00 28.09  ? 9  A   B C4    1 
ATOM   662  P  P     . C   B 1 10 ? 2.787   -5.020  -6.015  1.00 42.65  ? 10 C   B P     1 
ATOM   663  O  OP1   . C   B 1 10 ? 4.084   -5.164  -6.730  1.00 32.48  ? 10 C   B OP1   1 
ATOM   664  O  OP2   . C   B 1 10 ? 2.739   -4.360  -4.679  1.00 37.07  ? 10 C   B OP2   1 
ATOM   665  O  "O5'" . C   B 1 10 ? 1.741   -4.274  -6.955  1.00 41.88  ? 10 C   B "O5'" 1 
ATOM   666  C  "C5'" . C   B 1 10 ? 1.236   -4.903  -8.118  1.00 30.89  ? 10 C   B "C5'" 1 
ATOM   667  C  "C4'" . C   B 1 10 ? -0.257  -4.727  -8.190  1.00 45.90  ? 10 C   B "C4'" 1 
ATOM   668  O  "O4'" . C   B 1 10 ? -0.877  -5.345  -7.034  1.00 37.65  ? 10 C   B "O4'" 1 
ATOM   669  C  "C3'" . C   B 1 10 ? -0.758  -3.295  -8.131  1.00 41.53  ? 10 C   B "C3'" 1 
ATOM   670  O  "O3'" . C   B 1 10 ? -0.688  -2.686  -9.417  1.00 45.21  ? 10 C   B "O3'" 1 
ATOM   671  C  "C2'" . C   B 1 10 ? -2.207  -3.493  -7.703  1.00 43.29  ? 10 C   B "C2'" 1 
ATOM   672  O  "O2'" . C   B 1 10 ? -3.028  -3.854  -8.790  1.00 44.94  ? 10 C   B "O2'" 1 
ATOM   673  C  "C1'" . C   B 1 10 ? -2.089  -4.676  -6.742  1.00 26.53  ? 10 C   B "C1'" 1 
ATOM   674  N  N1    . C   B 1 10 ? -2.074  -4.273  -5.332  1.00 34.16  ? 10 C   B N1    1 
ATOM   675  C  C2    . C   B 1 10 ? -3.282  -3.929  -4.723  1.00 31.40  ? 10 C   B C2    1 
ATOM   676  O  O2    . C   B 1 10 ? -4.320  -3.973  -5.388  1.00 42.94  ? 10 C   B O2    1 
ATOM   677  N  N3    . C   B 1 10 ? -3.290  -3.560  -3.429  1.00 36.19  ? 10 C   B N3    1 
ATOM   678  C  C4    . C   B 1 10 ? -2.154  -3.530  -2.739  1.00 38.78  ? 10 C   B C4    1 
ATOM   679  N  N4    . C   B 1 10 ? -2.224  -3.175  -1.454  1.00 26.75  ? 10 C   B N4    1 
ATOM   680  C  C5    . C   B 1 10 ? -0.901  -3.870  -3.335  1.00 50.15  ? 10 C   B C5    1 
ATOM   681  C  C6    . C   B 1 10 ? -0.909  -4.232  -4.624  1.00 33.03  ? 10 C   B C6    1 
ATOM   682  P  P     . C   B 1 11 ? -0.469  -1.098  -9.538  1.00 60.72  ? 11 C   B P     1 
ATOM   683  O  OP1   . C   B 1 11 ? -0.239  -0.810  -10.980 1.00 61.98  ? 11 C   B OP1   1 
ATOM   684  O  OP2   . C   B 1 11 ? 0.536   -0.658  -8.531  1.00 55.75  ? 11 C   B OP2   1 
ATOM   685  O  "O5'" . C   B 1 11 ? -1.878  -0.480  -9.131  1.00 52.25  ? 11 C   B "O5'" 1 
ATOM   686  C  "C5'" . C   B 1 11 ? -2.951  -0.480  -10.059 1.00 45.23  ? 11 C   B "C5'" 1 
ATOM   687  C  "C4'" . C   B 1 11 ? -4.192  0.109   -9.434  1.00 54.01  ? 11 C   B "C4'" 1 
ATOM   688  O  "O4'" . C   B 1 11 ? -4.571  -0.670  -8.273  1.00 47.55  ? 11 C   B "O4'" 1 
ATOM   689  C  "C3'" . C   B 1 11 ? -4.072  1.507   -8.857  1.00 58.54  ? 11 C   B "C3'" 1 
ATOM   690  O  "O3'" . C   B 1 11 ? -4.135  2.506   -9.861  1.00 65.23  ? 11 C   B "O3'" 1 
ATOM   691  C  "C2'" . C   B 1 11 ? -5.292  1.570   -7.949  1.00 57.33  ? 11 C   B "C2'" 1 
ATOM   692  O  "O2'" . C   B 1 11 ? -6.494  1.829   -8.644  1.00 62.58  ? 11 C   B "O2'" 1 
ATOM   693  C  "C1'" . C   B 1 11 ? -5.319  0.149   -7.388  1.00 46.82  ? 11 C   B "C1'" 1 
ATOM   694  N  N1    . C   B 1 11 ? -4.716  0.086   -6.054  1.00 34.86  ? 11 C   B N1    1 
ATOM   695  C  C2    . C   B 1 11 ? -5.494  0.461   -4.962  1.00 40.24  ? 11 C   B C2    1 
ATOM   696  O  O2    . C   B 1 11 ? -6.658  0.835   -5.166  1.00 45.24  ? 11 C   B O2    1 
ATOM   697  N  N3    . C   B 1 11 ? -4.964  0.410   -3.719  1.00 23.05  ? 11 C   B N3    1 
ATOM   698  C  C4    . C   B 1 11 ? -3.702  0.007   -3.553  1.00 40.98  ? 11 C   B C4    1 
ATOM   699  N  N4    . C   B 1 11 ? -3.214  -0.032  -2.311  1.00 38.27  ? 11 C   B N4    1 
ATOM   700  C  C5    . C   B 1 11 ? -2.881  -0.375  -4.654  1.00 32.35  ? 11 C   B C5    1 
ATOM   701  C  C6    . C   B 1 11 ? -3.425  -0.322  -5.877  1.00 37.89  ? 11 C   B C6    1 
ATOM   702  P  P     . G   B 1 12 ? -3.474  3.942   -9.580  1.00 66.36  ? 12 G   B P     1 
ATOM   703  O  OP1   . G   B 1 12 ? -3.613  4.739   -10.827 1.00 81.30  ? 12 G   B OP1   1 
ATOM   704  O  OP2   . G   B 1 12 ? -2.130  3.737   -8.987  1.00 63.09  ? 12 G   B OP2   1 
ATOM   705  O  "O5'" . G   B 1 12 ? -4.412  4.577   -8.460  1.00 57.07  ? 12 G   B "O5'" 1 
ATOM   706  C  "C5'" . G   B 1 12 ? -5.719  5.030   -8.786  1.00 54.94  ? 12 G   B "C5'" 1 
ATOM   707  C  "C4'" . G   B 1 12 ? -6.398  5.589   -7.564  1.00 47.56  ? 12 G   B "C4'" 1 
ATOM   708  O  "O4'" . G   B 1 12 ? -6.559  4.527   -6.585  1.00 54.91  ? 12 G   B "O4'" 1 
ATOM   709  C  "C3'" . G   B 1 12 ? -5.628  6.654   -6.802  1.00 50.61  ? 12 G   B "C3'" 1 
ATOM   710  O  "O3'" . G   B 1 12 ? -5.767  7.944   -7.387  1.00 69.31  ? 12 G   B "O3'" 1 
ATOM   711  C  "C2'" . G   B 1 12 ? -6.300  6.588   -5.442  1.00 54.23  ? 12 G   B "C2'" 1 
ATOM   712  O  "O2'" . G   B 1 12 ? -7.548  7.247   -5.455  1.00 39.14  ? 12 G   B "O2'" 1 
ATOM   713  C  "C1'" . G   B 1 12 ? -6.487  5.075   -5.277  1.00 48.49  ? 12 G   B "C1'" 1 
ATOM   714  N  N9    . G   B 1 12 ? -5.368  4.453   -4.569  1.00 41.26  ? 12 G   B N9    1 
ATOM   715  C  C8    . G   B 1 12 ? -4.313  3.756   -5.114  1.00 31.33  ? 12 G   B C8    1 
ATOM   716  N  N7    . G   B 1 12 ? -3.449  3.350   -4.217  1.00 38.84  ? 12 G   B N7    1 
ATOM   717  C  C5    . G   B 1 12 ? -3.968  3.797   -3.007  1.00 17.01  ? 12 G   B C5    1 
ATOM   718  C  C6    . G   B 1 12 ? -3.466  3.666   -1.671  1.00 39.74  ? 12 G   B C6    1 
ATOM   719  O  O6    . G   B 1 12 ? -2.434  3.094   -1.275  1.00 29.36  ? 12 G   B O6    1 
ATOM   720  N  N1    . G   B 1 12 ? -4.307  4.286   -0.750  1.00 39.67  ? 12 G   B N1    1 
ATOM   721  C  C2    . G   B 1 12 ? -5.479  4.938   -1.059  1.00 32.04  ? 12 G   B C2    1 
ATOM   722  N  N2    . G   B 1 12 ? -6.155  5.473   -0.029  1.00 35.22  ? 12 G   B N2    1 
ATOM   723  N  N3    . G   B 1 12 ? -5.958  5.060   -2.288  1.00 30.79  ? 12 G   B N3    1 
ATOM   724  C  C4    . G   B 1 12 ? -5.156  4.474   -3.206  1.00 34.62  ? 12 G   B C4    1 
ATOM   725  P  P     . G   B 1 13 ? -4.646  9.068   -7.114  1.00 64.42  ? 13 G   B P     1 
ATOM   726  O  OP1   . G   B 1 13 ? -5.024  10.267  -7.903  1.00 71.45  ? 13 G   B OP1   1 
ATOM   727  O  OP2   . G   B 1 13 ? -3.298  8.466   -7.296  1.00 61.74  ? 13 G   B OP2   1 
ATOM   728  O  "O5'" . G   B 1 13 ? -4.832  9.428   -5.576  1.00 61.68  ? 13 G   B "O5'" 1 
ATOM   729  C  "C5'" . G   B 1 13 ? -6.047  10.001  -5.108  1.00 57.87  ? 13 G   B "C5'" 1 
ATOM   730  C  "C4'" . G   B 1 13 ? -5.998  10.177  -3.614  1.00 51.92  ? 13 G   B "C4'" 1 
ATOM   731  O  "O4'" . G   B 1 13 ? -5.925  8.873   -2.976  1.00 67.73  ? 13 G   B "O4'" 1 
ATOM   732  C  "C3'" . G   B 1 13 ? -4.769  10.892  -3.090  1.00 59.26  ? 13 G   B "C3'" 1 
ATOM   733  O  "O3'" . G   B 1 13 ? -4.895  12.301  -3.225  1.00 57.87  ? 13 G   B "O3'" 1 
ATOM   734  C  "C2'" . G   B 1 13 ? -4.736  10.434  -1.637  1.00 59.24  ? 13 G   B "C2'" 1 
ATOM   735  O  "O2'" . G   B 1 13 ? -5.660  11.118  -0.819  1.00 65.20  ? 13 G   B "O2'" 1 
ATOM   736  C  "C1'" . G   B 1 13 ? -5.165  8.970   -1.778  1.00 56.24  ? 13 G   B "C1'" 1 
ATOM   737  N  N9    . G   B 1 13 ? -4.020  8.063   -1.871  1.00 38.26  ? 13 G   B N9    1 
ATOM   738  C  C8    . G   B 1 13 ? -3.486  7.499   -3.008  1.00 34.60  ? 13 G   B C8    1 
ATOM   739  N  N7    . G   B 1 13 ? -2.430  6.762   -2.770  1.00 33.17  ? 13 G   B N7    1 
ATOM   740  C  C5    . G   B 1 13 ? -2.262  6.841   -1.390  1.00 27.80  ? 13 G   B C5    1 
ATOM   741  C  C6    . G   B 1 13 ? -1.275  6.260   -0.546  1.00 22.95  ? 13 G   B C6    1 
ATOM   742  O  O6    . G   B 1 13 ? -0.315  5.540   -0.853  1.00 34.29  ? 13 G   B O6    1 
ATOM   743  N  N1    . G   B 1 13 ? -1.485  6.594   0.785   1.00 33.89  ? 13 G   B N1    1 
ATOM   744  C  C2    . G   B 1 13 ? -2.506  7.383   1.253   1.00 33.89  ? 13 G   B C2    1 
ATOM   745  N  N2    . G   B 1 13 ? -2.535  7.584   2.577   1.00 41.56  ? 13 G   B N2    1 
ATOM   746  N  N3    . G   B 1 13 ? -3.428  7.934   0.482   1.00 31.39  ? 13 G   B N3    1 
ATOM   747  C  C4    . G   B 1 13 ? -3.245  7.626   -0.820  1.00 37.10  ? 13 G   B C4    1 
ATOM   748  P  P     . U   B 1 14 ? -3.588  13.185  -3.532  1.00 60.28  ? 14 U   B P     1 
ATOM   749  O  OP1   . U   B 1 14 ? -4.048  14.536  -3.955  1.00 69.11  ? 14 U   B OP1   1 
ATOM   750  O  OP2   . U   B 1 14 ? -2.682  12.405  -4.422  1.00 48.15  ? 14 U   B OP2   1 
ATOM   751  O  "O5'" . U   B 1 14 ? -2.893  13.315  -2.106  1.00 52.85  ? 14 U   B "O5'" 1 
ATOM   752  C  "C5'" . U   B 1 14 ? -3.612  13.830  -0.996  1.00 38.84  ? 14 U   B "C5'" 1 
ATOM   753  C  "C4'" . U   B 1 14 ? -2.958  13.404  0.289   1.00 41.68  ? 14 U   B "C4'" 1 
ATOM   754  O  "O4'" . U   B 1 14 ? -2.941  11.949  0.339   1.00 47.75  ? 14 U   B "O4'" 1 
ATOM   755  C  "C3'" . U   B 1 14 ? -1.486  13.755  0.428   1.00 50.28  ? 14 U   B "C3'" 1 
ATOM   756  O  "O3'" . U   B 1 14 ? -1.277  15.108  0.814   1.00 50.59  ? 14 U   B "O3'" 1 
ATOM   757  C  "C2'" . U   B 1 14 ? -1.038  12.767  1.495   1.00 46.39  ? 14 U   B "C2'" 1 
ATOM   758  O  "O2'" . U   B 1 14 ? -1.471  13.138  2.786   1.00 39.02  ? 14 U   B "O2'" 1 
ATOM   759  C  "C1'" . U   B 1 14 ? -1.798  11.511  1.065   1.00 37.08  ? 14 U   B "C1'" 1 
ATOM   760  N  N1    . U   B 1 14 ? -0.995  10.630  0.204   1.00 30.37  ? 14 U   B N1    1 
ATOM   761  C  C2    . U   B 1 14 ? -0.047  9.843   0.819   1.00 37.42  ? 14 U   B C2    1 
ATOM   762  O  O2    . U   B 1 14 ? 0.134   9.858   2.020   1.00 39.21  ? 14 U   B O2    1 
ATOM   763  N  N3    . U   B 1 14 ? 0.682   9.039   -0.024  1.00 32.27  ? 14 U   B N3    1 
ATOM   764  C  C4    . U   B 1 14 ? 0.563   8.949   -1.391  1.00 38.10  ? 14 U   B C4    1 
ATOM   765  O  O4    . U   B 1 14 ? 1.298   8.179   -2.014  1.00 35.92  ? 14 U   B O4    1 
ATOM   766  C  C5    . U   B 1 14 ? -0.442  9.798   -1.956  1.00 45.97  ? 14 U   B C5    1 
ATOM   767  C  C6    . U   B 1 14 ? -1.171  10.590  -1.158  1.00 36.38  ? 14 U   B C6    1 
ATOM   768  P  P     . G   B 1 15 ? -0.007  15.904  0.234   1.00 55.31  ? 15 G   B P     1 
ATOM   769  O  OP1   . G   B 1 15 ? -0.221  17.349  0.498   1.00 68.06  ? 15 G   B OP1   1 
ATOM   770  O  OP2   . G   B 1 15 ? 0.240   15.439  -1.159  1.00 55.05  ? 15 G   B OP2   1 
ATOM   771  O  "O5'" . G   B 1 15 ? 1.206   15.401  1.134   1.00 52.97  ? 15 G   B "O5'" 1 
ATOM   772  C  "C5'" . G   B 1 15 ? 1.366   15.866  2.471   1.00 45.55  ? 15 G   B "C5'" 1 
ATOM   773  C  "C4'" . G   B 1 15 ? 2.556   15.196  3.121   1.00 42.51  ? 15 G   B "C4'" 1 
ATOM   774  O  "O4'" . G   B 1 15 ? 2.333   13.765  3.088   1.00 51.82  ? 15 G   B "O4'" 1 
ATOM   775  C  "C3'" . G   B 1 15 ? 3.900   15.387  2.430   1.00 40.42  ? 15 G   B "C3'" 1 
ATOM   776  O  "O3'" . G   B 1 15 ? 4.561   16.583  2.865   1.00 44.20  ? 15 G   B "O3'" 1 
ATOM   777  C  "C2'" . G   B 1 15 ? 4.679   14.146  2.857   1.00 33.31  ? 15 G   B "C2'" 1 
ATOM   778  O  "O2'" . G   B 1 15 ? 5.350   14.297  4.090   1.00 41.31  ? 15 G   B "O2'" 1 
ATOM   779  C  "C1'" . G   B 1 15 ? 3.571   13.093  2.989   1.00 34.87  ? 15 G   B "C1'" 1 
ATOM   780  N  N9    . G   B 1 15 ? 3.508   12.159  1.869   1.00 28.70  ? 15 G   B N9    1 
ATOM   781  C  C8    . G   B 1 15 ? 2.781   12.284  0.705   1.00 27.30  ? 15 G   B C8    1 
ATOM   782  N  N7    . G   B 1 15 ? 2.978   11.297  -0.129  1.00 19.02  ? 15 G   B N7    1 
ATOM   783  C  C5    . G   B 1 15 ? 3.879   10.468  0.527   1.00 18.30  ? 15 G   B C5    1 
ATOM   784  C  C6    . G   B 1 15 ? 4.475   9.237   0.114   1.00 32.95  ? 15 G   B C6    1 
ATOM   785  O  O6    . G   B 1 15 ? 4.336   8.629   -0.966  1.00 31.06  ? 15 G   B O6    1 
ATOM   786  N  N1    . G   B 1 15 ? 5.319   8.720   1.100   1.00 10.00  ? 15 G   B N1    1 
ATOM   787  C  C2    . G   B 1 15 ? 5.575   9.321   2.318   1.00 43.37  ? 15 G   B C2    1 
ATOM   788  N  N2    . G   B 1 15 ? 6.433   8.688   3.134   1.00 29.47  ? 15 G   B N2    1 
ATOM   789  N  N3    . G   B 1 15 ? 5.031   10.468  2.706   1.00 33.19  ? 15 G   B N3    1 
ATOM   790  C  C4    . G   B 1 15 ? 4.201   10.979  1.769   1.00 25.08  ? 15 G   B C4    1 
ATOM   791  P  P     . A   B 1 16 ? 5.383   17.469  1.799   1.00 69.45  ? 16 A   B P     1 
ATOM   792  O  OP1   . A   B 1 16 ? 4.405   18.368  1.142   1.00 73.72  ? 16 A   B OP1   1 
ATOM   793  O  OP2   . A   B 1 16 ? 6.188   16.542  0.963   1.00 52.63  ? 16 A   B OP2   1 
ATOM   794  O  "O5'" . A   B 1 16 ? 6.392   18.376  2.656   1.00 74.12  ? 16 A   B "O5'" 1 
ATOM   795  C  "C5'" . A   B 1 16 ? 7.168   19.399  2.002   1.00 85.39  ? 16 A   B "C5'" 1 
ATOM   796  C  "C4'" . A   B 1 16 ? 7.863   20.326  2.999   1.00 77.55  ? 16 A   B "C4'" 1 
ATOM   797  O  "O4'" . A   B 1 16 ? 6.893   21.005  3.833   1.00 86.83  ? 16 A   B "O4'" 1 
ATOM   798  C  "C3'" . A   B 1 16 ? 8.862   19.736  3.989   1.00 73.76  ? 16 A   B "C3'" 1 
ATOM   799  O  "O3'" . A   B 1 16 ? 10.188  19.698  3.436   1.00 42.05  ? 16 A   B "O3'" 1 
ATOM   800  C  "C2'" . A   B 1 16 ? 8.896   20.785  5.120   1.00 77.69  ? 16 A   B "C2'" 1 
ATOM   801  O  "O2'" . A   B 1 16 ? 9.974   21.694  5.014   1.00 57.51  ? 16 A   B "O2'" 1 
ATOM   802  C  "C1'" . A   B 1 16 ? 7.565   21.541  4.956   1.00 85.81  ? 16 A   B "C1'" 1 
ATOM   803  N  N9    . A   B 1 16 ? 6.676   21.553  6.126   1.00 90.62  ? 16 A   B N9    1 
ATOM   804  C  C8    . A   B 1 16 ? 7.051   21.796  7.428   1.00 80.45  ? 16 A   B C8    1 
ATOM   805  N  N7    . A   B 1 16 ? 6.057   21.758  8.282   1.00 85.98  ? 16 A   B N7    1 
ATOM   806  C  C5    . A   B 1 16 ? 4.949   21.471  7.496   1.00 90.90  ? 16 A   B C5    1 
ATOM   807  C  C6    . A   B 1 16 ? 3.584   21.286  7.808   1.00 101.30 ? 16 A   B C6    1 
ATOM   808  N  N6    . A   B 1 16 ? 3.085   21.365  9.046   1.00 98.71  ? 16 A   B N6    1 
ATOM   809  N  N1    . A   B 1 16 ? 2.740   21.009  6.791   1.00 104.40 ? 16 A   B N1    1 
ATOM   810  C  C2    . A   B 1 16 ? 3.238   20.924  5.552   1.00 100.50 ? 16 A   B C2    1 
ATOM   811  N  N3    . A   B 1 16 ? 4.495   21.074  5.132   1.00 89.41  ? 16 A   B N3    1 
ATOM   812  C  C4    . A   B 1 16 ? 5.312   21.347  6.164   1.00 89.34  ? 16 A   B C4    1 
ATOM   813  P  P     . A   B 1 17 ? 10.568  18.660  2.264   1.00 39.56  ? 17 A   B P     1 
ATOM   814  O  OP1   . A   B 1 17 ? 11.223  19.473  1.213   1.00 50.55  ? 17 A   B OP1   1 
ATOM   815  O  OP2   . A   B 1 17 ? 9.419   17.795  1.908   1.00 49.50  ? 17 A   B OP2   1 
ATOM   816  O  "O5'" . A   B 1 17 ? 11.688  17.717  2.902   1.00 37.87  ? 17 A   B "O5'" 1 
ATOM   817  C  "C5'" . A   B 1 17 ? 12.642  18.234  3.824   1.00 20.62  ? 17 A   B "C5'" 1 
ATOM   818  C  "C4'" . A   B 1 17 ? 13.488  17.118  4.401   1.00 28.62  ? 17 A   B "C4'" 1 
ATOM   819  O  "O4'" . A   B 1 17 ? 12.643  16.169  5.113   1.00 43.02  ? 17 A   B "O4'" 1 
ATOM   820  C  "C3'" . A   B 1 17 ? 14.241  16.273  3.385   1.00 45.98  ? 17 A   B "C3'" 1 
ATOM   821  O  "O3'" . A   B 1 17 ? 15.478  16.878  3.015   1.00 35.96  ? 17 A   B "O3'" 1 
ATOM   822  C  "C2'" . A   B 1 17 ? 14.441  14.971  4.151   1.00 35.30  ? 17 A   B "C2'" 1 
ATOM   823  O  "O2'" . A   B 1 17 ? 15.500  15.042  5.090   1.00 23.28  ? 17 A   B "O2'" 1 
ATOM   824  C  "C1'" . A   B 1 17 ? 13.088  14.844  4.859   1.00 29.81  ? 17 A   B "C1'" 1 
ATOM   825  N  N9    . A   B 1 17 ? 12.115  14.213  3.972   1.00 33.13  ? 17 A   B N9    1 
ATOM   826  C  C8    . A   B 1 17 ? 11.008  14.778  3.384   1.00 32.02  ? 17 A   B C8    1 
ATOM   827  N  N7    . A   B 1 17 ? 10.352  13.961  2.594   1.00 32.39  ? 17 A   B N7    1 
ATOM   828  C  C5    . A   B 1 17 ? 11.070  12.774  2.677   1.00 33.62  ? 17 A   B C5    1 
ATOM   829  C  C6    . A   B 1 17 ? 10.894  11.518  2.069   1.00 34.26  ? 17 A   B C6    1 
ATOM   830  N  N6    . A   B 1 17 ? 9.895   11.229  1.228   1.00 35.51  ? 17 A   B N6    1 
ATOM   831  N  N1    . A   B 1 17 ? 11.793  10.552  2.362   1.00 41.25  ? 17 A   B N1    1 
ATOM   832  C  C2    . A   B 1 17 ? 12.791  10.835  3.212   1.00 28.87  ? 17 A   B C2    1 
ATOM   833  N  N3    . A   B 1 17 ? 13.057  11.971  3.849   1.00 28.03  ? 17 A   B N3    1 
ATOM   834  C  C4    . A   B 1 17 ? 12.151  12.913  3.532   1.00 32.17  ? 17 A   B C4    1 
ATOM   835  P  P     . G   B 1 18 ? 15.928  16.884  1.471   1.00 47.38  ? 18 G   B P     1 
ATOM   836  O  OP1   . G   B 1 18 ? 17.158  17.708  1.381   1.00 59.46  ? 18 G   B OP1   1 
ATOM   837  O  OP2   . G   B 1 18 ? 14.763  17.214  0.610   1.00 19.86  ? 18 G   B OP2   1 
ATOM   838  O  "O5'" . G   B 1 18 ? 16.295  15.362  1.174   1.00 49.80  ? 18 G   B "O5'" 1 
ATOM   839  C  "C5'" . G   B 1 18 ? 17.272  14.671  1.942   1.00 37.30  ? 18 G   B "C5'" 1 
ATOM   840  C  "C4'" . G   B 1 18 ? 17.252  13.206  1.589   1.00 53.18  ? 18 G   B "C4'" 1 
ATOM   841  O  "O4'" . G   B 1 18 ? 15.975  12.633  1.995   1.00 41.37  ? 18 G   B "O4'" 1 
ATOM   842  C  "C3'" . G   B 1 18 ? 17.323  12.922  0.097   1.00 50.91  ? 18 G   B "C3'" 1 
ATOM   843  O  "O3'" . G   B 1 18 ? 18.657  12.927  -0.392  1.00 52.43  ? 18 G   B "O3'" 1 
ATOM   844  C  "C2'" . G   B 1 18 ? 16.681  11.550  0.004   1.00 45.06  ? 18 G   B "C2'" 1 
ATOM   845  O  "O2'" . G   B 1 18 ? 17.567  10.522  0.394   1.00 60.22  ? 18 G   B "O2'" 1 
ATOM   846  C  "C1'" . G   B 1 18 ? 15.543  11.697  1.018   1.00 51.20  ? 18 G   B "C1'" 1 
ATOM   847  N  N9    . G   B 1 18 ? 14.321  12.210  0.404   1.00 41.34  ? 18 G   B N9    1 
ATOM   848  C  C8    . G   B 1 18 ? 13.688  13.401  0.675   1.00 32.51  ? 18 G   B C8    1 
ATOM   849  N  N7    . G   B 1 18 ? 12.607  13.580  -0.037  1.00 36.14  ? 18 G   B N7    1 
ATOM   850  C  C5    . G   B 1 18 ? 12.521  12.440  -0.825  1.00 22.61  ? 18 G   B C5    1 
ATOM   851  C  C6    . G   B 1 18 ? 11.550  12.056  -1.805  1.00 37.25  ? 18 G   B C6    1 
ATOM   852  O  O6    . G   B 1 18 ? 10.525  12.669  -2.174  1.00 24.53  ? 18 G   B O6    1 
ATOM   853  N  N1    . G   B 1 18 ? 11.864  10.822  -2.372  1.00 29.06  ? 18 G   B N1    1 
ATOM   854  C  C2    . G   B 1 18 ? 12.961  10.057  -2.049  1.00 36.24  ? 18 G   B C2    1 
ATOM   855  N  N2    . G   B 1 18 ? 13.106  8.910   -2.729  1.00 30.61  ? 18 G   B N2    1 
ATOM   856  N  N3    . G   B 1 18 ? 13.856  10.392  -1.131  1.00 28.94  ? 18 G   B N3    1 
ATOM   857  C  C4    . G   B 1 18 ? 13.577  11.587  -0.566  1.00 38.47  ? 18 G   B C4    1 
ATOM   858  P  P     . U   B 1 19 ? 18.953  13.488  -1.871  1.00 55.37  ? 19 U   B P     1 
ATOM   859  O  OP1   . U   B 1 19 ? 20.419  13.696  -2.007  1.00 76.41  ? 19 U   B OP1   1 
ATOM   860  O  OP2   . U   B 1 19 ? 18.028  14.617  -2.138  1.00 56.07  ? 19 U   B OP2   1 
ATOM   861  O  "O5'" . U   B 1 19 ? 18.518  12.296  -2.831  1.00 46.30  ? 19 U   B "O5'" 1 
ATOM   862  C  "C5'" . U   B 1 19 ? 19.177  11.039  -2.784  1.00 45.93  ? 19 U   B "C5'" 1 
ATOM   863  C  "C4'" . U   B 1 19 ? 18.658  10.158  -3.887  1.00 54.14  ? 19 U   B "C4'" 1 
ATOM   864  O  "O4'" . U   B 1 19 ? 17.251  9.901   -3.648  1.00 47.77  ? 19 U   B "O4'" 1 
ATOM   865  C  "C3'" . U   B 1 19 ? 18.674  10.800  -5.264  1.00 53.13  ? 19 U   B "C3'" 1 
ATOM   866  O  "O3'" . U   B 1 19 ? 19.946  10.672  -5.881  1.00 62.91  ? 19 U   B "O3'" 1 
ATOM   867  C  "C2'" . U   B 1 19 ? 17.599  10.018  -6.001  1.00 49.40  ? 19 U   B "C2'" 1 
ATOM   868  O  "O2'" . U   B 1 19 ? 18.062  8.771   -6.473  1.00 51.88  ? 19 U   B "O2'" 1 
ATOM   869  C  "C1'" . U   B 1 19 ? 16.568  9.805   -4.888  1.00 41.71  ? 19 U   B "C1'" 1 
ATOM   870  N  N1    . U   B 1 19 ? 15.459  10.772  -4.886  1.00 40.66  ? 19 U   B N1    1 
ATOM   871  C  C2    . U   B 1 19 ? 14.517  10.674  -5.906  1.00 39.12  ? 19 U   B C2    1 
ATOM   872  O  O2    . U   B 1 19 ? 14.601  9.853   -6.811  1.00 52.38  ? 19 U   B O2    1 
ATOM   873  N  N3    . U   B 1 19 ? 13.475  11.575  -5.825  1.00 19.48  ? 19 U   B N3    1 
ATOM   874  C  C4    . U   B 1 19 ? 13.283  12.545  -4.856  1.00 22.12  ? 19 U   B C4    1 
ATOM   875  O  O4    . U   B 1 19 ? 12.236  13.196  -4.856  1.00 35.91  ? 19 U   B O4    1 
ATOM   876  C  C5    . U   B 1 19 ? 14.317  12.608  -3.854  1.00 10.46  ? 19 U   B C5    1 
ATOM   877  C  C6    . U   B 1 19 ? 15.343  11.738  -3.901  1.00 38.28  ? 19 U   B C6    1 
ATOM   878  P  P     . C   B 1 20 ? 20.513  11.877  -6.784  1.00 79.89  ? 20 C   B P     1 
ATOM   879  O  OP1   . C   B 1 20 ? 21.855  11.456  -7.267  1.00 80.08  ? 20 C   B OP1   1 
ATOM   880  O  OP2   . C   B 1 20 ? 20.378  13.150  -6.033  1.00 65.43  ? 20 C   B OP2   1 
ATOM   881  O  "O5'" . C   B 1 20 ? 19.519  11.915  -8.030  1.00 47.03  ? 20 C   B "O5'" 1 
ATOM   882  C  "C5'" . C   B 1 20 ? 19.612  10.929  -9.054  1.00 58.82  ? 20 C   B "C5'" 1 
ATOM   883  C  "C4'" . C   B 1 20 ? 18.433  11.024  -9.990  1.00 57.43  ? 20 C   B "C4'" 1 
ATOM   884  O  "O4'" . C   B 1 20 ? 17.216  10.860  -9.211  1.00 59.18  ? 20 C   B "O4'" 1 
ATOM   885  C  "C3'" . C   B 1 20 ? 18.210  12.358  -10.684 1.00 62.70  ? 20 C   B "C3'" 1 
ATOM   886  O  "O3'" . C   B 1 20 ? 19.038  12.556  -11.826 1.00 75.35  ? 20 C   B "O3'" 1 
ATOM   887  C  "C2'" . C   B 1 20 ? 16.744  12.252  -11.071 1.00 62.66  ? 20 C   B "C2'" 1 
ATOM   888  O  "O2'" . C   B 1 20 ? 16.522  11.430  -12.200 1.00 62.89  ? 20 C   B "O2'" 1 
ATOM   889  C  "C1'" . C   B 1 20 ? 16.162  11.595  -9.818  1.00 55.14  ? 20 C   B "C1'" 1 
ATOM   890  N  N1    . C   B 1 20 ? 15.664  12.599  -8.860  1.00 28.59  ? 20 C   B N1    1 
ATOM   891  C  C2    . C   B 1 20 ? 14.448  13.238  -9.139  1.00 34.87  ? 20 C   B C2    1 
ATOM   892  O  O2    . C   B 1 20 ? 13.825  12.912  -10.162 1.00 51.02  ? 20 C   B O2    1 
ATOM   893  N  N3    . C   B 1 20 ? 13.982  14.189  -8.293  1.00 22.17  ? 20 C   B N3    1 
ATOM   894  C  C4    . C   B 1 20 ? 14.681  14.502  -7.198  1.00 41.78  ? 20 C   B C4    1 
ATOM   895  N  N4    . C   B 1 20 ? 14.181  15.446  -6.389  1.00 40.36  ? 20 C   B N4    1 
ATOM   896  C  C5    . C   B 1 20 ? 15.921  13.859  -6.879  1.00 10.22  ? 20 C   B C5    1 
ATOM   897  C  C6    . C   B 1 20 ? 16.370  12.921  -7.731  1.00 35.91  ? 20 C   B C6    1 
ATOM   898  P  P     . G   B 1 21 ? 19.411  14.058  -12.281 1.00 79.13  ? 21 G   B P     1 
ATOM   899  O  OP1   . G   B 1 21 ? 20.330  13.939  -13.442 1.00 81.83  ? 21 G   B OP1   1 
ATOM   900  O  OP2   . G   B 1 21 ? 19.841  14.823  -11.082 1.00 80.56  ? 21 G   B OP2   1 
ATOM   901  O  "O5'" . G   B 1 21 ? 18.028  14.679  -12.782 1.00 45.72  ? 21 G   B "O5'" 1 
ATOM   902  C  "C5'" . G   B 1 21 ? 17.420  14.202  -13.977 1.00 57.63  ? 21 G   B "C5'" 1 
ATOM   903  C  "C4'" . G   B 1 21 ? 16.117  14.919  -14.250 1.00 47.39  ? 21 G   B "C4'" 1 
ATOM   904  O  "O4'" . G   B 1 21 ? 15.185  14.672  -13.165 1.00 59.03  ? 21 G   B "O4'" 1 
ATOM   905  C  "C3'" . G   B 1 21 ? 16.141  16.435  -14.348 1.00 56.03  ? 21 G   B "C3'" 1 
ATOM   906  O  "O3'" . G   B 1 21 ? 16.597  16.878  -15.622 1.00 58.88  ? 21 G   B "O3'" 1 
ATOM   907  C  "C2'" . G   B 1 21 ? 14.666  16.768  -14.151 1.00 61.36  ? 21 G   B "C2'" 1 
ATOM   908  O  "O2'" . G   B 1 21 ? 13.879  16.534  -15.303 1.00 63.30  ? 21 G   B "O2'" 1 
ATOM   909  C  "C1'" . G   B 1 21 ? 14.276  15.760  -13.070 1.00 49.00  ? 21 G   B "C1'" 1 
ATOM   910  N  N9    . G   B 1 21 ? 14.366  16.337  -11.731 1.00 42.00  ? 21 G   B N9    1 
ATOM   911  C  C8    . G   B 1 21 ? 15.369  16.166  -10.805 1.00 38.04  ? 21 G   B C8    1 
ATOM   912  N  N7    . G   B 1 21 ? 15.155  16.818  -9.690  1.00 39.85  ? 21 G   B N7    1 
ATOM   913  C  C5    . G   B 1 21 ? 13.937  17.458  -9.897  1.00 32.49  ? 21 G   B C5    1 
ATOM   914  C  C6    . G   B 1 21 ? 13.189  18.310  -9.047  1.00 27.83  ? 21 G   B C6    1 
ATOM   915  O  O6    . G   B 1 21 ? 13.461  18.689  -7.900  1.00 29.55  ? 21 G   B O6    1 
ATOM   916  N  N1    . G   B 1 21 ? 12.015  18.732  -9.656  1.00 25.23  ? 21 G   B N1    1 
ATOM   917  C  C2    . G   B 1 21 ? 11.608  18.384  -10.920 1.00 30.46  ? 21 G   B C2    1 
ATOM   918  N  N2    . G   B 1 21 ? 10.437  18.893  -11.336 1.00 30.60  ? 21 G   B N2    1 
ATOM   919  N  N3    . G   B 1 21 ? 12.296  17.597  -11.722 1.00 25.07  ? 21 G   B N3    1 
ATOM   920  C  C4    . G   B 1 21 ? 13.440  17.174  -11.152 1.00 29.49  ? 21 G   B C4    1 
ATOM   921  P  P     . C   B 1 22 ? 17.138  18.385  -15.799 1.00 51.31  ? 22 C   B P     1 
ATOM   922  O  OP1   . C   B 1 22 ? 17.695  18.514  -17.172 1.00 62.48  ? 22 C   B OP1   1 
ATOM   923  O  OP2   . C   B 1 22 ? 17.987  18.728  -14.626 1.00 41.45  ? 22 C   B OP2   1 
ATOM   924  O  "O5'" . C   B 1 22 ? 15.823  19.274  -15.748 1.00 43.76  ? 22 C   B "O5'" 1 
ATOM   925  C  "C5'" . C   B 1 22 ? 14.779  19.083  -16.688 1.00 37.17  ? 22 C   B "C5'" 1 
ATOM   926  C  "C4'" . C   B 1 22 ? 13.582  19.901  -16.281 1.00 50.83  ? 22 C   B "C4'" 1 
ATOM   927  O  "O4'" . C   B 1 22 ? 13.159  19.474  -14.959 1.00 46.61  ? 22 C   B "O4'" 1 
ATOM   928  C  "C3'" . C   B 1 22 ? 13.874  21.379  -16.099 1.00 45.21  ? 22 C   B "C3'" 1 
ATOM   929  O  "O3'" . C   B 1 22 ? 13.970  22.092  -17.336 1.00 63.86  ? 22 C   B "O3'" 1 
ATOM   930  C  "C2'" . C   B 1 22 ? 12.769  21.815  -15.144 1.00 51.01  ? 22 C   B "C2'" 1 
ATOM   931  O  "O2'" . C   B 1 22 ? 11.525  22.035  -15.772 1.00 22.97  ? 22 C   B "O2'" 1 
ATOM   932  C  "C1'" . C   B 1 22 ? 12.657  20.587  -14.239 1.00 43.12  ? 22 C   B "C1'" 1 
ATOM   933  N  N1    . C   B 1 22 ? 13.394  20.707  -12.970 1.00 35.28  ? 22 C   B N1    1 
ATOM   934  C  C2    . C   B 1 22 ? 12.808  21.442  -11.938 1.00 31.83  ? 22 C   B C2    1 
ATOM   935  O  O2    . C   B 1 22 ? 11.719  21.991  -12.151 1.00 14.22  ? 22 C   B O2    1 
ATOM   936  N  N3    . C   B 1 22 ? 13.441  21.539  -10.742 1.00 15.88  ? 22 C   B N3    1 
ATOM   937  C  C4    . C   B 1 22 ? 14.625  20.946  -10.566 1.00 27.09  ? 22 C   B C4    1 
ATOM   938  N  N4    . C   B 1 22 ? 15.217  21.064  -9.361  1.00 10.26  ? 22 C   B N4    1 
ATOM   939  C  C5    . C   B 1 22 ? 15.259  20.203  -11.613 1.00 24.98  ? 22 C   B C5    1 
ATOM   940  C  C6    . C   B 1 22 ? 14.611  20.111  -12.789 1.00 19.22  ? 22 C   B C6    1 
HETATM 941  CO CO    . NCO C 2 .  ? -9.006  -17.264 2.287   1.00 39.97  ? 23 NCO A CO    1 
HETATM 942  N  N1    . NCO C 2 .  ? -10.310 -16.735 0.918   1.00 24.00  ? 23 NCO A N1    1 
HETATM 943  N  N2    . NCO C 2 .  ? -7.590  -17.549 1.040   1.00 35.84  ? 23 NCO A N2    1 
HETATM 944  N  N3    . NCO C 2 .  ? -9.683  -19.106 2.185   1.00 36.17  ? 23 NCO A N3    1 
HETATM 945  N  N4    . NCO C 2 .  ? -8.403  -15.415 2.421   1.00 39.53  ? 23 NCO A N4    1 
HETATM 946  N  N5    . NCO C 2 .  ? -7.764  -17.782 3.703   1.00 50.09  ? 23 NCO A N5    1 
HETATM 947  N  N6    . NCO C 2 .  ? -10.374 -16.926 3.630   1.00 35.19  ? 23 NCO A N6    1 
HETATM 948  CO CO    . NCO D 2 .  ? -12.853 -7.875  2.610   0.74 85.11  ? 24 NCO A CO    1 
HETATM 949  N  N1    . NCO D 2 .  ? -12.361 -6.574  1.216   0.74 78.00  ? 24 NCO A N1    1 
HETATM 950  N  N2    . NCO D 2 .  ? -11.093 -7.995  3.342   0.74 68.00  ? 24 NCO A N2    1 
HETATM 951  N  N3    . NCO D 2 .  ? -12.572 -9.299  1.276   0.74 72.26  ? 24 NCO A N3    1 
HETATM 952  N  N4    . NCO D 2 .  ? -13.198 -6.435  3.883   0.74 71.90  ? 24 NCO A N4    1 
HETATM 953  N  N5    . NCO D 2 .  ? -13.402 -9.187  3.946   0.74 70.68  ? 24 NCO A N5    1 
HETATM 954  N  N6    . NCO D 2 .  ? -14.690 -7.747  1.966   0.74 68.32  ? 24 NCO A N6    1 
HETATM 955  CO CO    . NCO E 2 .  ? -5.350  -2.529  4.376   0.78 98.96  ? 25 NCO A CO    1 
HETATM 956  N  N1    . NCO E 2 .  ? -6.986  -1.861  3.499   0.78 77.96  ? 25 NCO A N1    1 
HETATM 957  N  N2    . NCO E 2 .  ? -4.279  -1.023  3.881   0.78 80.33  ? 25 NCO A N2    1 
HETATM 958  N  N3    . NCO E 2 .  ? -4.964  -3.548  2.734   0.78 80.61  ? 25 NCO A N3    1 
HETATM 959  N  N4    . NCO E 2 .  ? -5.801  -1.573  6.013   0.78 84.37  ? 25 NCO A N4    1 
HETATM 960  N  N5    . NCO E 2 .  ? -3.771  -3.267  5.246   0.78 87.17  ? 25 NCO A N5    1 
HETATM 961  N  N6    . NCO E 2 .  ? -6.399  -4.061  4.983   0.78 80.87  ? 25 NCO A N6    1 
HETATM 962  CO CO    . NCO F 2 .  ? -15.673 -14.609 -2.799  0.90 72.29  ? 23 NCO B CO    1 
HETATM 963  N  N1    . NCO F 2 .  ? -16.575 -13.654 -4.271  0.90 71.58  ? 23 NCO B N1    1 
HETATM 964  N  N2    . NCO F 2 .  ? -14.203 -15.199 -3.865  0.90 64.30  ? 23 NCO B N2    1 
HETATM 965  N  N3    . NCO F 2 .  ? -16.781 -16.191 -3.235  0.90 30.31  ? 23 NCO B N3    1 
HETATM 966  N  N4    . NCO F 2 .  ? -14.650 -13.010 -2.356  0.90 54.28  ? 23 NCO B N4    1 
HETATM 967  N  N5    . NCO F 2 .  ? -14.854 -15.552 -1.305  0.90 61.01  ? 23 NCO B N5    1 
HETATM 968  N  N6    . NCO F 2 .  ? -17.100 -13.973 -1.642  0.90 53.89  ? 23 NCO B N6    1 
HETATM 969  CO CO    . NCO G 2 .  ? 10.193  16.521  -2.090  1.00 47.55  ? 24 NCO B CO    1 
HETATM 970  N  N1    . NCO G 2 .  ? 9.083   17.674  -0.955  1.00 42.45  ? 24 NCO B N1    1 
HETATM 971  N  N2    . NCO G 2 .  ? 10.447  15.201  -0.737  1.00 37.22  ? 24 NCO B N2    1 
HETATM 972  N  N3    . NCO G 2 .  ? 11.748  17.594  -1.559  1.00 29.98  ? 24 NCO B N3    1 
HETATM 973  N  N4    . NCO G 2 .  ? 8.610   15.535  -2.644  1.00 44.80  ? 24 NCO B N4    1 
HETATM 974  N  N5    . NCO G 2 .  ? 11.305  15.435  -3.266  1.00 49.24  ? 24 NCO B N5    1 
HETATM 975  N  N6    . NCO G 2 .  ? 9.922   17.774  -3.550  1.00 46.20  ? 24 NCO B N6    1 
HETATM 976  CO CO    . NCO H 2 .  ? 0.752   14.312  -5.103  0.72 81.00  ? 25 NCO B CO    1 
HETATM 977  N  N1    . NCO H 2 .  ? -0.248  13.488  -3.616  0.72 70.61  ? 25 NCO B N1    1 
HETATM 978  N  N2    . NCO H 2 .  ? 1.784   12.750  -5.486  0.72 59.06  ? 25 NCO B N2    1 
HETATM 979  N  N3    . NCO H 2 .  ? 2.013   15.024  -3.763  0.72 69.19  ? 25 NCO B N3    1 
HETATM 980  N  N4    . NCO H 2 .  ? -0.561  13.660  -6.394  0.72 62.69  ? 25 NCO B N4    1 
HETATM 981  N  N5    . NCO H 2 .  ? 1.722   15.202  -6.542  0.72 69.46  ? 25 NCO B N5    1 
HETATM 982  N  N6    . NCO H 2 .  ? -0.319  15.916  -4.822  0.72 56.58  ? 25 NCO B N6    1 
HETATM 983  CO CO    . NCO I 2 .  ? 1.236   5.549   -5.689  0.76 97.97  ? 26 NCO B CO    1 
HETATM 984  N  N1    . NCO I 2 .  ? -0.650  6.089   -5.451  0.76 69.86  ? 26 NCO B N1    1 
HETATM 985  N  N2    . NCO I 2 .  ? 1.141   4.112   -4.432  0.76 73.21  ? 26 NCO B N2    1 
HETATM 986  N  N3    . NCO I 2 .  ? 1.742   6.916   -4.360  0.76 78.02  ? 26 NCO B N3    1 
HETATM 987  N  N4    . NCO I 2 .  ? 0.722   4.262   -7.062  0.76 72.64  ? 26 NCO B N4    1 
HETATM 988  N  N5    . NCO I 2 .  ? 3.113   5.097   -5.962  0.76 73.10  ? 26 NCO B N5    1 
HETATM 989  N  N6    . NCO I 2 .  ? 1.380   6.950   -7.042  0.76 79.75  ? 26 NCO B N6    1 
HETATM 990  CO CO    . NCO J 2 .  ? 3.313   21.527  0.145   0.82 72.16  ? 27 NCO B CO    1 
HETATM 991  N  N1    . NCO J 2 .  ? 1.666   22.098  1.059   0.82 70.38  ? 27 NCO B N1    1 
HETATM 992  N  N2    . NCO J 2 .  ? 4.128   20.793  1.711   0.82 49.15  ? 27 NCO B N2    1 
HETATM 993  N  N3    . NCO J 2 .  ? 4.033   23.343  0.457   0.82 21.44  ? 27 NCO B N3    1 
HETATM 994  N  N4    . NCO J 2 .  ? 2.539   19.774  -0.207  0.82 56.18  ? 27 NCO B N4    1 
HETATM 995  N  N5    . NCO J 2 .  ? 4.919   21.009  -0.831  0.82 55.82  ? 27 NCO B N5    1 
HETATM 996  N  N6    . NCO J 2 .  ? 2.509   22.182  -1.496  0.82 58.19  ? 27 NCO B N6    1 
HETATM 997  O  O     . HOH K 3 .  ? 11.037  23.862  3.245   1.00 41.42  ? 26 HOH A O     1 
HETATM 998  O  O     . HOH K 3 .  ? 3.192   7.866   6.094   1.00 24.72  ? 27 HOH A O     1 
HETATM 999  O  O     . HOH K 3 .  ? -0.138  -16.249 10.896  1.00 35.88  ? 28 HOH A O     1 
HETATM 1000 O  O     . HOH K 3 .  ? -12.774 -15.571 2.323   1.00 22.73  ? 29 HOH A O     1 
HETATM 1001 O  O     . HOH K 3 .  ? -9.409  -7.165  1.362   1.00 50.03  ? 30 HOH A O     1 
HETATM 1002 O  O     . HOH K 3 .  ? 6.936   12.028  0.155   1.00 35.25  ? 31 HOH A O     1 
HETATM 1003 O  O     . HOH K 3 .  ? 16.063  22.018  -5.166  1.00 42.32  ? 32 HOH A O     1 
HETATM 1004 O  O     . HOH K 3 .  ? 12.902  9.318   -10.212 1.00 38.78  ? 33 HOH A O     1 
HETATM 1005 O  O     . HOH K 3 .  ? 6.230   8.673   -3.454  1.00 36.07  ? 34 HOH A O     1 
HETATM 1006 O  O     . HOH K 3 .  ? -10.214 -24.292 10.013  1.00 56.53  ? 35 HOH A O     1 
HETATM 1007 O  O     . HOH K 3 .  ? -6.201  -21.366 6.348   1.00 44.13  ? 36 HOH A O     1 
HETATM 1008 O  O     . HOH K 3 .  ? 5.142   7.745   -6.113  1.00 42.75  ? 37 HOH A O     1 
HETATM 1009 O  O     . HOH K 3 .  ? 1.306   -16.238 5.582   1.00 49.98  ? 38 HOH A O     1 
HETATM 1010 O  O     . HOH K 3 .  ? 8.153   25.099  -8.995  1.00 45.49  ? 39 HOH A O     1 
HETATM 1011 O  O     . HOH K 3 .  ? 12.287  3.102   -9.594  1.00 47.68  ? 40 HOH A O     1 
HETATM 1012 O  O     . HOH K 3 .  ? 14.254  6.079   -5.911  1.00 39.64  ? 41 HOH A O     1 
HETATM 1013 O  O     . HOH K 3 .  ? 9.462   6.006   6.192   1.00 36.97  ? 42 HOH A O     1 
HETATM 1014 O  O     . HOH K 3 .  ? 6.949   18.585  -3.653  1.00 33.45  ? 43 HOH A O     1 
HETATM 1015 O  O     . HOH K 3 .  ? -7.759  -23.206 8.136   1.00 45.45  ? 44 HOH A O     1 
HETATM 1016 O  O     . HOH K 3 .  ? -4.662  -25.488 8.489   1.00 59.60  ? 45 HOH A O     1 
HETATM 1017 O  O     . HOH K 3 .  ? -0.784  -26.325 8.776   1.00 50.88  ? 46 HOH A O     1 
HETATM 1018 O  O     . HOH L 3 .  ? -15.477 -25.475 6.626   1.00 22.33  ? 28 HOH B O     1 
HETATM 1019 O  O     . HOH L 3 .  ? -2.829  -7.949  -6.077  1.00 22.08  ? 29 HOH B O     1 
HETATM 1020 O  O     . HOH L 3 .  ? 16.682  7.217   -7.844  1.00 44.49  ? 30 HOH B O     1 
HETATM 1021 O  O     . HOH L 3 .  ? -4.511  -13.994 11.581  1.00 30.76  ? 31 HOH B O     1 
HETATM 1022 O  O     . HOH L 3 .  ? -6.016  -12.497 -0.109  1.00 36.27  ? 32 HOH B O     1 
HETATM 1023 O  O     . HOH L 3 .  ? 16.311  15.844  -4.280  1.00 58.17  ? 33 HOH B O     1 
HETATM 1024 O  O     . HOH L 3 .  ? 18.110  20.036  -9.175  1.00 57.43  ? 34 HOH B O     1 
HETATM 1025 O  O     . HOH L 3 .  ? -17.128 -11.090 1.881   1.00 58.24  ? 35 HOH B O     1 
HETATM 1026 O  O     . HOH L 3 .  ? -0.003  -13.894 8.880   1.00 35.26  ? 36 HOH B O     1 
HETATM 1027 O  O     . HOH L 3 .  ? -5.267  -7.407  6.251   1.00 58.39  ? 37 HOH B O     1 
HETATM 1028 O  O     . HOH L 3 .  ? -18.358 -10.923 5.201   1.00 34.88  ? 38 HOH B O     1 
HETATM 1029 O  O     . HOH L 3 .  ? -11.329 -24.285 5.942   1.00 52.96  ? 39 HOH B O     1 
HETATM 1030 O  O     . HOH L 3 .  ? -12.356 -26.766 7.173   1.00 52.72  ? 40 HOH B O     1 
HETATM 1031 O  O     . HOH L 3 .  ? -12.683 -22.961 -3.670  1.00 42.97  ? 41 HOH B O     1 
HETATM 1032 O  O     . HOH L 3 .  ? 3.463   8.992   -3.862  1.00 52.65  ? 42 HOH B O     1 
HETATM 1033 O  O     . HOH L 3 .  ? 1.827   11.283  -3.198  1.00 43.40  ? 43 HOH B O     1 
HETATM 1034 O  O     . HOH L 3 .  ? 8.207   14.495  0.736   1.00 58.29  ? 44 HOH B O     1 
# 
